data_8ZO0
# 
_entry.id   8ZO0 
# 
_audit_conform.dict_name       mmcif_pdbx.dic 
_audit_conform.dict_version    5.403 
_audit_conform.dict_location   http://mmcif.pdb.org/dictionaries/ascii/mmcif_pdbx.dic 
# 
loop_
_database_2.database_id 
_database_2.database_code 
_database_2.pdbx_database_accession 
_database_2.pdbx_DOI 
PDB   8ZO0         pdb_00008zo0 10.2210/pdb8zo0/pdb 
WWPDB D_1300048201 ?            ?                   
# 
_pdbx_audit_revision_history.ordinal             1 
_pdbx_audit_revision_history.data_content_type   'Structure model' 
_pdbx_audit_revision_history.major_revision      1 
_pdbx_audit_revision_history.minor_revision      0 
_pdbx_audit_revision_history.revision_date       2025-06-04 
_pdbx_audit_revision_history.part_number         ? 
# 
_pdbx_audit_revision_details.ordinal             1 
_pdbx_audit_revision_details.revision_ordinal    1 
_pdbx_audit_revision_details.data_content_type   'Structure model' 
_pdbx_audit_revision_details.provider            repository 
_pdbx_audit_revision_details.type                'Initial release' 
_pdbx_audit_revision_details.description         ? 
_pdbx_audit_revision_details.details             ? 
# 
_pdbx_database_status.status_code                     REL 
_pdbx_database_status.status_code_sf                  REL 
_pdbx_database_status.status_code_mr                  ? 
_pdbx_database_status.entry_id                        8ZO0 
_pdbx_database_status.recvd_initial_deposition_date   2024-05-28 
_pdbx_database_status.SG_entry                        N 
_pdbx_database_status.deposit_site                    PDBJ 
_pdbx_database_status.process_site                    PDBC 
_pdbx_database_status.status_code_cs                  ? 
_pdbx_database_status.status_code_nmr_data            ? 
_pdbx_database_status.methods_development_category    ? 
_pdbx_database_status.pdb_format_compatible           Y 
# 
_pdbx_contact_author.id                 2 
_pdbx_contact_author.email              cluo@simm.ac.cn 
_pdbx_contact_author.name_first         Cheng 
_pdbx_contact_author.name_last          Luo 
_pdbx_contact_author.name_mi            ? 
_pdbx_contact_author.role               'principal investigator/group leader' 
_pdbx_contact_author.identifier_ORCID   0000-0003-3864-8382 
# 
loop_
_audit_author.name 
_audit_author.pdbx_ordinal 
_audit_author.identifier_ORCID 
'Jiang, H.' 1 0000-0002-0911-7307 
'Wu, H.'    2 0009-0001-9578-7373 
# 
_citation.abstract                  ? 
_citation.abstract_id_CAS           ? 
_citation.book_id_ISBN              ? 
_citation.book_publisher            ? 
_citation.book_publisher_city       ? 
_citation.book_title                ? 
_citation.coordinate_linkage        ? 
_citation.country                   ? 
_citation.database_id_Medline       ? 
_citation.details                   ? 
_citation.id                        primary 
_citation.journal_abbrev            'To Be Published' 
_citation.journal_id_ASTM           ? 
_citation.journal_id_CSD            0353 
_citation.journal_id_ISSN           ? 
_citation.journal_full              ? 
_citation.journal_issue             ? 
_citation.journal_volume            ? 
_citation.language                  ? 
_citation.page_first                ? 
_citation.page_last                 ? 
_citation.title                     'Magnesium Ion Locking RhoA Mutant in Highly Dynamic Cycling Conformations' 
_citation.year                      ? 
_citation.database_id_CSD           ? 
_citation.pdbx_database_id_DOI      ? 
_citation.pdbx_database_id_PubMed   ? 
_citation.pdbx_database_id_patent   ? 
_citation.unpublished_flag          ? 
# 
loop_
_citation_author.citation_id 
_citation_author.name 
_citation_author.ordinal 
_citation_author.identifier_ORCID 
primary 'Wu, H.'    1 0009-0001-9578-7373 
primary 'Jiang, H.' 2 0000-0002-0911-7307 
# 
loop_
_entity.id 
_entity.type 
_entity.src_method 
_entity.pdbx_description 
_entity.formula_weight 
_entity.pdbx_number_of_molecules 
_entity.pdbx_ec 
_entity.pdbx_mutation 
_entity.pdbx_fragment 
_entity.details 
1 polymer     man 'Transforming protein RhoA'                   20464.479 1  3.6.5.2 Y42C ? '20.438 kDa' 
2 non-polymer syn 'PHOSPHOAMINOPHOSPHONIC ACID-GUANYLATE ESTER' 522.196   1  ?       ?    ? ?            
3 non-polymer syn 'MAGNESIUM ION'                               24.305    1  ?       ?    ? ?            
4 water       nat water                                         18.015    77 ?       ?    ? ?            
# 
_entity_name_com.entity_id   1 
_entity_name_com.name        'Rho cDNA clone 12,h12' 
# 
_entity_poly.entity_id                      1 
_entity_poly.type                           'polypeptide(L)' 
_entity_poly.nstd_linkage                   no 
_entity_poly.nstd_monomer                   no 
_entity_poly.pdbx_seq_one_letter_code       
;GMAAIRKKLVIVGDGACGKTCLLIVFSKDQFPEVYVPTVFENCVADIEVDGKQVELALWDTAGQEDYDRLRPLSYPDTDV
ILMCFSIDSPDSLENIPEKWTPEVKHFCPNVPIILVGNKKDLRNDEHTRRELAKMKQEPVKPEEGRDMANRIGAFGYMEC
SAKTKDGVREVFEMATRAALQA
;
_entity_poly.pdbx_seq_one_letter_code_can   
;GMAAIRKKLVIVGDGACGKTCLLIVFSKDQFPEVYVPTVFENCVADIEVDGKQVELALWDTAGQEDYDRLRPLSYPDTDV
ILMCFSIDSPDSLENIPEKWTPEVKHFCPNVPIILVGNKKDLRNDEHTRRELAKMKQEPVKPEEGRDMANRIGAFGYMEC
SAKTKDGVREVFEMATRAALQA
;
_entity_poly.pdbx_strand_id                 A 
_entity_poly.pdbx_target_identifier         ? 
# 
loop_
_pdbx_entity_nonpoly.entity_id 
_pdbx_entity_nonpoly.name 
_pdbx_entity_nonpoly.comp_id 
2 'PHOSPHOAMINOPHOSPHONIC ACID-GUANYLATE ESTER' GNP 
3 'MAGNESIUM ION'                               MG  
4 water                                         HOH 
# 
loop_
_entity_poly_seq.entity_id 
_entity_poly_seq.num 
_entity_poly_seq.mon_id 
_entity_poly_seq.hetero 
1 1   GLY n 
1 2   MET n 
1 3   ALA n 
1 4   ALA n 
1 5   ILE n 
1 6   ARG n 
1 7   LYS n 
1 8   LYS n 
1 9   LEU n 
1 10  VAL n 
1 11  ILE n 
1 12  VAL n 
1 13  GLY n 
1 14  ASP n 
1 15  GLY n 
1 16  ALA n 
1 17  CYS n 
1 18  GLY n 
1 19  LYS n 
1 20  THR n 
1 21  CYS n 
1 22  LEU n 
1 23  LEU n 
1 24  ILE n 
1 25  VAL n 
1 26  PHE n 
1 27  SER n 
1 28  LYS n 
1 29  ASP n 
1 30  GLN n 
1 31  PHE n 
1 32  PRO n 
1 33  GLU n 
1 34  VAL n 
1 35  TYR n 
1 36  VAL n 
1 37  PRO n 
1 38  THR n 
1 39  VAL n 
1 40  PHE n 
1 41  GLU n 
1 42  ASN n 
1 43  CYS n 
1 44  VAL n 
1 45  ALA n 
1 46  ASP n 
1 47  ILE n 
1 48  GLU n 
1 49  VAL n 
1 50  ASP n 
1 51  GLY n 
1 52  LYS n 
1 53  GLN n 
1 54  VAL n 
1 55  GLU n 
1 56  LEU n 
1 57  ALA n 
1 58  LEU n 
1 59  TRP n 
1 60  ASP n 
1 61  THR n 
1 62  ALA n 
1 63  GLY n 
1 64  GLN n 
1 65  GLU n 
1 66  ASP n 
1 67  TYR n 
1 68  ASP n 
1 69  ARG n 
1 70  LEU n 
1 71  ARG n 
1 72  PRO n 
1 73  LEU n 
1 74  SER n 
1 75  TYR n 
1 76  PRO n 
1 77  ASP n 
1 78  THR n 
1 79  ASP n 
1 80  VAL n 
1 81  ILE n 
1 82  LEU n 
1 83  MET n 
1 84  CYS n 
1 85  PHE n 
1 86  SER n 
1 87  ILE n 
1 88  ASP n 
1 89  SER n 
1 90  PRO n 
1 91  ASP n 
1 92  SER n 
1 93  LEU n 
1 94  GLU n 
1 95  ASN n 
1 96  ILE n 
1 97  PRO n 
1 98  GLU n 
1 99  LYS n 
1 100 TRP n 
1 101 THR n 
1 102 PRO n 
1 103 GLU n 
1 104 VAL n 
1 105 LYS n 
1 106 HIS n 
1 107 PHE n 
1 108 CYS n 
1 109 PRO n 
1 110 ASN n 
1 111 VAL n 
1 112 PRO n 
1 113 ILE n 
1 114 ILE n 
1 115 LEU n 
1 116 VAL n 
1 117 GLY n 
1 118 ASN n 
1 119 LYS n 
1 120 LYS n 
1 121 ASP n 
1 122 LEU n 
1 123 ARG n 
1 124 ASN n 
1 125 ASP n 
1 126 GLU n 
1 127 HIS n 
1 128 THR n 
1 129 ARG n 
1 130 ARG n 
1 131 GLU n 
1 132 LEU n 
1 133 ALA n 
1 134 LYS n 
1 135 MET n 
1 136 LYS n 
1 137 GLN n 
1 138 GLU n 
1 139 PRO n 
1 140 VAL n 
1 141 LYS n 
1 142 PRO n 
1 143 GLU n 
1 144 GLU n 
1 145 GLY n 
1 146 ARG n 
1 147 ASP n 
1 148 MET n 
1 149 ALA n 
1 150 ASN n 
1 151 ARG n 
1 152 ILE n 
1 153 GLY n 
1 154 ALA n 
1 155 PHE n 
1 156 GLY n 
1 157 TYR n 
1 158 MET n 
1 159 GLU n 
1 160 CYS n 
1 161 SER n 
1 162 ALA n 
1 163 LYS n 
1 164 THR n 
1 165 LYS n 
1 166 ASP n 
1 167 GLY n 
1 168 VAL n 
1 169 ARG n 
1 170 GLU n 
1 171 VAL n 
1 172 PHE n 
1 173 GLU n 
1 174 MET n 
1 175 ALA n 
1 176 THR n 
1 177 ARG n 
1 178 ALA n 
1 179 ALA n 
1 180 LEU n 
1 181 GLN n 
1 182 ALA n 
# 
_entity_src_gen.entity_id                          1 
_entity_src_gen.pdbx_src_id                        1 
_entity_src_gen.pdbx_alt_source_flag               sample 
_entity_src_gen.pdbx_seq_type                      'Biological sequence' 
_entity_src_gen.pdbx_beg_seq_num                   1 
_entity_src_gen.pdbx_end_seq_num                   182 
_entity_src_gen.gene_src_common_name               human 
_entity_src_gen.gene_src_genus                     ? 
_entity_src_gen.pdbx_gene_src_gene                 'RHOA, ARH12, ARHA, RHO12' 
_entity_src_gen.gene_src_species                   ? 
_entity_src_gen.gene_src_strain                    ? 
_entity_src_gen.gene_src_tissue                    ? 
_entity_src_gen.gene_src_tissue_fraction           ? 
_entity_src_gen.gene_src_details                   ? 
_entity_src_gen.pdbx_gene_src_fragment             ? 
_entity_src_gen.pdbx_gene_src_scientific_name      'Homo sapiens' 
_entity_src_gen.pdbx_gene_src_ncbi_taxonomy_id     9606 
_entity_src_gen.pdbx_gene_src_variant              ? 
_entity_src_gen.pdbx_gene_src_cell_line            ? 
_entity_src_gen.pdbx_gene_src_atcc                 ? 
_entity_src_gen.pdbx_gene_src_organ                ? 
_entity_src_gen.pdbx_gene_src_organelle            ? 
_entity_src_gen.pdbx_gene_src_cell                 ? 
_entity_src_gen.pdbx_gene_src_cellular_location    ? 
_entity_src_gen.host_org_common_name               ? 
_entity_src_gen.pdbx_host_org_scientific_name      'Escherichia coli' 
_entity_src_gen.pdbx_host_org_ncbi_taxonomy_id     562 
_entity_src_gen.host_org_genus                     ? 
_entity_src_gen.pdbx_host_org_gene                 ? 
_entity_src_gen.pdbx_host_org_organ                ? 
_entity_src_gen.host_org_species                   ? 
_entity_src_gen.pdbx_host_org_tissue               ? 
_entity_src_gen.pdbx_host_org_tissue_fraction      ? 
_entity_src_gen.pdbx_host_org_strain               ? 
_entity_src_gen.pdbx_host_org_variant              ? 
_entity_src_gen.pdbx_host_org_cell_line            ? 
_entity_src_gen.pdbx_host_org_atcc                 ? 
_entity_src_gen.pdbx_host_org_culture_collection   ? 
_entity_src_gen.pdbx_host_org_cell                 ? 
_entity_src_gen.pdbx_host_org_organelle            ? 
_entity_src_gen.pdbx_host_org_cellular_location    ? 
_entity_src_gen.pdbx_host_org_vector_type          ? 
_entity_src_gen.pdbx_host_org_vector               ? 
_entity_src_gen.host_org_details                   ? 
_entity_src_gen.expression_system_id               ? 
_entity_src_gen.plasmid_name                       ? 
_entity_src_gen.plasmid_details                    ? 
_entity_src_gen.pdbx_description                   ? 
# 
loop_
_chem_comp.id 
_chem_comp.type 
_chem_comp.mon_nstd_flag 
_chem_comp.name 
_chem_comp.pdbx_synonyms 
_chem_comp.formula 
_chem_comp.formula_weight 
ALA 'L-peptide linking' y ALANINE                                       ? 'C3 H7 N O2'        89.093  
ARG 'L-peptide linking' y ARGININE                                      ? 'C6 H15 N4 O2 1'    175.209 
ASN 'L-peptide linking' y ASPARAGINE                                    ? 'C4 H8 N2 O3'       132.118 
ASP 'L-peptide linking' y 'ASPARTIC ACID'                               ? 'C4 H7 N O4'        133.103 
CYS 'L-peptide linking' y CYSTEINE                                      ? 'C3 H7 N O2 S'      121.158 
GLN 'L-peptide linking' y GLUTAMINE                                     ? 'C5 H10 N2 O3'      146.144 
GLU 'L-peptide linking' y 'GLUTAMIC ACID'                               ? 'C5 H9 N O4'        147.129 
GLY 'peptide linking'   y GLYCINE                                       ? 'C2 H5 N O2'        75.067  
GNP non-polymer         . 'PHOSPHOAMINOPHOSPHONIC ACID-GUANYLATE ESTER' ? 'C10 H17 N6 O13 P3' 522.196 
HIS 'L-peptide linking' y HISTIDINE                                     ? 'C6 H10 N3 O2 1'    156.162 
HOH non-polymer         . WATER                                         ? 'H2 O'              18.015  
ILE 'L-peptide linking' y ISOLEUCINE                                    ? 'C6 H13 N O2'       131.173 
LEU 'L-peptide linking' y LEUCINE                                       ? 'C6 H13 N O2'       131.173 
LYS 'L-peptide linking' y LYSINE                                        ? 'C6 H15 N2 O2 1'    147.195 
MET 'L-peptide linking' y METHIONINE                                    ? 'C5 H11 N O2 S'     149.211 
MG  non-polymer         . 'MAGNESIUM ION'                               ? 'Mg 2'              24.305  
PHE 'L-peptide linking' y PHENYLALANINE                                 ? 'C9 H11 N O2'       165.189 
PRO 'L-peptide linking' y PROLINE                                       ? 'C5 H9 N O2'        115.130 
SER 'L-peptide linking' y SERINE                                        ? 'C3 H7 N O3'        105.093 
THR 'L-peptide linking' y THREONINE                                     ? 'C4 H9 N O3'        119.119 
TRP 'L-peptide linking' y TRYPTOPHAN                                    ? 'C11 H12 N2 O2'     204.225 
TYR 'L-peptide linking' y TYROSINE                                      ? 'C9 H11 N O3'       181.189 
VAL 'L-peptide linking' y VALINE                                        ? 'C5 H11 N O2'       117.146 
# 
loop_
_pdbx_poly_seq_scheme.asym_id 
_pdbx_poly_seq_scheme.entity_id 
_pdbx_poly_seq_scheme.seq_id 
_pdbx_poly_seq_scheme.mon_id 
_pdbx_poly_seq_scheme.ndb_seq_num 
_pdbx_poly_seq_scheme.pdb_seq_num 
_pdbx_poly_seq_scheme.auth_seq_num 
_pdbx_poly_seq_scheme.pdb_mon_id 
_pdbx_poly_seq_scheme.auth_mon_id 
_pdbx_poly_seq_scheme.pdb_strand_id 
_pdbx_poly_seq_scheme.pdb_ins_code 
_pdbx_poly_seq_scheme.hetero 
A 1 1   GLY 1   0   ?   ?   ?   A . n 
A 1 2   MET 2   1   ?   ?   ?   A . n 
A 1 3   ALA 3   2   ?   ?   ?   A . n 
A 1 4   ALA 4   3   3   ALA ALA A . n 
A 1 5   ILE 5   4   4   ILE ILE A . n 
A 1 6   ARG 6   5   5   ARG ARG A . n 
A 1 7   LYS 7   6   6   LYS LYS A . n 
A 1 8   LYS 8   7   7   LYS LYS A . n 
A 1 9   LEU 9   8   8   LEU LEU A . n 
A 1 10  VAL 10  9   9   VAL VAL A . n 
A 1 11  ILE 11  10  10  ILE ILE A . n 
A 1 12  VAL 12  11  11  VAL VAL A . n 
A 1 13  GLY 13  12  12  GLY GLY A . n 
A 1 14  ASP 14  13  13  ASP ASP A . n 
A 1 15  GLY 15  14  14  GLY GLY A . n 
A 1 16  ALA 16  15  15  ALA ALA A . n 
A 1 17  CYS 17  16  16  CYS CYS A . n 
A 1 18  GLY 18  17  17  GLY GLY A . n 
A 1 19  LYS 19  18  18  LYS LYS A . n 
A 1 20  THR 20  19  19  THR THR A . n 
A 1 21  CYS 21  20  20  CYS CYS A . n 
A 1 22  LEU 22  21  21  LEU LEU A . n 
A 1 23  LEU 23  22  22  LEU LEU A . n 
A 1 24  ILE 24  23  23  ILE ILE A . n 
A 1 25  VAL 25  24  24  VAL VAL A . n 
A 1 26  PHE 26  25  25  PHE PHE A . n 
A 1 27  SER 27  26  26  SER SER A . n 
A 1 28  LYS 28  27  27  LYS LYS A . n 
A 1 29  ASP 29  28  28  ASP ASP A . n 
A 1 30  GLN 30  29  29  GLN GLN A . n 
A 1 31  PHE 31  30  30  PHE PHE A . n 
A 1 32  PRO 32  31  31  PRO PRO A . n 
A 1 33  GLU 33  32  32  GLU GLU A . n 
A 1 34  VAL 34  33  33  VAL VAL A . n 
A 1 35  TYR 35  34  34  TYR TYR A . n 
A 1 36  VAL 36  35  35  VAL VAL A . n 
A 1 37  PRO 37  36  36  PRO PRO A . n 
A 1 38  THR 38  37  37  THR THR A . n 
A 1 39  VAL 39  38  38  VAL VAL A . n 
A 1 40  PHE 40  39  39  PHE PHE A . n 
A 1 41  GLU 41  40  40  GLU GLU A . n 
A 1 42  ASN 42  41  41  ASN ASN A . n 
A 1 43  CYS 43  42  42  CYS CYS A . n 
A 1 44  VAL 44  43  43  VAL VAL A . n 
A 1 45  ALA 45  44  44  ALA ALA A . n 
A 1 46  ASP 46  45  45  ASP ASP A . n 
A 1 47  ILE 47  46  46  ILE ILE A . n 
A 1 48  GLU 48  47  47  GLU GLU A . n 
A 1 49  VAL 49  48  48  VAL VAL A . n 
A 1 50  ASP 50  49  49  ASP ASP A . n 
A 1 51  GLY 51  50  50  GLY GLY A . n 
A 1 52  LYS 52  51  51  LYS LYS A . n 
A 1 53  GLN 53  52  52  GLN GLN A . n 
A 1 54  VAL 54  53  53  VAL VAL A . n 
A 1 55  GLU 55  54  54  GLU GLU A . n 
A 1 56  LEU 56  55  55  LEU LEU A . n 
A 1 57  ALA 57  56  56  ALA ALA A . n 
A 1 58  LEU 58  57  57  LEU LEU A . n 
A 1 59  TRP 59  58  58  TRP TRP A . n 
A 1 60  ASP 60  59  59  ASP ASP A . n 
A 1 61  THR 61  60  60  THR THR A . n 
A 1 62  ALA 62  61  61  ALA ALA A . n 
A 1 63  GLY 63  62  62  GLY GLY A . n 
A 1 64  GLN 64  63  63  GLN GLN A . n 
A 1 65  GLU 65  64  64  GLU GLU A . n 
A 1 66  ASP 66  65  65  ASP ASP A . n 
A 1 67  TYR 67  66  66  TYR TYR A . n 
A 1 68  ASP 68  67  67  ASP ASP A . n 
A 1 69  ARG 69  68  68  ARG ARG A . n 
A 1 70  LEU 70  69  69  LEU LEU A . n 
A 1 71  ARG 71  70  70  ARG ARG A . n 
A 1 72  PRO 72  71  71  PRO PRO A . n 
A 1 73  LEU 73  72  72  LEU LEU A . n 
A 1 74  SER 74  73  73  SER SER A . n 
A 1 75  TYR 75  74  74  TYR TYR A . n 
A 1 76  PRO 76  75  75  PRO PRO A . n 
A 1 77  ASP 77  76  76  ASP ASP A . n 
A 1 78  THR 78  77  77  THR THR A . n 
A 1 79  ASP 79  78  78  ASP ASP A . n 
A 1 80  VAL 80  79  79  VAL VAL A . n 
A 1 81  ILE 81  80  80  ILE ILE A . n 
A 1 82  LEU 82  81  81  LEU LEU A . n 
A 1 83  MET 83  82  82  MET MET A . n 
A 1 84  CYS 84  83  83  CYS CYS A . n 
A 1 85  PHE 85  84  84  PHE PHE A . n 
A 1 86  SER 86  85  85  SER SER A . n 
A 1 87  ILE 87  86  86  ILE ILE A . n 
A 1 88  ASP 88  87  87  ASP ASP A . n 
A 1 89  SER 89  88  88  SER SER A . n 
A 1 90  PRO 90  89  89  PRO PRO A . n 
A 1 91  ASP 91  90  90  ASP ASP A . n 
A 1 92  SER 92  91  91  SER SER A . n 
A 1 93  LEU 93  92  92  LEU LEU A . n 
A 1 94  GLU 94  93  93  GLU GLU A . n 
A 1 95  ASN 95  94  94  ASN ASN A . n 
A 1 96  ILE 96  95  95  ILE ILE A . n 
A 1 97  PRO 97  96  96  PRO PRO A . n 
A 1 98  GLU 98  97  97  GLU GLU A . n 
A 1 99  LYS 99  98  98  LYS LYS A . n 
A 1 100 TRP 100 99  99  TRP TRP A . n 
A 1 101 THR 101 100 100 THR THR A . n 
A 1 102 PRO 102 101 101 PRO PRO A . n 
A 1 103 GLU 103 102 102 GLU GLU A . n 
A 1 104 VAL 104 103 103 VAL VAL A . n 
A 1 105 LYS 105 104 104 LYS LYS A . n 
A 1 106 HIS 106 105 105 HIS HIS A . n 
A 1 107 PHE 107 106 106 PHE PHE A . n 
A 1 108 CYS 108 107 107 CYS CYS A . n 
A 1 109 PRO 109 108 108 PRO PRO A . n 
A 1 110 ASN 110 109 109 ASN ASN A . n 
A 1 111 VAL 111 110 110 VAL VAL A . n 
A 1 112 PRO 112 111 111 PRO PRO A . n 
A 1 113 ILE 113 112 112 ILE ILE A . n 
A 1 114 ILE 114 113 113 ILE ILE A . n 
A 1 115 LEU 115 114 114 LEU LEU A . n 
A 1 116 VAL 116 115 115 VAL VAL A . n 
A 1 117 GLY 117 116 116 GLY GLY A . n 
A 1 118 ASN 118 117 117 ASN ASN A . n 
A 1 119 LYS 119 118 118 LYS LYS A . n 
A 1 120 LYS 120 119 119 LYS LYS A . n 
A 1 121 ASP 121 120 120 ASP ASP A . n 
A 1 122 LEU 122 121 121 LEU LEU A . n 
A 1 123 ARG 123 122 122 ARG ARG A . n 
A 1 124 ASN 124 123 123 ASN ASN A . n 
A 1 125 ASP 125 124 124 ASP ASP A . n 
A 1 126 GLU 126 125 125 GLU GLU A . n 
A 1 127 HIS 127 126 126 HIS HIS A . n 
A 1 128 THR 128 127 127 THR THR A . n 
A 1 129 ARG 129 128 128 ARG ARG A . n 
A 1 130 ARG 130 129 129 ARG ARG A . n 
A 1 131 GLU 131 130 130 GLU GLU A . n 
A 1 132 LEU 132 131 131 LEU LEU A . n 
A 1 133 ALA 133 132 132 ALA ALA A . n 
A 1 134 LYS 134 133 133 LYS LYS A . n 
A 1 135 MET 135 134 134 MET MET A . n 
A 1 136 LYS 136 135 135 LYS LYS A . n 
A 1 137 GLN 137 136 136 GLN GLN A . n 
A 1 138 GLU 138 137 137 GLU GLU A . n 
A 1 139 PRO 139 138 138 PRO PRO A . n 
A 1 140 VAL 140 139 139 VAL VAL A . n 
A 1 141 LYS 141 140 140 LYS LYS A . n 
A 1 142 PRO 142 141 141 PRO PRO A . n 
A 1 143 GLU 143 142 142 GLU GLU A . n 
A 1 144 GLU 144 143 143 GLU GLU A . n 
A 1 145 GLY 145 144 144 GLY GLY A . n 
A 1 146 ARG 146 145 145 ARG ARG A . n 
A 1 147 ASP 147 146 146 ASP ASP A . n 
A 1 148 MET 148 147 147 MET MET A . n 
A 1 149 ALA 149 148 148 ALA ALA A . n 
A 1 150 ASN 150 149 149 ASN ASN A . n 
A 1 151 ARG 151 150 150 ARG ARG A . n 
A 1 152 ILE 152 151 151 ILE ILE A . n 
A 1 153 GLY 153 152 152 GLY GLY A . n 
A 1 154 ALA 154 153 153 ALA ALA A . n 
A 1 155 PHE 155 154 154 PHE PHE A . n 
A 1 156 GLY 156 155 155 GLY GLY A . n 
A 1 157 TYR 157 156 156 TYR TYR A . n 
A 1 158 MET 158 157 157 MET MET A . n 
A 1 159 GLU 159 158 158 GLU GLU A . n 
A 1 160 CYS 160 159 159 CYS CYS A . n 
A 1 161 SER 161 160 160 SER SER A . n 
A 1 162 ALA 162 161 161 ALA ALA A . n 
A 1 163 LYS 163 162 162 LYS LYS A . n 
A 1 164 THR 164 163 163 THR THR A . n 
A 1 165 LYS 165 164 164 LYS LYS A . n 
A 1 166 ASP 166 165 165 ASP ASP A . n 
A 1 167 GLY 167 166 166 GLY GLY A . n 
A 1 168 VAL 168 167 167 VAL VAL A . n 
A 1 169 ARG 169 168 168 ARG ARG A . n 
A 1 170 GLU 170 169 169 GLU GLU A . n 
A 1 171 VAL 171 170 170 VAL VAL A . n 
A 1 172 PHE 172 171 171 PHE PHE A . n 
A 1 173 GLU 173 172 172 GLU GLU A . n 
A 1 174 MET 174 173 173 MET MET A . n 
A 1 175 ALA 175 174 174 ALA ALA A . n 
A 1 176 THR 176 175 175 THR THR A . n 
A 1 177 ARG 177 176 176 ARG ARG A . n 
A 1 178 ALA 178 177 177 ALA ALA A . n 
A 1 179 ALA 179 178 178 ALA ALA A . n 
A 1 180 LEU 180 179 179 LEU LEU A . n 
A 1 181 GLN 181 180 180 GLN GLN A . n 
A 1 182 ALA 182 181 ?   ?   ?   A . n 
# 
loop_
_pdbx_entity_instance_feature.ordinal 
_pdbx_entity_instance_feature.comp_id 
_pdbx_entity_instance_feature.asym_id 
_pdbx_entity_instance_feature.seq_num 
_pdbx_entity_instance_feature.auth_comp_id 
_pdbx_entity_instance_feature.auth_asym_id 
_pdbx_entity_instance_feature.auth_seq_num 
_pdbx_entity_instance_feature.feature_type 
_pdbx_entity_instance_feature.details 
1 GNP ? ? GNP ? ? 'SUBJECT OF INVESTIGATION' ? 
2 MG  ? ? MG  ? ? 'SUBJECT OF INVESTIGATION' ? 
# 
loop_
_pdbx_nonpoly_scheme.asym_id 
_pdbx_nonpoly_scheme.entity_id 
_pdbx_nonpoly_scheme.mon_id 
_pdbx_nonpoly_scheme.ndb_seq_num 
_pdbx_nonpoly_scheme.pdb_seq_num 
_pdbx_nonpoly_scheme.auth_seq_num 
_pdbx_nonpoly_scheme.pdb_mon_id 
_pdbx_nonpoly_scheme.auth_mon_id 
_pdbx_nonpoly_scheme.pdb_strand_id 
_pdbx_nonpoly_scheme.pdb_ins_code 
B 2 GNP 1  201 201 GNP GNP A . 
C 3 MG  1  202 1   MG  MG  A . 
D 4 HOH 1  301 46  HOH HOH A . 
D 4 HOH 2  302 34  HOH HOH A . 
D 4 HOH 3  303 170 HOH HOH A . 
D 4 HOH 4  304 204 HOH HOH A . 
D 4 HOH 5  305 274 HOH HOH A . 
D 4 HOH 6  306 74  HOH HOH A . 
D 4 HOH 7  307 15  HOH HOH A . 
D 4 HOH 8  308 73  HOH HOH A . 
D 4 HOH 9  309 224 HOH HOH A . 
D 4 HOH 10 310 92  HOH HOH A . 
D 4 HOH 11 311 78  HOH HOH A . 
D 4 HOH 12 312 225 HOH HOH A . 
D 4 HOH 13 313 1   HOH HOH A . 
D 4 HOH 14 314 26  HOH HOH A . 
D 4 HOH 15 315 30  HOH HOH A . 
D 4 HOH 16 316 20  HOH HOH A . 
D 4 HOH 17 317 18  HOH HOH A . 
D 4 HOH 18 318 53  HOH HOH A . 
D 4 HOH 19 319 13  HOH HOH A . 
D 4 HOH 20 320 2   HOH HOH A . 
D 4 HOH 21 321 128 HOH HOH A . 
D 4 HOH 22 322 189 HOH HOH A . 
D 4 HOH 23 323 342 HOH HOH A . 
D 4 HOH 24 324 9   HOH HOH A . 
D 4 HOH 25 325 113 HOH HOH A . 
D 4 HOH 26 326 155 HOH HOH A . 
D 4 HOH 27 327 214 HOH HOH A . 
D 4 HOH 28 328 38  HOH HOH A . 
D 4 HOH 29 329 6   HOH HOH A . 
D 4 HOH 30 330 28  HOH HOH A . 
D 4 HOH 31 331 187 HOH HOH A . 
D 4 HOH 32 332 144 HOH HOH A . 
D 4 HOH 33 333 60  HOH HOH A . 
D 4 HOH 34 334 27  HOH HOH A . 
D 4 HOH 35 335 4   HOH HOH A . 
D 4 HOH 36 336 265 HOH HOH A . 
D 4 HOH 37 337 24  HOH HOH A . 
D 4 HOH 38 338 349 HOH HOH A . 
D 4 HOH 39 339 3   HOH HOH A . 
D 4 HOH 40 340 115 HOH HOH A . 
D 4 HOH 41 341 167 HOH HOH A . 
D 4 HOH 42 342 5   HOH HOH A . 
D 4 HOH 43 343 29  HOH HOH A . 
D 4 HOH 44 344 14  HOH HOH A . 
D 4 HOH 45 345 8   HOH HOH A . 
D 4 HOH 46 346 334 HOH HOH A . 
D 4 HOH 47 347 44  HOH HOH A . 
D 4 HOH 48 348 19  HOH HOH A . 
D 4 HOH 49 349 22  HOH HOH A . 
D 4 HOH 50 350 57  HOH HOH A . 
D 4 HOH 51 351 12  HOH HOH A . 
D 4 HOH 52 352 76  HOH HOH A . 
D 4 HOH 53 353 43  HOH HOH A . 
D 4 HOH 54 354 103 HOH HOH A . 
D 4 HOH 55 355 21  HOH HOH A . 
D 4 HOH 56 356 143 HOH HOH A . 
D 4 HOH 57 357 221 HOH HOH A . 
D 4 HOH 58 358 80  HOH HOH A . 
D 4 HOH 59 359 341 HOH HOH A . 
D 4 HOH 60 360 129 HOH HOH A . 
D 4 HOH 61 361 16  HOH HOH A . 
D 4 HOH 62 362 10  HOH HOH A . 
D 4 HOH 63 363 340 HOH HOH A . 
D 4 HOH 64 364 104 HOH HOH A . 
D 4 HOH 65 365 54  HOH HOH A . 
D 4 HOH 66 366 55  HOH HOH A . 
D 4 HOH 67 367 145 HOH HOH A . 
D 4 HOH 68 368 63  HOH HOH A . 
D 4 HOH 69 369 106 HOH HOH A . 
D 4 HOH 70 370 240 HOH HOH A . 
D 4 HOH 71 371 139 HOH HOH A . 
D 4 HOH 72 372 84  HOH HOH A . 
D 4 HOH 73 373 248 HOH HOH A . 
D 4 HOH 74 374 111 HOH HOH A . 
D 4 HOH 75 375 180 HOH HOH A . 
D 4 HOH 76 376 383 HOH HOH A . 
D 4 HOH 77 377 69  HOH HOH A . 
# 
loop_
_software.citation_id 
_software.classification 
_software.compiler_name 
_software.compiler_version 
_software.contact_author 
_software.contact_author_email 
_software.date 
_software.description 
_software.dependencies 
_software.hardware 
_software.language 
_software.location 
_software.mods 
_software.name 
_software.os 
_software.os_version 
_software.type 
_software.version 
_software.pdbx_ordinal 
? refinement     ? ? ? ? ? ? ? ? ? ? ? PHENIX   ? ? ? '(1.21.1_5286)' 1 
? phasing        ? ? ? ? ? ? ? ? ? ? ? PHENIX   ? ? ? '(1.21.1_5286)' 2 
? 'data scaling' ? ? ? ? ? ? ? ? ? ? ? HKL-3000 ? ? ? .               3 
# 
_cell.angle_alpha                  90.00 
_cell.angle_alpha_esd              ? 
_cell.angle_beta                   90.00 
_cell.angle_beta_esd               ? 
_cell.angle_gamma                  90.00 
_cell.angle_gamma_esd              ? 
_cell.entry_id                     8ZO0 
_cell.details                      ? 
_cell.formula_units_Z              ? 
_cell.length_a                     32.278 
_cell.length_a_esd                 ? 
_cell.length_b                     63.682 
_cell.length_b_esd                 ? 
_cell.length_c                     81.595 
_cell.length_c_esd                 ? 
_cell.volume                       ? 
_cell.volume_esd                   ? 
_cell.Z_PDB                        4 
_cell.reciprocal_angle_alpha       ? 
_cell.reciprocal_angle_beta        ? 
_cell.reciprocal_angle_gamma       ? 
_cell.reciprocal_angle_alpha_esd   ? 
_cell.reciprocal_angle_beta_esd    ? 
_cell.reciprocal_angle_gamma_esd   ? 
_cell.reciprocal_length_a          ? 
_cell.reciprocal_length_b          ? 
_cell.reciprocal_length_c          ? 
_cell.reciprocal_length_a_esd      ? 
_cell.reciprocal_length_b_esd      ? 
_cell.reciprocal_length_c_esd      ? 
_cell.pdbx_unique_axis             ? 
_cell.pdbx_esd_method              ? 
# 
_symmetry.entry_id                         8ZO0 
_symmetry.cell_setting                     ? 
_symmetry.Int_Tables_number                19 
_symmetry.space_group_name_Hall            ? 
_symmetry.space_group_name_H-M             'P 21 21 21' 
_symmetry.pdbx_full_space_group_name_H-M   ? 
# 
_exptl.absorpt_coefficient_mu     ? 
_exptl.absorpt_correction_T_max   ? 
_exptl.absorpt_correction_T_min   ? 
_exptl.absorpt_correction_type    ? 
_exptl.absorpt_process_details    ? 
_exptl.entry_id                   8ZO0 
_exptl.crystals_number            1 
_exptl.details                    ? 
_exptl.method                     'X-RAY DIFFRACTION' 
_exptl.method_details             ? 
# 
_exptl_crystal.colour                       ? 
_exptl_crystal.density_diffrn               ? 
_exptl_crystal.density_Matthews             2.05 
_exptl_crystal.density_method               ? 
_exptl_crystal.density_percent_sol          39.97 
_exptl_crystal.description                  ? 
_exptl_crystal.F_000                        ? 
_exptl_crystal.id                           1 
_exptl_crystal.preparation                  ? 
_exptl_crystal.size_max                     ? 
_exptl_crystal.size_mid                     ? 
_exptl_crystal.size_min                     ? 
_exptl_crystal.size_rad                     ? 
_exptl_crystal.colour_lustre                ? 
_exptl_crystal.colour_modifier              ? 
_exptl_crystal.colour_primary               ? 
_exptl_crystal.density_meas                 ? 
_exptl_crystal.density_meas_esd             ? 
_exptl_crystal.density_meas_gt              ? 
_exptl_crystal.density_meas_lt              ? 
_exptl_crystal.density_meas_temp            ? 
_exptl_crystal.density_meas_temp_esd        ? 
_exptl_crystal.density_meas_temp_gt         ? 
_exptl_crystal.density_meas_temp_lt         ? 
_exptl_crystal.pdbx_crystal_image_url       ? 
_exptl_crystal.pdbx_crystal_image_format    ? 
_exptl_crystal.pdbx_mosaicity               ? 
_exptl_crystal.pdbx_mosaicity_esd           ? 
_exptl_crystal.pdbx_mosaic_method           ? 
_exptl_crystal.pdbx_mosaic_block_size       ? 
_exptl_crystal.pdbx_mosaic_block_size_esd   ? 
# 
_exptl_crystal_grow.apparatus       ? 
_exptl_crystal_grow.atmosphere      ? 
_exptl_crystal_grow.crystal_id      1 
_exptl_crystal_grow.details         ? 
_exptl_crystal_grow.method          'VAPOR DIFFUSION, SITTING DROP' 
_exptl_crystal_grow.method_ref      ? 
_exptl_crystal_grow.pH              ? 
_exptl_crystal_grow.pressure        ? 
_exptl_crystal_grow.pressure_esd    ? 
_exptl_crystal_grow.seeding         ? 
_exptl_crystal_grow.seeding_ref     ? 
_exptl_crystal_grow.temp_details    ? 
_exptl_crystal_grow.temp_esd        ? 
_exptl_crystal_grow.time            ? 
_exptl_crystal_grow.pdbx_details    '0.1 M Bis-Tris (pH 5.5), 25% PEG3350' 
_exptl_crystal_grow.pdbx_pH_range   ? 
_exptl_crystal_grow.temp            289.15 
# 
_diffrn.ambient_environment              ? 
_diffrn.ambient_temp                     100 
_diffrn.ambient_temp_details             ? 
_diffrn.ambient_temp_esd                 ? 
_diffrn.crystal_id                       1 
_diffrn.crystal_support                  ? 
_diffrn.crystal_treatment                ? 
_diffrn.details                          ? 
_diffrn.id                               1 
_diffrn.ambient_pressure                 ? 
_diffrn.ambient_pressure_esd             ? 
_diffrn.ambient_pressure_gt              ? 
_diffrn.ambient_pressure_lt              ? 
_diffrn.ambient_temp_gt                  ? 
_diffrn.ambient_temp_lt                  ? 
_diffrn.pdbx_serial_crystal_experiment   N 
# 
_diffrn_detector.details                      ? 
_diffrn_detector.detector                     PIXEL 
_diffrn_detector.diffrn_id                    1 
_diffrn_detector.type                         'DECTRIS PILATUS3 6M' 
_diffrn_detector.area_resol_mean              ? 
_diffrn_detector.dtime                        ? 
_diffrn_detector.pdbx_frames_total            ? 
_diffrn_detector.pdbx_collection_time_total   ? 
_diffrn_detector.pdbx_collection_date         2019-12-30 
_diffrn_detector.pdbx_frequency               ? 
_diffrn_detector.id                           ? 
_diffrn_detector.number_of_axes               ? 
# 
_diffrn_radiation.collimation                      ? 
_diffrn_radiation.diffrn_id                        1 
_diffrn_radiation.filter_edge                      ? 
_diffrn_radiation.inhomogeneity                    ? 
_diffrn_radiation.monochromator                    ? 
_diffrn_radiation.polarisn_norm                    ? 
_diffrn_radiation.polarisn_ratio                   ? 
_diffrn_radiation.probe                            ? 
_diffrn_radiation.type                             ? 
_diffrn_radiation.xray_symbol                      ? 
_diffrn_radiation.wavelength_id                    1 
_diffrn_radiation.pdbx_monochromatic_or_laue_m_l   M 
_diffrn_radiation.pdbx_wavelength_list             ? 
_diffrn_radiation.pdbx_wavelength                  ? 
_diffrn_radiation.pdbx_diffrn_protocol             'SINGLE WAVELENGTH' 
_diffrn_radiation.pdbx_analyzer                    ? 
_diffrn_radiation.pdbx_scattering_type             x-ray 
# 
_diffrn_radiation_wavelength.id           1 
_diffrn_radiation_wavelength.wavelength   0.97867 
_diffrn_radiation_wavelength.wt           1.0 
# 
_diffrn_source.current                     ? 
_diffrn_source.details                     ? 
_diffrn_source.diffrn_id                   1 
_diffrn_source.power                       ? 
_diffrn_source.size                        ? 
_diffrn_source.source                      SYNCHROTRON 
_diffrn_source.target                      ? 
_diffrn_source.type                        'SSRF BEAMLINE BL19U1' 
_diffrn_source.voltage                     ? 
_diffrn_source.take-off_angle              ? 
_diffrn_source.pdbx_wavelength_list        0.97867 
_diffrn_source.pdbx_wavelength             ? 
_diffrn_source.pdbx_synchrotron_beamline   BL19U1 
_diffrn_source.pdbx_synchrotron_site       SSRF 
# 
_reflns.B_iso_Wilson_estimate                          ? 
_reflns.entry_id                                       8ZO0 
_reflns.data_reduction_details                         ? 
_reflns.data_reduction_method                          ? 
_reflns.d_resolution_high                              2.21 
_reflns.d_resolution_low                               40.8 
_reflns.details                                        ? 
_reflns.limit_h_max                                    ? 
_reflns.limit_h_min                                    ? 
_reflns.limit_k_max                                    ? 
_reflns.limit_k_min                                    ? 
_reflns.limit_l_max                                    ? 
_reflns.limit_l_min                                    ? 
_reflns.number_all                                     ? 
_reflns.number_obs                                     8444 
_reflns.observed_criterion                             ? 
_reflns.observed_criterion_F_max                       ? 
_reflns.observed_criterion_F_min                       ? 
_reflns.observed_criterion_I_max                       ? 
_reflns.observed_criterion_I_min                       ? 
_reflns.observed_criterion_sigma_F                     ? 
_reflns.observed_criterion_sigma_I                     ? 
_reflns.percent_possible_obs                           95.2 
_reflns.R_free_details                                 ? 
_reflns.Rmerge_F_all                                   ? 
_reflns.Rmerge_F_obs                                   ? 
_reflns.Friedel_coverage                               ? 
_reflns.number_gt                                      ? 
_reflns.threshold_expression                           ? 
_reflns.pdbx_redundancy                                1.7 
_reflns.pdbx_netI_over_av_sigmaI                       ? 
_reflns.pdbx_netI_over_sigmaI                          24.4 
_reflns.pdbx_res_netI_over_av_sigmaI_2                 ? 
_reflns.pdbx_res_netI_over_sigmaI_2                    ? 
_reflns.pdbx_chi_squared                               ? 
_reflns.pdbx_scaling_rejects                           ? 
_reflns.pdbx_d_res_high_opt                            ? 
_reflns.pdbx_d_res_low_opt                             ? 
_reflns.pdbx_d_res_opt_method                          ? 
_reflns.phase_calculation_details                      ? 
_reflns.pdbx_Rrim_I_all                                ? 
_reflns.pdbx_Rpim_I_all                                ? 
_reflns.pdbx_d_opt                                     ? 
_reflns.pdbx_number_measured_all                       ? 
_reflns.pdbx_diffrn_id                                 1 
_reflns.pdbx_ordinal                                   1 
_reflns.pdbx_CC_half                                   ? 
_reflns.pdbx_CC_star                                   ? 
_reflns.pdbx_R_split                                   ? 
_reflns.pdbx_Rmerge_I_obs                              0.001 
_reflns.pdbx_Rmerge_I_all                              ? 
_reflns.pdbx_Rsym_value                                ? 
_reflns.pdbx_CC_split_method                           ? 
_reflns.pdbx_aniso_diffraction_limit_axis_1_ortho[1]   ? 
_reflns.pdbx_aniso_diffraction_limit_axis_1_ortho[2]   ? 
_reflns.pdbx_aniso_diffraction_limit_axis_1_ortho[3]   ? 
_reflns.pdbx_aniso_diffraction_limit_axis_2_ortho[1]   ? 
_reflns.pdbx_aniso_diffraction_limit_axis_2_ortho[2]   ? 
_reflns.pdbx_aniso_diffraction_limit_axis_2_ortho[3]   ? 
_reflns.pdbx_aniso_diffraction_limit_axis_3_ortho[1]   ? 
_reflns.pdbx_aniso_diffraction_limit_axis_3_ortho[2]   ? 
_reflns.pdbx_aniso_diffraction_limit_axis_3_ortho[3]   ? 
_reflns.pdbx_aniso_diffraction_limit_1                 ? 
_reflns.pdbx_aniso_diffraction_limit_2                 ? 
_reflns.pdbx_aniso_diffraction_limit_3                 ? 
_reflns.pdbx_aniso_B_tensor_eigenvector_1_ortho[1]     ? 
_reflns.pdbx_aniso_B_tensor_eigenvector_1_ortho[2]     ? 
_reflns.pdbx_aniso_B_tensor_eigenvector_1_ortho[3]     ? 
_reflns.pdbx_aniso_B_tensor_eigenvector_2_ortho[1]     ? 
_reflns.pdbx_aniso_B_tensor_eigenvector_2_ortho[2]     ? 
_reflns.pdbx_aniso_B_tensor_eigenvector_2_ortho[3]     ? 
_reflns.pdbx_aniso_B_tensor_eigenvector_3_ortho[1]     ? 
_reflns.pdbx_aniso_B_tensor_eigenvector_3_ortho[2]     ? 
_reflns.pdbx_aniso_B_tensor_eigenvector_3_ortho[3]     ? 
_reflns.pdbx_aniso_B_tensor_eigenvalue_1               ? 
_reflns.pdbx_aniso_B_tensor_eigenvalue_2               ? 
_reflns.pdbx_aniso_B_tensor_eigenvalue_3               ? 
_reflns.pdbx_orthogonalization_convention              ? 
_reflns.pdbx_percent_possible_ellipsoidal              ? 
_reflns.pdbx_percent_possible_spherical                ? 
_reflns.pdbx_percent_possible_ellipsoidal_anomalous    ? 
_reflns.pdbx_percent_possible_spherical_anomalous      ? 
_reflns.pdbx_redundancy_anomalous                      ? 
_reflns.pdbx_CC_half_anomalous                         ? 
_reflns.pdbx_absDiff_over_sigma_anomalous              ? 
_reflns.pdbx_percent_possible_anomalous                ? 
_reflns.pdbx_observed_signal_threshold                 ? 
_reflns.pdbx_signal_type                               ? 
_reflns.pdbx_signal_details                            ? 
_reflns.pdbx_signal_software_id                        ? 
# 
_reflns_shell.d_res_high                                    2.21 
_reflns_shell.d_res_low                                     2.29 
_reflns_shell.meanI_over_sigI_all                           ? 
_reflns_shell.meanI_over_sigI_obs                           ? 
_reflns_shell.number_measured_all                           ? 
_reflns_shell.number_measured_obs                           ? 
_reflns_shell.number_possible                               ? 
_reflns_shell.number_unique_all                             ? 
_reflns_shell.number_unique_obs                             458 
_reflns_shell.percent_possible_obs                          ? 
_reflns_shell.Rmerge_F_all                                  ? 
_reflns_shell.Rmerge_F_obs                                  ? 
_reflns_shell.meanI_over_sigI_gt                            ? 
_reflns_shell.meanI_over_uI_all                             ? 
_reflns_shell.meanI_over_uI_gt                              ? 
_reflns_shell.number_measured_gt                            ? 
_reflns_shell.number_unique_gt                              ? 
_reflns_shell.percent_possible_gt                           ? 
_reflns_shell.Rmerge_F_gt                                   ? 
_reflns_shell.Rmerge_I_gt                                   ? 
_reflns_shell.pdbx_redundancy                               ? 
_reflns_shell.pdbx_chi_squared                              ? 
_reflns_shell.pdbx_netI_over_sigmaI_all                     ? 
_reflns_shell.pdbx_netI_over_sigmaI_obs                     ? 
_reflns_shell.pdbx_Rrim_I_all                               ? 
_reflns_shell.pdbx_Rpim_I_all                               ? 
_reflns_shell.pdbx_rejects                                  ? 
_reflns_shell.pdbx_ordinal                                  1 
_reflns_shell.pdbx_diffrn_id                                1 
_reflns_shell.pdbx_CC_half                                  ? 
_reflns_shell.pdbx_CC_star                                  ? 
_reflns_shell.pdbx_R_split                                  ? 
_reflns_shell.percent_possible_all                          ? 
_reflns_shell.Rmerge_I_all                                  ? 
_reflns_shell.Rmerge_I_obs                                  0.0001 
_reflns_shell.pdbx_Rsym_value                               ? 
_reflns_shell.pdbx_percent_possible_ellipsoidal             ? 
_reflns_shell.pdbx_percent_possible_spherical               ? 
_reflns_shell.pdbx_percent_possible_ellipsoidal_anomalous   ? 
_reflns_shell.pdbx_percent_possible_spherical_anomalous     ? 
_reflns_shell.pdbx_redundancy_anomalous                     ? 
_reflns_shell.pdbx_CC_half_anomalous                        ? 
_reflns_shell.pdbx_absDiff_over_sigma_anomalous             ? 
_reflns_shell.pdbx_percent_possible_anomalous               ? 
# 
_refine.aniso_B[1][1]                            ? 
_refine.aniso_B[1][2]                            ? 
_refine.aniso_B[1][3]                            ? 
_refine.aniso_B[2][2]                            ? 
_refine.aniso_B[2][3]                            ? 
_refine.aniso_B[3][3]                            ? 
_refine.B_iso_max                                ? 
_refine.B_iso_mean                               ? 
_refine.B_iso_min                                ? 
_refine.correlation_coeff_Fo_to_Fc               ? 
_refine.correlation_coeff_Fo_to_Fc_free          ? 
_refine.details                                  ? 
_refine.diff_density_max                         ? 
_refine.diff_density_max_esd                     ? 
_refine.diff_density_min                         ? 
_refine.diff_density_min_esd                     ? 
_refine.diff_density_rms                         ? 
_refine.diff_density_rms_esd                     ? 
_refine.entry_id                                 8ZO0 
_refine.pdbx_refine_id                           'X-RAY DIFFRACTION' 
_refine.ls_abs_structure_details                 ? 
_refine.ls_abs_structure_Flack                   ? 
_refine.ls_abs_structure_Flack_esd               ? 
_refine.ls_abs_structure_Rogers                  ? 
_refine.ls_abs_structure_Rogers_esd              ? 
_refine.ls_d_res_high                            2.21 
_refine.ls_d_res_low                             34.35 
_refine.ls_extinction_coef                       ? 
_refine.ls_extinction_coef_esd                   ? 
_refine.ls_extinction_expression                 ? 
_refine.ls_extinction_method                     ? 
_refine.ls_goodness_of_fit_all                   ? 
_refine.ls_goodness_of_fit_all_esd               ? 
_refine.ls_goodness_of_fit_obs                   ? 
_refine.ls_goodness_of_fit_obs_esd               ? 
_refine.ls_hydrogen_treatment                    ? 
_refine.ls_matrix_type                           ? 
_refine.ls_number_constraints                    ? 
_refine.ls_number_parameters                     ? 
_refine.ls_number_reflns_all                     ? 
_refine.ls_number_reflns_obs                     8280 
_refine.ls_number_reflns_R_free                  ? 
_refine.ls_number_reflns_R_work                  ? 
_refine.ls_number_restraints                     ? 
_refine.ls_percent_reflns_obs                    93.33 
_refine.ls_percent_reflns_R_free                 ? 
_refine.ls_R_factor_all                          ? 
_refine.ls_R_factor_obs                          ? 
_refine.ls_R_factor_R_free                       0.2397 
_refine.ls_R_factor_R_free_error                 ? 
_refine.ls_R_factor_R_free_error_details         ? 
_refine.ls_R_factor_R_work                       0.1836 
_refine.ls_R_Fsqd_factor_obs                     ? 
_refine.ls_R_I_factor_obs                        ? 
_refine.ls_redundancy_reflns_all                 ? 
_refine.ls_redundancy_reflns_obs                 ? 
_refine.ls_restrained_S_all                      ? 
_refine.ls_restrained_S_obs                      ? 
_refine.ls_shift_over_esd_max                    ? 
_refine.ls_shift_over_esd_mean                   ? 
_refine.ls_structure_factor_coef                 ? 
_refine.ls_weighting_details                     ? 
_refine.ls_weighting_scheme                      ? 
_refine.ls_wR_factor_all                         ? 
_refine.ls_wR_factor_obs                         ? 
_refine.ls_wR_factor_R_free                      ? 
_refine.ls_wR_factor_R_work                      ? 
_refine.occupancy_max                            ? 
_refine.occupancy_min                            ? 
_refine.solvent_model_details                    'FLAT BULK SOLVENT MODEL' 
_refine.solvent_model_param_bsol                 ? 
_refine.solvent_model_param_ksol                 ? 
_refine.pdbx_R_complete                          ? 
_refine.ls_R_factor_gt                           ? 
_refine.ls_goodness_of_fit_gt                    ? 
_refine.ls_goodness_of_fit_ref                   ? 
_refine.ls_shift_over_su_max                     ? 
_refine.ls_shift_over_su_max_lt                  ? 
_refine.ls_shift_over_su_mean                    ? 
_refine.ls_shift_over_su_mean_lt                 ? 
_refine.pdbx_ls_sigma_I                          ? 
_refine.pdbx_ls_sigma_F                          1.36 
_refine.pdbx_ls_sigma_Fsqd                       ? 
_refine.pdbx_data_cutoff_high_absF               ? 
_refine.pdbx_data_cutoff_high_rms_absF           ? 
_refine.pdbx_data_cutoff_low_absF                ? 
_refine.pdbx_isotropic_thermal_model             ? 
_refine.pdbx_ls_cross_valid_method               THROUGHOUT 
_refine.pdbx_method_to_determine_struct          'MOLECULAR REPLACEMENT' 
_refine.pdbx_starting_model                      1FTN 
_refine.pdbx_stereochemistry_target_values       ML 
_refine.pdbx_R_Free_selection_details            ? 
_refine.pdbx_stereochem_target_val_spec_case     ? 
_refine.pdbx_overall_ESU_R                       ? 
_refine.pdbx_overall_ESU_R_Free                  ? 
_refine.pdbx_solvent_vdw_probe_radii             1.10 
_refine.pdbx_solvent_ion_probe_radii             ? 
_refine.pdbx_solvent_shrinkage_radii             0.90 
_refine.pdbx_real_space_R                        ? 
_refine.pdbx_density_correlation                 ? 
_refine.pdbx_pd_number_of_powder_patterns        ? 
_refine.pdbx_pd_number_of_points                 ? 
_refine.pdbx_pd_meas_number_of_points            ? 
_refine.pdbx_pd_proc_ls_prof_R_factor            ? 
_refine.pdbx_pd_proc_ls_prof_wR_factor           ? 
_refine.pdbx_pd_Marquardt_correlation_coeff      ? 
_refine.pdbx_pd_Fsqrd_R_factor                   ? 
_refine.pdbx_pd_ls_matrix_band_width             ? 
_refine.pdbx_overall_phase_error                 23.33 
_refine.pdbx_overall_SU_R_free_Cruickshank_DPI   ? 
_refine.pdbx_overall_SU_R_free_Blow_DPI          ? 
_refine.pdbx_overall_SU_R_Blow_DPI               ? 
_refine.pdbx_TLS_residual_ADP_flag               ? 
_refine.pdbx_diffrn_id                           1 
_refine.overall_SU_B                             ? 
_refine.overall_SU_ML                            0.22 
_refine.overall_SU_R_Cruickshank_DPI             ? 
_refine.overall_SU_R_free                        ? 
_refine.overall_FOM_free_R_set                   ? 
_refine.overall_FOM_work_R_set                   ? 
_refine.pdbx_average_fsc_overall                 ? 
_refine.pdbx_average_fsc_work                    ? 
_refine.pdbx_average_fsc_free                    ? 
# 
_refine_hist.pdbx_refine_id                   'X-RAY DIFFRACTION' 
_refine_hist.cycle_id                         LAST 
_refine_hist.details                          ? 
_refine_hist.d_res_high                       2.21 
_refine_hist.d_res_low                        34.35 
_refine_hist.number_atoms_solvent             77 
_refine_hist.number_atoms_total               1517 
_refine_hist.number_reflns_all                ? 
_refine_hist.number_reflns_obs                ? 
_refine_hist.number_reflns_R_free             ? 
_refine_hist.number_reflns_R_work             ? 
_refine_hist.R_factor_all                     ? 
_refine_hist.R_factor_obs                     ? 
_refine_hist.R_factor_R_free                  ? 
_refine_hist.R_factor_R_work                  ? 
_refine_hist.pdbx_number_residues_total       ? 
_refine_hist.pdbx_B_iso_mean_ligand           ? 
_refine_hist.pdbx_B_iso_mean_solvent          ? 
_refine_hist.pdbx_number_atoms_protein        1407 
_refine_hist.pdbx_number_atoms_nucleic_acid   0 
_refine_hist.pdbx_number_atoms_ligand         33 
_refine_hist.pdbx_number_atoms_lipid          ? 
_refine_hist.pdbx_number_atoms_carb           ? 
_refine_hist.pdbx_pseudo_atom_details         ? 
# 
loop_
_refine_ls_restr.pdbx_refine_id 
_refine_ls_restr.criterion 
_refine_ls_restr.dev_ideal 
_refine_ls_restr.dev_ideal_target 
_refine_ls_restr.number 
_refine_ls_restr.rejects 
_refine_ls_restr.type 
_refine_ls_restr.weight 
_refine_ls_restr.pdbx_restraint_function 
'X-RAY DIFFRACTION' ? 0.006  ? ?   ? f_bond_d           ? ? 
'X-RAY DIFFRACTION' ? 0.851  ? ?   ? f_angle_d          ? ? 
'X-RAY DIFFRACTION' ? 17.475 ? 584 ? f_dihedral_angle_d ? ? 
'X-RAY DIFFRACTION' ? 0.055  ? 219 ? f_chiral_restr     ? ? 
'X-RAY DIFFRACTION' ? 0.008  ? 256 ? f_plane_restr      ? ? 
# 
loop_
_refine_ls_shell.pdbx_refine_id 
_refine_ls_shell.d_res_high 
_refine_ls_shell.d_res_low 
_refine_ls_shell.number_reflns_all 
_refine_ls_shell.number_reflns_obs 
_refine_ls_shell.number_reflns_R_free 
_refine_ls_shell.number_reflns_R_work 
_refine_ls_shell.percent_reflns_obs 
_refine_ls_shell.percent_reflns_R_free 
_refine_ls_shell.R_factor_all 
_refine_ls_shell.R_factor_obs 
_refine_ls_shell.R_factor_R_free_error 
_refine_ls_shell.R_factor_R_work 
_refine_ls_shell.redundancy_reflns_all 
_refine_ls_shell.redundancy_reflns_obs 
_refine_ls_shell.wR_factor_all 
_refine_ls_shell.wR_factor_obs 
_refine_ls_shell.wR_factor_R_free 
_refine_ls_shell.wR_factor_R_work 
_refine_ls_shell.pdbx_R_complete 
_refine_ls_shell.pdbx_total_number_of_bins_used 
_refine_ls_shell.pdbx_phase_error 
_refine_ls_shell.pdbx_fsc_work 
_refine_ls_shell.pdbx_fsc_free 
_refine_ls_shell.R_factor_R_free 
'X-RAY DIFFRACTION' 2.21 2.53  . . 119 2260 82.00 . . . . 0.1741 . . . . . . . . . . . 0.2653 
'X-RAY DIFFRACTION' 2.53 3.19  . . 158 2697 98.00 . . . . 0.2017 . . . . . . . . . . . 0.2668 
'X-RAY DIFFRACTION' 3.19 34.35 . . 142 2904 99.00 . . . . 0.1757 . . . . . . . . . . . 0.2225 
# 
_struct.entry_id                     8ZO0 
_struct.title                        'Samll GTPase RhoA Y42C mutant in complex with GTP analogue' 
_struct.pdbx_model_details           ? 
_struct.pdbx_formula_weight          ? 
_struct.pdbx_formula_weight_method   ? 
_struct.pdbx_model_type_details      ? 
_struct.pdbx_CASP_flag               N 
# 
_struct_keywords.entry_id        8ZO0 
_struct_keywords.text            'Small GTPase RhoA, Y42C mutant, GTP-bound state, CELL INVASION' 
_struct_keywords.pdbx_keywords   'CELL INVASION' 
# 
loop_
_struct_asym.id 
_struct_asym.pdbx_blank_PDB_chainid_flag 
_struct_asym.pdbx_modified 
_struct_asym.entity_id 
_struct_asym.details 
A N N 1 ? 
B N N 2 ? 
C N N 3 ? 
D N N 4 ? 
# 
_struct_ref.id                         1 
_struct_ref.db_name                    UNP 
_struct_ref.db_code                    RHOA_HUMAN 
_struct_ref.pdbx_db_accession          P61586 
_struct_ref.pdbx_db_isoform            ? 
_struct_ref.entity_id                  1 
_struct_ref.pdbx_seq_one_letter_code   
;MAAIRKKLVIVGDGACGKTCLLIVFSKDQFPEVYVPTVFENYVADIEVDGKQVELALWDTAGQEDYDRLRPLSYPDTDVI
LMCFSIDSPDSLENIPEKWTPEVKHFCPNVPIILVGNKKDLRNDEHTRRELAKMKQEPVKPEEGRDMANRIGAFGYMECS
AKTKDGVREVFEMATRAALQA
;
_struct_ref.pdbx_align_begin           1 
# 
_struct_ref_seq.align_id                      1 
_struct_ref_seq.ref_id                        1 
_struct_ref_seq.pdbx_PDB_id_code              8ZO0 
_struct_ref_seq.pdbx_strand_id                A 
_struct_ref_seq.seq_align_beg                 2 
_struct_ref_seq.pdbx_seq_align_beg_ins_code   ? 
_struct_ref_seq.seq_align_end                 182 
_struct_ref_seq.pdbx_seq_align_end_ins_code   ? 
_struct_ref_seq.pdbx_db_accession             P61586 
_struct_ref_seq.db_align_beg                  1 
_struct_ref_seq.pdbx_db_align_beg_ins_code    ? 
_struct_ref_seq.db_align_end                  181 
_struct_ref_seq.pdbx_db_align_end_ins_code    ? 
_struct_ref_seq.pdbx_auth_seq_align_beg       1 
_struct_ref_seq.pdbx_auth_seq_align_end       181 
# 
loop_
_struct_ref_seq_dif.align_id 
_struct_ref_seq_dif.pdbx_pdb_id_code 
_struct_ref_seq_dif.mon_id 
_struct_ref_seq_dif.pdbx_pdb_strand_id 
_struct_ref_seq_dif.seq_num 
_struct_ref_seq_dif.pdbx_pdb_ins_code 
_struct_ref_seq_dif.pdbx_seq_db_name 
_struct_ref_seq_dif.pdbx_seq_db_accession_code 
_struct_ref_seq_dif.db_mon_id 
_struct_ref_seq_dif.pdbx_seq_db_seq_num 
_struct_ref_seq_dif.details 
_struct_ref_seq_dif.pdbx_auth_seq_num 
_struct_ref_seq_dif.pdbx_ordinal 
1 8ZO0 GLY A 1  ? UNP P61586 ?   ?  'expression tag'      0  1 
1 8ZO0 CYS A 43 ? UNP P61586 TYR 42 'engineered mutation' 42 2 
# 
_pdbx_struct_assembly.id                   1 
_pdbx_struct_assembly.details              author_defined_assembly 
_pdbx_struct_assembly.method_details       ? 
_pdbx_struct_assembly.oligomeric_details   monomeric 
_pdbx_struct_assembly.oligomeric_count     1 
# 
_pdbx_struct_assembly_gen.assembly_id       1 
_pdbx_struct_assembly_gen.oper_expression   1 
_pdbx_struct_assembly_gen.asym_id_list      A,B,C,D 
# 
_pdbx_struct_assembly_auth_evidence.id                     1 
_pdbx_struct_assembly_auth_evidence.assembly_id            1 
_pdbx_struct_assembly_auth_evidence.experimental_support   none 
_pdbx_struct_assembly_auth_evidence.details                ? 
# 
_pdbx_struct_oper_list.id                   1 
_pdbx_struct_oper_list.type                 'identity operation' 
_pdbx_struct_oper_list.name                 1_555 
_pdbx_struct_oper_list.symmetry_operation   x,y,z 
_pdbx_struct_oper_list.matrix[1][1]         1.0000000000 
_pdbx_struct_oper_list.matrix[1][2]         0.0000000000 
_pdbx_struct_oper_list.matrix[1][3]         0.0000000000 
_pdbx_struct_oper_list.vector[1]            0.0000000000 
_pdbx_struct_oper_list.matrix[2][1]         0.0000000000 
_pdbx_struct_oper_list.matrix[2][2]         1.0000000000 
_pdbx_struct_oper_list.matrix[2][3]         0.0000000000 
_pdbx_struct_oper_list.vector[2]            0.0000000000 
_pdbx_struct_oper_list.matrix[3][1]         0.0000000000 
_pdbx_struct_oper_list.matrix[3][2]         0.0000000000 
_pdbx_struct_oper_list.matrix[3][3]         1.0000000000 
_pdbx_struct_oper_list.vector[3]            0.0000000000 
# 
loop_
_struct_conf.conf_type_id 
_struct_conf.id 
_struct_conf.pdbx_PDB_helix_id 
_struct_conf.beg_label_comp_id 
_struct_conf.beg_label_asym_id 
_struct_conf.beg_label_seq_id 
_struct_conf.pdbx_beg_PDB_ins_code 
_struct_conf.end_label_comp_id 
_struct_conf.end_label_asym_id 
_struct_conf.end_label_seq_id 
_struct_conf.pdbx_end_PDB_ins_code 
_struct_conf.beg_auth_comp_id 
_struct_conf.beg_auth_asym_id 
_struct_conf.beg_auth_seq_id 
_struct_conf.end_auth_comp_id 
_struct_conf.end_auth_asym_id 
_struct_conf.end_auth_seq_id 
_struct_conf.pdbx_PDB_helix_class 
_struct_conf.details 
_struct_conf.pdbx_PDB_helix_length 
HELX_P HELX_P1 AA1 GLY A 18  ? ASP A 29  ? GLY A 17  ASP A 28  1 ? 12 
HELX_P HELX_P2 AA2 GLN A 64  ? TYR A 75  ? GLN A 63  TYR A 74  5 ? 12 
HELX_P HELX_P3 AA3 SER A 89  ? LYS A 99  ? SER A 88  LYS A 98  1 ? 11 
HELX_P HELX_P4 AA4 LYS A 99  ? CYS A 108 ? LYS A 98  CYS A 107 1 ? 10 
HELX_P HELX_P5 AA5 LYS A 119 ? ARG A 123 ? LYS A 118 ARG A 122 5 ? 5  
HELX_P HELX_P6 AA6 ASP A 125 ? MET A 135 ? ASP A 124 MET A 134 1 ? 11 
HELX_P HELX_P7 AA7 LYS A 141 ? GLY A 153 ? LYS A 140 GLY A 152 1 ? 13 
HELX_P HELX_P8 AA8 GLY A 167 ? GLN A 181 ? GLY A 166 GLN A 180 1 ? 15 
# 
_struct_conf_type.id          HELX_P 
_struct_conf_type.criteria    ? 
_struct_conf_type.reference   ? 
# 
loop_
_struct_conn.id 
_struct_conn.conn_type_id 
_struct_conn.pdbx_leaving_atom_flag 
_struct_conn.pdbx_PDB_id 
_struct_conn.ptnr1_label_asym_id 
_struct_conn.ptnr1_label_comp_id 
_struct_conn.ptnr1_label_seq_id 
_struct_conn.ptnr1_label_atom_id 
_struct_conn.pdbx_ptnr1_label_alt_id 
_struct_conn.pdbx_ptnr1_PDB_ins_code 
_struct_conn.pdbx_ptnr1_standard_comp_id 
_struct_conn.ptnr1_symmetry 
_struct_conn.ptnr2_label_asym_id 
_struct_conn.ptnr2_label_comp_id 
_struct_conn.ptnr2_label_seq_id 
_struct_conn.ptnr2_label_atom_id 
_struct_conn.pdbx_ptnr2_label_alt_id 
_struct_conn.pdbx_ptnr2_PDB_ins_code 
_struct_conn.ptnr1_auth_asym_id 
_struct_conn.ptnr1_auth_comp_id 
_struct_conn.ptnr1_auth_seq_id 
_struct_conn.ptnr2_auth_asym_id 
_struct_conn.ptnr2_auth_comp_id 
_struct_conn.ptnr2_auth_seq_id 
_struct_conn.ptnr2_symmetry 
_struct_conn.pdbx_ptnr3_label_atom_id 
_struct_conn.pdbx_ptnr3_label_seq_id 
_struct_conn.pdbx_ptnr3_label_comp_id 
_struct_conn.pdbx_ptnr3_label_asym_id 
_struct_conn.pdbx_ptnr3_label_alt_id 
_struct_conn.pdbx_ptnr3_PDB_ins_code 
_struct_conn.details 
_struct_conn.pdbx_dist_value 
_struct_conn.pdbx_value_order 
_struct_conn.pdbx_role 
metalc1 metalc ? ? A THR 20 OG1 ? ? ? 1_555 C MG  . MG ? ? A THR 19  A MG  202 1_555 ? ? ? ? ? ? ? 2.112 ? ? 
metalc2 metalc ? ? A PRO 37 O   ? ? ? 1_555 C MG  . MG ? ? A PRO 36  A MG  202 1_555 ? ? ? ? ? ? ? 2.070 ? ? 
metalc3 metalc ? ? B GNP .  O2G ? ? ? 1_555 C MG  . MG ? ? A GNP 201 A MG  202 1_555 ? ? ? ? ? ? ? 1.961 ? ? 
metalc4 metalc ? ? B GNP .  O2B ? ? ? 1_555 C MG  . MG ? ? A GNP 201 A MG  202 1_555 ? ? ? ? ? ? ? 2.130 ? ? 
metalc5 metalc ? ? C MG  .  MG  ? ? ? 1_555 D HOH . O  ? ? A MG  202 A HOH 313 1_555 ? ? ? ? ? ? ? 2.149 ? ? 
metalc6 metalc ? ? C MG  .  MG  ? ? ? 1_555 D HOH . O  ? ? A MG  202 A HOH 320 1_555 ? ? ? ? ? ? ? 2.204 ? ? 
# 
_struct_conn_type.id          metalc 
_struct_conn_type.criteria    ? 
_struct_conn_type.reference   ? 
# 
loop_
_pdbx_struct_conn_angle.id 
_pdbx_struct_conn_angle.ptnr1_label_atom_id 
_pdbx_struct_conn_angle.ptnr1_label_alt_id 
_pdbx_struct_conn_angle.ptnr1_label_asym_id 
_pdbx_struct_conn_angle.ptnr1_label_comp_id 
_pdbx_struct_conn_angle.ptnr1_label_seq_id 
_pdbx_struct_conn_angle.ptnr1_auth_atom_id 
_pdbx_struct_conn_angle.ptnr1_auth_asym_id 
_pdbx_struct_conn_angle.ptnr1_auth_comp_id 
_pdbx_struct_conn_angle.ptnr1_auth_seq_id 
_pdbx_struct_conn_angle.ptnr1_PDB_ins_code 
_pdbx_struct_conn_angle.ptnr1_symmetry 
_pdbx_struct_conn_angle.ptnr2_label_atom_id 
_pdbx_struct_conn_angle.ptnr2_label_alt_id 
_pdbx_struct_conn_angle.ptnr2_label_asym_id 
_pdbx_struct_conn_angle.ptnr2_label_comp_id 
_pdbx_struct_conn_angle.ptnr2_label_seq_id 
_pdbx_struct_conn_angle.ptnr2_auth_atom_id 
_pdbx_struct_conn_angle.ptnr2_auth_asym_id 
_pdbx_struct_conn_angle.ptnr2_auth_comp_id 
_pdbx_struct_conn_angle.ptnr2_auth_seq_id 
_pdbx_struct_conn_angle.ptnr2_PDB_ins_code 
_pdbx_struct_conn_angle.ptnr2_symmetry 
_pdbx_struct_conn_angle.ptnr3_label_atom_id 
_pdbx_struct_conn_angle.ptnr3_label_alt_id 
_pdbx_struct_conn_angle.ptnr3_label_asym_id 
_pdbx_struct_conn_angle.ptnr3_label_comp_id 
_pdbx_struct_conn_angle.ptnr3_label_seq_id 
_pdbx_struct_conn_angle.ptnr3_auth_atom_id 
_pdbx_struct_conn_angle.ptnr3_auth_asym_id 
_pdbx_struct_conn_angle.ptnr3_auth_comp_id 
_pdbx_struct_conn_angle.ptnr3_auth_seq_id 
_pdbx_struct_conn_angle.ptnr3_PDB_ins_code 
_pdbx_struct_conn_angle.ptnr3_symmetry 
_pdbx_struct_conn_angle.value 
_pdbx_struct_conn_angle.value_esd 
1  OG1 ? A THR 20 ? A THR 19  ? 1_555 MG ? C MG . ? A MG 202 ? 1_555 O   ? A PRO 37 ? A PRO 36  ? 1_555 86.8  ? 
2  OG1 ? A THR 20 ? A THR 19  ? 1_555 MG ? C MG . ? A MG 202 ? 1_555 O2G ? B GNP .  ? A GNP 201 ? 1_555 170.4 ? 
3  O   ? A PRO 37 ? A PRO 36  ? 1_555 MG ? C MG . ? A MG 202 ? 1_555 O2G ? B GNP .  ? A GNP 201 ? 1_555 87.1  ? 
4  OG1 ? A THR 20 ? A THR 19  ? 1_555 MG ? C MG . ? A MG 202 ? 1_555 O2B ? B GNP .  ? A GNP 201 ? 1_555 86.8  ? 
5  O   ? A PRO 37 ? A PRO 36  ? 1_555 MG ? C MG . ? A MG 202 ? 1_555 O2B ? B GNP .  ? A GNP 201 ? 1_555 173.3 ? 
6  O2G ? B GNP .  ? A GNP 201 ? 1_555 MG ? C MG . ? A MG 202 ? 1_555 O2B ? B GNP .  ? A GNP 201 ? 1_555 99.1  ? 
7  OG1 ? A THR 20 ? A THR 19  ? 1_555 MG ? C MG . ? A MG 202 ? 1_555 O   ? D HOH .  ? A HOH 313 ? 1_555 80.3  ? 
8  O   ? A PRO 37 ? A PRO 36  ? 1_555 MG ? C MG . ? A MG 202 ? 1_555 O   ? D HOH .  ? A HOH 313 ? 1_555 89.7  ? 
9  O2G ? B GNP .  ? A GNP 201 ? 1_555 MG ? C MG . ? A MG 202 ? 1_555 O   ? D HOH .  ? A HOH 313 ? 1_555 92.3  ? 
10 O2B ? B GNP .  ? A GNP 201 ? 1_555 MG ? C MG . ? A MG 202 ? 1_555 O   ? D HOH .  ? A HOH 313 ? 1_555 87.4  ? 
11 OG1 ? A THR 20 ? A THR 19  ? 1_555 MG ? C MG . ? A MG 202 ? 1_555 O   ? D HOH .  ? A HOH 320 ? 1_555 91.5  ? 
12 O   ? A PRO 37 ? A PRO 36  ? 1_555 MG ? C MG . ? A MG 202 ? 1_555 O   ? D HOH .  ? A HOH 320 ? 1_555 90.4  ? 
13 O2G ? B GNP .  ? A GNP 201 ? 1_555 MG ? C MG . ? A MG 202 ? 1_555 O   ? D HOH .  ? A HOH 320 ? 1_555 95.9  ? 
14 O2B ? B GNP .  ? A GNP 201 ? 1_555 MG ? C MG . ? A MG 202 ? 1_555 O   ? D HOH .  ? A HOH 320 ? 1_555 91.6  ? 
15 O   ? D HOH .  ? A HOH 313 ? 1_555 MG ? C MG . ? A MG 202 ? 1_555 O   ? D HOH .  ? A HOH 320 ? 1_555 171.8 ? 
# 
_struct_sheet.id               AA1 
_struct_sheet.type             ? 
_struct_sheet.number_strands   6 
_struct_sheet.details          ? 
# 
loop_
_struct_sheet_order.sheet_id 
_struct_sheet_order.range_id_1 
_struct_sheet_order.range_id_2 
_struct_sheet_order.offset 
_struct_sheet_order.sense 
AA1 1 2 ? anti-parallel 
AA1 2 3 ? parallel      
AA1 3 4 ? parallel      
AA1 4 5 ? parallel      
AA1 5 6 ? parallel      
# 
loop_
_struct_sheet_range.sheet_id 
_struct_sheet_range.id 
_struct_sheet_range.beg_label_comp_id 
_struct_sheet_range.beg_label_asym_id 
_struct_sheet_range.beg_label_seq_id 
_struct_sheet_range.pdbx_beg_PDB_ins_code 
_struct_sheet_range.end_label_comp_id 
_struct_sheet_range.end_label_asym_id 
_struct_sheet_range.end_label_seq_id 
_struct_sheet_range.pdbx_end_PDB_ins_code 
_struct_sheet_range.beg_auth_comp_id 
_struct_sheet_range.beg_auth_asym_id 
_struct_sheet_range.beg_auth_seq_id 
_struct_sheet_range.end_auth_comp_id 
_struct_sheet_range.end_auth_asym_id 
_struct_sheet_range.end_auth_seq_id 
AA1 1 VAL A 44  ? VAL A 49  ? VAL A 43  VAL A 48  
AA1 2 LYS A 52  ? TRP A 59  ? LYS A 51  TRP A 58  
AA1 3 ILE A 5   ? GLY A 13  ? ILE A 4   GLY A 12  
AA1 4 VAL A 80  ? SER A 86  ? VAL A 79  SER A 85  
AA1 5 ILE A 113 ? ASN A 118 ? ILE A 112 ASN A 117 
AA1 6 GLY A 156 ? GLU A 159 ? GLY A 155 GLU A 158 
# 
loop_
_pdbx_struct_sheet_hbond.sheet_id 
_pdbx_struct_sheet_hbond.range_id_1 
_pdbx_struct_sheet_hbond.range_id_2 
_pdbx_struct_sheet_hbond.range_1_label_atom_id 
_pdbx_struct_sheet_hbond.range_1_label_comp_id 
_pdbx_struct_sheet_hbond.range_1_label_asym_id 
_pdbx_struct_sheet_hbond.range_1_label_seq_id 
_pdbx_struct_sheet_hbond.range_1_PDB_ins_code 
_pdbx_struct_sheet_hbond.range_1_auth_atom_id 
_pdbx_struct_sheet_hbond.range_1_auth_comp_id 
_pdbx_struct_sheet_hbond.range_1_auth_asym_id 
_pdbx_struct_sheet_hbond.range_1_auth_seq_id 
_pdbx_struct_sheet_hbond.range_2_label_atom_id 
_pdbx_struct_sheet_hbond.range_2_label_comp_id 
_pdbx_struct_sheet_hbond.range_2_label_asym_id 
_pdbx_struct_sheet_hbond.range_2_label_seq_id 
_pdbx_struct_sheet_hbond.range_2_PDB_ins_code 
_pdbx_struct_sheet_hbond.range_2_auth_atom_id 
_pdbx_struct_sheet_hbond.range_2_auth_comp_id 
_pdbx_struct_sheet_hbond.range_2_auth_asym_id 
_pdbx_struct_sheet_hbond.range_2_auth_seq_id 
AA1 1 2 N ALA A 45  ? N ALA A 44  O LEU A 56  ? O LEU A 55  
AA1 2 3 O GLU A 55  ? O GLU A 54  N ILE A 5   ? N ILE A 4   
AA1 3 4 N VAL A 12  ? N VAL A 11  O CYS A 84  ? O CYS A 83  
AA1 4 5 N MET A 83  ? N MET A 82  O VAL A 116 ? O VAL A 115 
AA1 5 6 N LEU A 115 ? N LEU A 114 O MET A 158 ? O MET A 157 
# 
_pdbx_entry_details.entry_id                   8ZO0 
_pdbx_entry_details.has_ligand_of_interest     Y 
_pdbx_entry_details.compound_details           ? 
_pdbx_entry_details.source_details             ? 
_pdbx_entry_details.nonpolymer_details         ? 
_pdbx_entry_details.sequence_details           ? 
_pdbx_entry_details.has_protein_modification   N 
# 
loop_
_pdbx_validate_torsion.id 
_pdbx_validate_torsion.PDB_model_num 
_pdbx_validate_torsion.auth_comp_id 
_pdbx_validate_torsion.auth_asym_id 
_pdbx_validate_torsion.auth_seq_id 
_pdbx_validate_torsion.PDB_ins_code 
_pdbx_validate_torsion.label_alt_id 
_pdbx_validate_torsion.phi 
_pdbx_validate_torsion.psi 
1 1 GLU A 32  ? ? -90.55  -60.38 
2 1 CYS A 42  ? ? -149.23 58.35  
3 1 LYS A 98  ? ? -130.79 -53.78 
4 1 LYS A 164 ? ? 70.82   -0.68  
# 
loop_
_pdbx_unobs_or_zero_occ_residues.id 
_pdbx_unobs_or_zero_occ_residues.PDB_model_num 
_pdbx_unobs_or_zero_occ_residues.polymer_flag 
_pdbx_unobs_or_zero_occ_residues.occupancy_flag 
_pdbx_unobs_or_zero_occ_residues.auth_asym_id 
_pdbx_unobs_or_zero_occ_residues.auth_comp_id 
_pdbx_unobs_or_zero_occ_residues.auth_seq_id 
_pdbx_unobs_or_zero_occ_residues.PDB_ins_code 
_pdbx_unobs_or_zero_occ_residues.label_asym_id 
_pdbx_unobs_or_zero_occ_residues.label_comp_id 
_pdbx_unobs_or_zero_occ_residues.label_seq_id 
1 1 Y 1 A GLY 0   ? A GLY 1   
2 1 Y 1 A MET 1   ? A MET 2   
3 1 Y 1 A ALA 2   ? A ALA 3   
4 1 Y 1 A ALA 181 ? A ALA 182 
# 
loop_
_chem_comp_atom.comp_id 
_chem_comp_atom.atom_id 
_chem_comp_atom.type_symbol 
_chem_comp_atom.pdbx_aromatic_flag 
_chem_comp_atom.pdbx_stereo_config 
_chem_comp_atom.pdbx_ordinal 
ALA N      N  N N 1   
ALA CA     C  N S 2   
ALA C      C  N N 3   
ALA O      O  N N 4   
ALA CB     C  N N 5   
ALA OXT    O  N N 6   
ALA H      H  N N 7   
ALA H2     H  N N 8   
ALA HA     H  N N 9   
ALA HB1    H  N N 10  
ALA HB2    H  N N 11  
ALA HB3    H  N N 12  
ALA HXT    H  N N 13  
ARG N      N  N N 14  
ARG CA     C  N S 15  
ARG C      C  N N 16  
ARG O      O  N N 17  
ARG CB     C  N N 18  
ARG CG     C  N N 19  
ARG CD     C  N N 20  
ARG NE     N  N N 21  
ARG CZ     C  N N 22  
ARG NH1    N  N N 23  
ARG NH2    N  N N 24  
ARG OXT    O  N N 25  
ARG H      H  N N 26  
ARG H2     H  N N 27  
ARG HA     H  N N 28  
ARG HB2    H  N N 29  
ARG HB3    H  N N 30  
ARG HG2    H  N N 31  
ARG HG3    H  N N 32  
ARG HD2    H  N N 33  
ARG HD3    H  N N 34  
ARG HE     H  N N 35  
ARG HH11   H  N N 36  
ARG HH12   H  N N 37  
ARG HH21   H  N N 38  
ARG HH22   H  N N 39  
ARG HXT    H  N N 40  
ASN N      N  N N 41  
ASN CA     C  N S 42  
ASN C      C  N N 43  
ASN O      O  N N 44  
ASN CB     C  N N 45  
ASN CG     C  N N 46  
ASN OD1    O  N N 47  
ASN ND2    N  N N 48  
ASN OXT    O  N N 49  
ASN H      H  N N 50  
ASN H2     H  N N 51  
ASN HA     H  N N 52  
ASN HB2    H  N N 53  
ASN HB3    H  N N 54  
ASN HD21   H  N N 55  
ASN HD22   H  N N 56  
ASN HXT    H  N N 57  
ASP N      N  N N 58  
ASP CA     C  N S 59  
ASP C      C  N N 60  
ASP O      O  N N 61  
ASP CB     C  N N 62  
ASP CG     C  N N 63  
ASP OD1    O  N N 64  
ASP OD2    O  N N 65  
ASP OXT    O  N N 66  
ASP H      H  N N 67  
ASP H2     H  N N 68  
ASP HA     H  N N 69  
ASP HB2    H  N N 70  
ASP HB3    H  N N 71  
ASP HD2    H  N N 72  
ASP HXT    H  N N 73  
CYS N      N  N N 74  
CYS CA     C  N R 75  
CYS C      C  N N 76  
CYS O      O  N N 77  
CYS CB     C  N N 78  
CYS SG     S  N N 79  
CYS OXT    O  N N 80  
CYS H      H  N N 81  
CYS H2     H  N N 82  
CYS HA     H  N N 83  
CYS HB2    H  N N 84  
CYS HB3    H  N N 85  
CYS HG     H  N N 86  
CYS HXT    H  N N 87  
GLN N      N  N N 88  
GLN CA     C  N S 89  
GLN C      C  N N 90  
GLN O      O  N N 91  
GLN CB     C  N N 92  
GLN CG     C  N N 93  
GLN CD     C  N N 94  
GLN OE1    O  N N 95  
GLN NE2    N  N N 96  
GLN OXT    O  N N 97  
GLN H      H  N N 98  
GLN H2     H  N N 99  
GLN HA     H  N N 100 
GLN HB2    H  N N 101 
GLN HB3    H  N N 102 
GLN HG2    H  N N 103 
GLN HG3    H  N N 104 
GLN HE21   H  N N 105 
GLN HE22   H  N N 106 
GLN HXT    H  N N 107 
GLU N      N  N N 108 
GLU CA     C  N S 109 
GLU C      C  N N 110 
GLU O      O  N N 111 
GLU CB     C  N N 112 
GLU CG     C  N N 113 
GLU CD     C  N N 114 
GLU OE1    O  N N 115 
GLU OE2    O  N N 116 
GLU OXT    O  N N 117 
GLU H      H  N N 118 
GLU H2     H  N N 119 
GLU HA     H  N N 120 
GLU HB2    H  N N 121 
GLU HB3    H  N N 122 
GLU HG2    H  N N 123 
GLU HG3    H  N N 124 
GLU HE2    H  N N 125 
GLU HXT    H  N N 126 
GLY N      N  N N 127 
GLY CA     C  N N 128 
GLY C      C  N N 129 
GLY O      O  N N 130 
GLY OXT    O  N N 131 
GLY H      H  N N 132 
GLY H2     H  N N 133 
GLY HA2    H  N N 134 
GLY HA3    H  N N 135 
GLY HXT    H  N N 136 
GNP PG     P  N N 137 
GNP O1G    O  N N 138 
GNP O2G    O  N N 139 
GNP O3G    O  N N 140 
GNP N3B    N  N N 141 
GNP PB     P  N R 142 
GNP O1B    O  N N 143 
GNP O2B    O  N N 144 
GNP O3A    O  N N 145 
GNP PA     P  N S 146 
GNP O1A    O  N N 147 
GNP O2A    O  N N 148 
GNP "O5'"  O  N N 149 
GNP "C5'"  C  N N 150 
GNP "C4'"  C  N R 151 
GNP "O4'"  O  N N 152 
GNP "C3'"  C  N S 153 
GNP "O3'"  O  N N 154 
GNP "C2'"  C  N R 155 
GNP "O2'"  O  N N 156 
GNP "C1'"  C  N R 157 
GNP N9     N  Y N 158 
GNP C8     C  Y N 159 
GNP N7     N  Y N 160 
GNP C5     C  Y N 161 
GNP C6     C  Y N 162 
GNP O6     O  N N 163 
GNP N1     N  Y N 164 
GNP C2     C  Y N 165 
GNP N2     N  N N 166 
GNP N3     N  Y N 167 
GNP C4     C  Y N 168 
GNP HOG2   H  N N 169 
GNP HOG3   H  N N 170 
GNP HNB3   H  N N 171 
GNP HOB2   H  N N 172 
GNP HOA2   H  N N 173 
GNP "H5'2" H  N N 174 
GNP "H5'1" H  N N 175 
GNP "H4'"  H  N N 176 
GNP "H3'"  H  N N 177 
GNP "HO3'" H  N N 178 
GNP "H2'"  H  N N 179 
GNP "HO2'" H  N N 180 
GNP "H1'"  H  N N 181 
GNP H8     H  N N 182 
GNP HN1    H  N N 183 
GNP HN21   H  N N 184 
GNP HN22   H  N N 185 
HIS N      N  N N 186 
HIS CA     C  N S 187 
HIS C      C  N N 188 
HIS O      O  N N 189 
HIS CB     C  N N 190 
HIS CG     C  Y N 191 
HIS ND1    N  Y N 192 
HIS CD2    C  Y N 193 
HIS CE1    C  Y N 194 
HIS NE2    N  Y N 195 
HIS OXT    O  N N 196 
HIS H      H  N N 197 
HIS H2     H  N N 198 
HIS HA     H  N N 199 
HIS HB2    H  N N 200 
HIS HB3    H  N N 201 
HIS HD1    H  N N 202 
HIS HD2    H  N N 203 
HIS HE1    H  N N 204 
HIS HE2    H  N N 205 
HIS HXT    H  N N 206 
HOH O      O  N N 207 
HOH H1     H  N N 208 
HOH H2     H  N N 209 
ILE N      N  N N 210 
ILE CA     C  N S 211 
ILE C      C  N N 212 
ILE O      O  N N 213 
ILE CB     C  N S 214 
ILE CG1    C  N N 215 
ILE CG2    C  N N 216 
ILE CD1    C  N N 217 
ILE OXT    O  N N 218 
ILE H      H  N N 219 
ILE H2     H  N N 220 
ILE HA     H  N N 221 
ILE HB     H  N N 222 
ILE HG12   H  N N 223 
ILE HG13   H  N N 224 
ILE HG21   H  N N 225 
ILE HG22   H  N N 226 
ILE HG23   H  N N 227 
ILE HD11   H  N N 228 
ILE HD12   H  N N 229 
ILE HD13   H  N N 230 
ILE HXT    H  N N 231 
LEU N      N  N N 232 
LEU CA     C  N S 233 
LEU C      C  N N 234 
LEU O      O  N N 235 
LEU CB     C  N N 236 
LEU CG     C  N N 237 
LEU CD1    C  N N 238 
LEU CD2    C  N N 239 
LEU OXT    O  N N 240 
LEU H      H  N N 241 
LEU H2     H  N N 242 
LEU HA     H  N N 243 
LEU HB2    H  N N 244 
LEU HB3    H  N N 245 
LEU HG     H  N N 246 
LEU HD11   H  N N 247 
LEU HD12   H  N N 248 
LEU HD13   H  N N 249 
LEU HD21   H  N N 250 
LEU HD22   H  N N 251 
LEU HD23   H  N N 252 
LEU HXT    H  N N 253 
LYS N      N  N N 254 
LYS CA     C  N S 255 
LYS C      C  N N 256 
LYS O      O  N N 257 
LYS CB     C  N N 258 
LYS CG     C  N N 259 
LYS CD     C  N N 260 
LYS CE     C  N N 261 
LYS NZ     N  N N 262 
LYS OXT    O  N N 263 
LYS H      H  N N 264 
LYS H2     H  N N 265 
LYS HA     H  N N 266 
LYS HB2    H  N N 267 
LYS HB3    H  N N 268 
LYS HG2    H  N N 269 
LYS HG3    H  N N 270 
LYS HD2    H  N N 271 
LYS HD3    H  N N 272 
LYS HE2    H  N N 273 
LYS HE3    H  N N 274 
LYS HZ1    H  N N 275 
LYS HZ2    H  N N 276 
LYS HZ3    H  N N 277 
LYS HXT    H  N N 278 
MET N      N  N N 279 
MET CA     C  N S 280 
MET C      C  N N 281 
MET O      O  N N 282 
MET CB     C  N N 283 
MET CG     C  N N 284 
MET SD     S  N N 285 
MET CE     C  N N 286 
MET OXT    O  N N 287 
MET H      H  N N 288 
MET H2     H  N N 289 
MET HA     H  N N 290 
MET HB2    H  N N 291 
MET HB3    H  N N 292 
MET HG2    H  N N 293 
MET HG3    H  N N 294 
MET HE1    H  N N 295 
MET HE2    H  N N 296 
MET HE3    H  N N 297 
MET HXT    H  N N 298 
MG  MG     MG N N 299 
PHE N      N  N N 300 
PHE CA     C  N S 301 
PHE C      C  N N 302 
PHE O      O  N N 303 
PHE CB     C  N N 304 
PHE CG     C  Y N 305 
PHE CD1    C  Y N 306 
PHE CD2    C  Y N 307 
PHE CE1    C  Y N 308 
PHE CE2    C  Y N 309 
PHE CZ     C  Y N 310 
PHE OXT    O  N N 311 
PHE H      H  N N 312 
PHE H2     H  N N 313 
PHE HA     H  N N 314 
PHE HB2    H  N N 315 
PHE HB3    H  N N 316 
PHE HD1    H  N N 317 
PHE HD2    H  N N 318 
PHE HE1    H  N N 319 
PHE HE2    H  N N 320 
PHE HZ     H  N N 321 
PHE HXT    H  N N 322 
PRO N      N  N N 323 
PRO CA     C  N S 324 
PRO C      C  N N 325 
PRO O      O  N N 326 
PRO CB     C  N N 327 
PRO CG     C  N N 328 
PRO CD     C  N N 329 
PRO OXT    O  N N 330 
PRO H      H  N N 331 
PRO HA     H  N N 332 
PRO HB2    H  N N 333 
PRO HB3    H  N N 334 
PRO HG2    H  N N 335 
PRO HG3    H  N N 336 
PRO HD2    H  N N 337 
PRO HD3    H  N N 338 
PRO HXT    H  N N 339 
SER N      N  N N 340 
SER CA     C  N S 341 
SER C      C  N N 342 
SER O      O  N N 343 
SER CB     C  N N 344 
SER OG     O  N N 345 
SER OXT    O  N N 346 
SER H      H  N N 347 
SER H2     H  N N 348 
SER HA     H  N N 349 
SER HB2    H  N N 350 
SER HB3    H  N N 351 
SER HG     H  N N 352 
SER HXT    H  N N 353 
THR N      N  N N 354 
THR CA     C  N S 355 
THR C      C  N N 356 
THR O      O  N N 357 
THR CB     C  N R 358 
THR OG1    O  N N 359 
THR CG2    C  N N 360 
THR OXT    O  N N 361 
THR H      H  N N 362 
THR H2     H  N N 363 
THR HA     H  N N 364 
THR HB     H  N N 365 
THR HG1    H  N N 366 
THR HG21   H  N N 367 
THR HG22   H  N N 368 
THR HG23   H  N N 369 
THR HXT    H  N N 370 
TRP N      N  N N 371 
TRP CA     C  N S 372 
TRP C      C  N N 373 
TRP O      O  N N 374 
TRP CB     C  N N 375 
TRP CG     C  Y N 376 
TRP CD1    C  Y N 377 
TRP CD2    C  Y N 378 
TRP NE1    N  Y N 379 
TRP CE2    C  Y N 380 
TRP CE3    C  Y N 381 
TRP CZ2    C  Y N 382 
TRP CZ3    C  Y N 383 
TRP CH2    C  Y N 384 
TRP OXT    O  N N 385 
TRP H      H  N N 386 
TRP H2     H  N N 387 
TRP HA     H  N N 388 
TRP HB2    H  N N 389 
TRP HB3    H  N N 390 
TRP HD1    H  N N 391 
TRP HE1    H  N N 392 
TRP HE3    H  N N 393 
TRP HZ2    H  N N 394 
TRP HZ3    H  N N 395 
TRP HH2    H  N N 396 
TRP HXT    H  N N 397 
TYR N      N  N N 398 
TYR CA     C  N S 399 
TYR C      C  N N 400 
TYR O      O  N N 401 
TYR CB     C  N N 402 
TYR CG     C  Y N 403 
TYR CD1    C  Y N 404 
TYR CD2    C  Y N 405 
TYR CE1    C  Y N 406 
TYR CE2    C  Y N 407 
TYR CZ     C  Y N 408 
TYR OH     O  N N 409 
TYR OXT    O  N N 410 
TYR H      H  N N 411 
TYR H2     H  N N 412 
TYR HA     H  N N 413 
TYR HB2    H  N N 414 
TYR HB3    H  N N 415 
TYR HD1    H  N N 416 
TYR HD2    H  N N 417 
TYR HE1    H  N N 418 
TYR HE2    H  N N 419 
TYR HH     H  N N 420 
TYR HXT    H  N N 421 
VAL N      N  N N 422 
VAL CA     C  N S 423 
VAL C      C  N N 424 
VAL O      O  N N 425 
VAL CB     C  N N 426 
VAL CG1    C  N N 427 
VAL CG2    C  N N 428 
VAL OXT    O  N N 429 
VAL H      H  N N 430 
VAL H2     H  N N 431 
VAL HA     H  N N 432 
VAL HB     H  N N 433 
VAL HG11   H  N N 434 
VAL HG12   H  N N 435 
VAL HG13   H  N N 436 
VAL HG21   H  N N 437 
VAL HG22   H  N N 438 
VAL HG23   H  N N 439 
VAL HXT    H  N N 440 
# 
loop_
_chem_comp_bond.comp_id 
_chem_comp_bond.atom_id_1 
_chem_comp_bond.atom_id_2 
_chem_comp_bond.value_order 
_chem_comp_bond.pdbx_aromatic_flag 
_chem_comp_bond.pdbx_stereo_config 
_chem_comp_bond.pdbx_ordinal 
ALA N     CA     sing N N 1   
ALA N     H      sing N N 2   
ALA N     H2     sing N N 3   
ALA CA    C      sing N N 4   
ALA CA    CB     sing N N 5   
ALA CA    HA     sing N N 6   
ALA C     O      doub N N 7   
ALA C     OXT    sing N N 8   
ALA CB    HB1    sing N N 9   
ALA CB    HB2    sing N N 10  
ALA CB    HB3    sing N N 11  
ALA OXT   HXT    sing N N 12  
ARG N     CA     sing N N 13  
ARG N     H      sing N N 14  
ARG N     H2     sing N N 15  
ARG CA    C      sing N N 16  
ARG CA    CB     sing N N 17  
ARG CA    HA     sing N N 18  
ARG C     O      doub N N 19  
ARG C     OXT    sing N N 20  
ARG CB    CG     sing N N 21  
ARG CB    HB2    sing N N 22  
ARG CB    HB3    sing N N 23  
ARG CG    CD     sing N N 24  
ARG CG    HG2    sing N N 25  
ARG CG    HG3    sing N N 26  
ARG CD    NE     sing N N 27  
ARG CD    HD2    sing N N 28  
ARG CD    HD3    sing N N 29  
ARG NE    CZ     sing N N 30  
ARG NE    HE     sing N N 31  
ARG CZ    NH1    sing N N 32  
ARG CZ    NH2    doub N N 33  
ARG NH1   HH11   sing N N 34  
ARG NH1   HH12   sing N N 35  
ARG NH2   HH21   sing N N 36  
ARG NH2   HH22   sing N N 37  
ARG OXT   HXT    sing N N 38  
ASN N     CA     sing N N 39  
ASN N     H      sing N N 40  
ASN N     H2     sing N N 41  
ASN CA    C      sing N N 42  
ASN CA    CB     sing N N 43  
ASN CA    HA     sing N N 44  
ASN C     O      doub N N 45  
ASN C     OXT    sing N N 46  
ASN CB    CG     sing N N 47  
ASN CB    HB2    sing N N 48  
ASN CB    HB3    sing N N 49  
ASN CG    OD1    doub N N 50  
ASN CG    ND2    sing N N 51  
ASN ND2   HD21   sing N N 52  
ASN ND2   HD22   sing N N 53  
ASN OXT   HXT    sing N N 54  
ASP N     CA     sing N N 55  
ASP N     H      sing N N 56  
ASP N     H2     sing N N 57  
ASP CA    C      sing N N 58  
ASP CA    CB     sing N N 59  
ASP CA    HA     sing N N 60  
ASP C     O      doub N N 61  
ASP C     OXT    sing N N 62  
ASP CB    CG     sing N N 63  
ASP CB    HB2    sing N N 64  
ASP CB    HB3    sing N N 65  
ASP CG    OD1    doub N N 66  
ASP CG    OD2    sing N N 67  
ASP OD2   HD2    sing N N 68  
ASP OXT   HXT    sing N N 69  
CYS N     CA     sing N N 70  
CYS N     H      sing N N 71  
CYS N     H2     sing N N 72  
CYS CA    C      sing N N 73  
CYS CA    CB     sing N N 74  
CYS CA    HA     sing N N 75  
CYS C     O      doub N N 76  
CYS C     OXT    sing N N 77  
CYS CB    SG     sing N N 78  
CYS CB    HB2    sing N N 79  
CYS CB    HB3    sing N N 80  
CYS SG    HG     sing N N 81  
CYS OXT   HXT    sing N N 82  
GLN N     CA     sing N N 83  
GLN N     H      sing N N 84  
GLN N     H2     sing N N 85  
GLN CA    C      sing N N 86  
GLN CA    CB     sing N N 87  
GLN CA    HA     sing N N 88  
GLN C     O      doub N N 89  
GLN C     OXT    sing N N 90  
GLN CB    CG     sing N N 91  
GLN CB    HB2    sing N N 92  
GLN CB    HB3    sing N N 93  
GLN CG    CD     sing N N 94  
GLN CG    HG2    sing N N 95  
GLN CG    HG3    sing N N 96  
GLN CD    OE1    doub N N 97  
GLN CD    NE2    sing N N 98  
GLN NE2   HE21   sing N N 99  
GLN NE2   HE22   sing N N 100 
GLN OXT   HXT    sing N N 101 
GLU N     CA     sing N N 102 
GLU N     H      sing N N 103 
GLU N     H2     sing N N 104 
GLU CA    C      sing N N 105 
GLU CA    CB     sing N N 106 
GLU CA    HA     sing N N 107 
GLU C     O      doub N N 108 
GLU C     OXT    sing N N 109 
GLU CB    CG     sing N N 110 
GLU CB    HB2    sing N N 111 
GLU CB    HB3    sing N N 112 
GLU CG    CD     sing N N 113 
GLU CG    HG2    sing N N 114 
GLU CG    HG3    sing N N 115 
GLU CD    OE1    doub N N 116 
GLU CD    OE2    sing N N 117 
GLU OE2   HE2    sing N N 118 
GLU OXT   HXT    sing N N 119 
GLY N     CA     sing N N 120 
GLY N     H      sing N N 121 
GLY N     H2     sing N N 122 
GLY CA    C      sing N N 123 
GLY CA    HA2    sing N N 124 
GLY CA    HA3    sing N N 125 
GLY C     O      doub N N 126 
GLY C     OXT    sing N N 127 
GLY OXT   HXT    sing N N 128 
GNP PG    O1G    doub N N 129 
GNP PG    O2G    sing N N 130 
GNP PG    O3G    sing N N 131 
GNP PG    N3B    sing N N 132 
GNP O2G   HOG2   sing N N 133 
GNP O3G   HOG3   sing N N 134 
GNP N3B   PB     sing N N 135 
GNP N3B   HNB3   sing N N 136 
GNP PB    O1B    doub N N 137 
GNP PB    O2B    sing N N 138 
GNP PB    O3A    sing N N 139 
GNP O2B   HOB2   sing N N 140 
GNP O3A   PA     sing N N 141 
GNP PA    O1A    doub N N 142 
GNP PA    O2A    sing N N 143 
GNP PA    "O5'"  sing N N 144 
GNP O2A   HOA2   sing N N 145 
GNP "O5'" "C5'"  sing N N 146 
GNP "C5'" "C4'"  sing N N 147 
GNP "C5'" "H5'2" sing N N 148 
GNP "C5'" "H5'1" sing N N 149 
GNP "C4'" "O4'"  sing N N 150 
GNP "C4'" "C3'"  sing N N 151 
GNP "C4'" "H4'"  sing N N 152 
GNP "O4'" "C1'"  sing N N 153 
GNP "C3'" "O3'"  sing N N 154 
GNP "C3'" "C2'"  sing N N 155 
GNP "C3'" "H3'"  sing N N 156 
GNP "O3'" "HO3'" sing N N 157 
GNP "C2'" "O2'"  sing N N 158 
GNP "C2'" "C1'"  sing N N 159 
GNP "C2'" "H2'"  sing N N 160 
GNP "O2'" "HO2'" sing N N 161 
GNP "C1'" N9     sing N N 162 
GNP "C1'" "H1'"  sing N N 163 
GNP N9    C8     sing Y N 164 
GNP N9    C4     sing Y N 165 
GNP C8    N7     doub Y N 166 
GNP C8    H8     sing N N 167 
GNP N7    C5     sing Y N 168 
GNP C5    C6     sing Y N 169 
GNP C5    C4     doub Y N 170 
GNP C6    O6     doub N N 171 
GNP C6    N1     sing Y N 172 
GNP N1    C2     sing Y N 173 
GNP N1    HN1    sing N N 174 
GNP C2    N2     sing N N 175 
GNP C2    N3     doub Y N 176 
GNP N2    HN21   sing N N 177 
GNP N2    HN22   sing N N 178 
GNP N3    C4     sing Y N 179 
HIS N     CA     sing N N 180 
HIS N     H      sing N N 181 
HIS N     H2     sing N N 182 
HIS CA    C      sing N N 183 
HIS CA    CB     sing N N 184 
HIS CA    HA     sing N N 185 
HIS C     O      doub N N 186 
HIS C     OXT    sing N N 187 
HIS CB    CG     sing N N 188 
HIS CB    HB2    sing N N 189 
HIS CB    HB3    sing N N 190 
HIS CG    ND1    sing Y N 191 
HIS CG    CD2    doub Y N 192 
HIS ND1   CE1    doub Y N 193 
HIS ND1   HD1    sing N N 194 
HIS CD2   NE2    sing Y N 195 
HIS CD2   HD2    sing N N 196 
HIS CE1   NE2    sing Y N 197 
HIS CE1   HE1    sing N N 198 
HIS NE2   HE2    sing N N 199 
HIS OXT   HXT    sing N N 200 
HOH O     H1     sing N N 201 
HOH O     H2     sing N N 202 
ILE N     CA     sing N N 203 
ILE N     H      sing N N 204 
ILE N     H2     sing N N 205 
ILE CA    C      sing N N 206 
ILE CA    CB     sing N N 207 
ILE CA    HA     sing N N 208 
ILE C     O      doub N N 209 
ILE C     OXT    sing N N 210 
ILE CB    CG1    sing N N 211 
ILE CB    CG2    sing N N 212 
ILE CB    HB     sing N N 213 
ILE CG1   CD1    sing N N 214 
ILE CG1   HG12   sing N N 215 
ILE CG1   HG13   sing N N 216 
ILE CG2   HG21   sing N N 217 
ILE CG2   HG22   sing N N 218 
ILE CG2   HG23   sing N N 219 
ILE CD1   HD11   sing N N 220 
ILE CD1   HD12   sing N N 221 
ILE CD1   HD13   sing N N 222 
ILE OXT   HXT    sing N N 223 
LEU N     CA     sing N N 224 
LEU N     H      sing N N 225 
LEU N     H2     sing N N 226 
LEU CA    C      sing N N 227 
LEU CA    CB     sing N N 228 
LEU CA    HA     sing N N 229 
LEU C     O      doub N N 230 
LEU C     OXT    sing N N 231 
LEU CB    CG     sing N N 232 
LEU CB    HB2    sing N N 233 
LEU CB    HB3    sing N N 234 
LEU CG    CD1    sing N N 235 
LEU CG    CD2    sing N N 236 
LEU CG    HG     sing N N 237 
LEU CD1   HD11   sing N N 238 
LEU CD1   HD12   sing N N 239 
LEU CD1   HD13   sing N N 240 
LEU CD2   HD21   sing N N 241 
LEU CD2   HD22   sing N N 242 
LEU CD2   HD23   sing N N 243 
LEU OXT   HXT    sing N N 244 
LYS N     CA     sing N N 245 
LYS N     H      sing N N 246 
LYS N     H2     sing N N 247 
LYS CA    C      sing N N 248 
LYS CA    CB     sing N N 249 
LYS CA    HA     sing N N 250 
LYS C     O      doub N N 251 
LYS C     OXT    sing N N 252 
LYS CB    CG     sing N N 253 
LYS CB    HB2    sing N N 254 
LYS CB    HB3    sing N N 255 
LYS CG    CD     sing N N 256 
LYS CG    HG2    sing N N 257 
LYS CG    HG3    sing N N 258 
LYS CD    CE     sing N N 259 
LYS CD    HD2    sing N N 260 
LYS CD    HD3    sing N N 261 
LYS CE    NZ     sing N N 262 
LYS CE    HE2    sing N N 263 
LYS CE    HE3    sing N N 264 
LYS NZ    HZ1    sing N N 265 
LYS NZ    HZ2    sing N N 266 
LYS NZ    HZ3    sing N N 267 
LYS OXT   HXT    sing N N 268 
MET N     CA     sing N N 269 
MET N     H      sing N N 270 
MET N     H2     sing N N 271 
MET CA    C      sing N N 272 
MET CA    CB     sing N N 273 
MET CA    HA     sing N N 274 
MET C     O      doub N N 275 
MET C     OXT    sing N N 276 
MET CB    CG     sing N N 277 
MET CB    HB2    sing N N 278 
MET CB    HB3    sing N N 279 
MET CG    SD     sing N N 280 
MET CG    HG2    sing N N 281 
MET CG    HG3    sing N N 282 
MET SD    CE     sing N N 283 
MET CE    HE1    sing N N 284 
MET CE    HE2    sing N N 285 
MET CE    HE3    sing N N 286 
MET OXT   HXT    sing N N 287 
PHE N     CA     sing N N 288 
PHE N     H      sing N N 289 
PHE N     H2     sing N N 290 
PHE CA    C      sing N N 291 
PHE CA    CB     sing N N 292 
PHE CA    HA     sing N N 293 
PHE C     O      doub N N 294 
PHE C     OXT    sing N N 295 
PHE CB    CG     sing N N 296 
PHE CB    HB2    sing N N 297 
PHE CB    HB3    sing N N 298 
PHE CG    CD1    doub Y N 299 
PHE CG    CD2    sing Y N 300 
PHE CD1   CE1    sing Y N 301 
PHE CD1   HD1    sing N N 302 
PHE CD2   CE2    doub Y N 303 
PHE CD2   HD2    sing N N 304 
PHE CE1   CZ     doub Y N 305 
PHE CE1   HE1    sing N N 306 
PHE CE2   CZ     sing Y N 307 
PHE CE2   HE2    sing N N 308 
PHE CZ    HZ     sing N N 309 
PHE OXT   HXT    sing N N 310 
PRO N     CA     sing N N 311 
PRO N     CD     sing N N 312 
PRO N     H      sing N N 313 
PRO CA    C      sing N N 314 
PRO CA    CB     sing N N 315 
PRO CA    HA     sing N N 316 
PRO C     O      doub N N 317 
PRO C     OXT    sing N N 318 
PRO CB    CG     sing N N 319 
PRO CB    HB2    sing N N 320 
PRO CB    HB3    sing N N 321 
PRO CG    CD     sing N N 322 
PRO CG    HG2    sing N N 323 
PRO CG    HG3    sing N N 324 
PRO CD    HD2    sing N N 325 
PRO CD    HD3    sing N N 326 
PRO OXT   HXT    sing N N 327 
SER N     CA     sing N N 328 
SER N     H      sing N N 329 
SER N     H2     sing N N 330 
SER CA    C      sing N N 331 
SER CA    CB     sing N N 332 
SER CA    HA     sing N N 333 
SER C     O      doub N N 334 
SER C     OXT    sing N N 335 
SER CB    OG     sing N N 336 
SER CB    HB2    sing N N 337 
SER CB    HB3    sing N N 338 
SER OG    HG     sing N N 339 
SER OXT   HXT    sing N N 340 
THR N     CA     sing N N 341 
THR N     H      sing N N 342 
THR N     H2     sing N N 343 
THR CA    C      sing N N 344 
THR CA    CB     sing N N 345 
THR CA    HA     sing N N 346 
THR C     O      doub N N 347 
THR C     OXT    sing N N 348 
THR CB    OG1    sing N N 349 
THR CB    CG2    sing N N 350 
THR CB    HB     sing N N 351 
THR OG1   HG1    sing N N 352 
THR CG2   HG21   sing N N 353 
THR CG2   HG22   sing N N 354 
THR CG2   HG23   sing N N 355 
THR OXT   HXT    sing N N 356 
TRP N     CA     sing N N 357 
TRP N     H      sing N N 358 
TRP N     H2     sing N N 359 
TRP CA    C      sing N N 360 
TRP CA    CB     sing N N 361 
TRP CA    HA     sing N N 362 
TRP C     O      doub N N 363 
TRP C     OXT    sing N N 364 
TRP CB    CG     sing N N 365 
TRP CB    HB2    sing N N 366 
TRP CB    HB3    sing N N 367 
TRP CG    CD1    doub Y N 368 
TRP CG    CD2    sing Y N 369 
TRP CD1   NE1    sing Y N 370 
TRP CD1   HD1    sing N N 371 
TRP CD2   CE2    doub Y N 372 
TRP CD2   CE3    sing Y N 373 
TRP NE1   CE2    sing Y N 374 
TRP NE1   HE1    sing N N 375 
TRP CE2   CZ2    sing Y N 376 
TRP CE3   CZ3    doub Y N 377 
TRP CE3   HE3    sing N N 378 
TRP CZ2   CH2    doub Y N 379 
TRP CZ2   HZ2    sing N N 380 
TRP CZ3   CH2    sing Y N 381 
TRP CZ3   HZ3    sing N N 382 
TRP CH2   HH2    sing N N 383 
TRP OXT   HXT    sing N N 384 
TYR N     CA     sing N N 385 
TYR N     H      sing N N 386 
TYR N     H2     sing N N 387 
TYR CA    C      sing N N 388 
TYR CA    CB     sing N N 389 
TYR CA    HA     sing N N 390 
TYR C     O      doub N N 391 
TYR C     OXT    sing N N 392 
TYR CB    CG     sing N N 393 
TYR CB    HB2    sing N N 394 
TYR CB    HB3    sing N N 395 
TYR CG    CD1    doub Y N 396 
TYR CG    CD2    sing Y N 397 
TYR CD1   CE1    sing Y N 398 
TYR CD1   HD1    sing N N 399 
TYR CD2   CE2    doub Y N 400 
TYR CD2   HD2    sing N N 401 
TYR CE1   CZ     doub Y N 402 
TYR CE1   HE1    sing N N 403 
TYR CE2   CZ     sing Y N 404 
TYR CE2   HE2    sing N N 405 
TYR CZ    OH     sing N N 406 
TYR OH    HH     sing N N 407 
TYR OXT   HXT    sing N N 408 
VAL N     CA     sing N N 409 
VAL N     H      sing N N 410 
VAL N     H2     sing N N 411 
VAL CA    C      sing N N 412 
VAL CA    CB     sing N N 413 
VAL CA    HA     sing N N 414 
VAL C     O      doub N N 415 
VAL C     OXT    sing N N 416 
VAL CB    CG1    sing N N 417 
VAL CB    CG2    sing N N 418 
VAL CB    HB     sing N N 419 
VAL CG1   HG11   sing N N 420 
VAL CG1   HG12   sing N N 421 
VAL CG1   HG13   sing N N 422 
VAL CG2   HG21   sing N N 423 
VAL CG2   HG22   sing N N 424 
VAL CG2   HG23   sing N N 425 
VAL OXT   HXT    sing N N 426 
# 
_pdbx_audit_support.funding_organization   'National Natural Science Foundation of China (NSFC)' 
_pdbx_audit_support.country                China 
_pdbx_audit_support.grant_number           ? 
_pdbx_audit_support.ordinal                1 
# 
_pdbx_initial_refinement_model.id               1 
_pdbx_initial_refinement_model.entity_id_list   ? 
_pdbx_initial_refinement_model.type             'experimental model' 
_pdbx_initial_refinement_model.source_name      PDB 
_pdbx_initial_refinement_model.accession_code   1FTN 
_pdbx_initial_refinement_model.details          ? 
# 
_atom_sites.entry_id                    8ZO0 
_atom_sites.Cartn_transf_matrix[1][1]   ? 
_atom_sites.Cartn_transf_matrix[1][2]   ? 
_atom_sites.Cartn_transf_matrix[1][3]   ? 
_atom_sites.Cartn_transf_matrix[2][1]   ? 
_atom_sites.Cartn_transf_matrix[2][2]   ? 
_atom_sites.Cartn_transf_matrix[2][3]   ? 
_atom_sites.Cartn_transf_matrix[3][1]   ? 
_atom_sites.Cartn_transf_matrix[3][2]   ? 
_atom_sites.Cartn_transf_matrix[3][3]   ? 
_atom_sites.Cartn_transf_vector[1]      ? 
_atom_sites.Cartn_transf_vector[2]      ? 
_atom_sites.Cartn_transf_vector[3]      ? 
_atom_sites.Cartn_transform_axes        ? 
_atom_sites.fract_transf_matrix[1][1]   0.01019760 
_atom_sites.fract_transf_matrix[1][2]   -0.02925371 
_atom_sites.fract_transf_matrix[1][3]   -0.00022712 
_atom_sites.fract_transf_matrix[2][1]   0.00427327 
_atom_sites.fract_transf_matrix[2][2]   0.00137280 
_atom_sites.fract_transf_matrix[2][3]   0.01504788 
_atom_sites.fract_transf_matrix[3][1]   -0.01108203 
_atom_sites.fract_transf_matrix[3][2]   -0.00389029 
_atom_sites.fract_transf_matrix[3][3]   0.00350196 
_atom_sites.fract_transf_vector[1]      -0.369085 
_atom_sites.fract_transf_vector[2]      -0.025523 
_atom_sites.fract_transf_vector[3]      0.104582 
_atom_sites.solution_primary            ? 
_atom_sites.solution_secondary          ? 
_atom_sites.solution_hydrogens          ? 
_atom_sites.special_details             ? 
# 
loop_
_atom_type.symbol 
C  
MG 
N  
O  
P  
S  
# 
loop_
_atom_site.group_PDB 
_atom_site.id 
_atom_site.type_symbol 
_atom_site.label_atom_id 
_atom_site.label_alt_id 
_atom_site.label_comp_id 
_atom_site.label_asym_id 
_atom_site.label_entity_id 
_atom_site.label_seq_id 
_atom_site.pdbx_PDB_ins_code 
_atom_site.Cartn_x 
_atom_site.Cartn_y 
_atom_site.Cartn_z 
_atom_site.occupancy 
_atom_site.B_iso_or_equiv 
_atom_site.pdbx_formal_charge 
_atom_site.auth_seq_id 
_atom_site.auth_comp_id 
_atom_site.auth_asym_id 
_atom_site.auth_atom_id 
_atom_site.pdbx_PDB_model_num 
ATOM   1    N  N     . ALA A 1 4   ? 22.218  9.665   -6.495  1.00 37.30 ?  3   ALA A N     1 
ATOM   2    C  CA    . ALA A 1 4   ? 20.765  9.618   -6.417  1.00 35.24 ?  3   ALA A CA    1 
ATOM   3    C  C     . ALA A 1 4   ? 20.270  9.690   -4.966  1.00 39.03 ?  3   ALA A C     1 
ATOM   4    O  O     . ALA A 1 4   ? 20.910  9.172   -4.052  1.00 45.53 ?  3   ALA A O     1 
ATOM   5    C  CB    . ALA A 1 4   ? 20.250  8.355   -7.089  1.00 38.41 ?  3   ALA A CB    1 
ATOM   6    N  N     . ILE A 1 5   ? 19.128  10.352  -4.766  1.00 38.43 ?  4   ILE A N     1 
ATOM   7    C  CA    . ILE A 1 5   ? 18.500  10.382  -3.452  1.00 37.39 ?  4   ILE A CA    1 
ATOM   8    C  C     . ILE A 1 5   ? 18.077  8.976   -3.067  1.00 31.92 ?  4   ILE A C     1 
ATOM   9    O  O     . ILE A 1 5   ? 17.577  8.206   -3.899  1.00 33.68 ?  4   ILE A O     1 
ATOM   10   C  CB    . ILE A 1 5   ? 17.286  11.324  -3.459  1.00 34.92 ?  4   ILE A CB    1 
ATOM   11   C  CG1   . ILE A 1 5   ? 17.593  12.591  -4.258  1.00 38.84 ?  4   ILE A CG1   1 
ATOM   12   C  CG2   . ILE A 1 5   ? 16.862  11.663  -2.036  1.00 30.45 ?  4   ILE A CG2   1 
ATOM   13   C  CD1   . ILE A 1 5   ? 18.560  13.521  -3.560  1.00 39.45 ?  4   ILE A CD1   1 
ATOM   14   N  N     . ARG A 1 6   ? 18.246  8.643   -1.789  1.00 33.45 ?  5   ARG A N     1 
ATOM   15   C  CA    . ARG A 1 6   ? 17.946  7.315   -1.271  1.00 30.57 ?  5   ARG A CA    1 
ATOM   16   C  C     . ARG A 1 6   ? 16.834  7.421   -0.236  1.00 28.78 ?  5   ARG A C     1 
ATOM   17   O  O     . ARG A 1 6   ? 17.020  8.039   0.815   1.00 28.69 ?  5   ARG A O     1 
ATOM   18   C  CB    . ARG A 1 6   ? 19.199  6.691   -0.658  1.00 36.22 ?  5   ARG A CB    1 
ATOM   19   C  CG    . ARG A 1 6   ? 20.489  7.093   -1.362  1.00 39.61 ?  5   ARG A CG    1 
ATOM   20   C  CD    . ARG A 1 6   ? 21.200  5.877   -1.926  1.00 44.39 ?  5   ARG A CD    1 
ATOM   21   N  NE    . ARG A 1 6   ? 21.607  4.953   -0.871  1.00 44.18 ?  5   ARG A NE    1 
ATOM   22   C  CZ    . ARG A 1 6   ? 22.069  3.727   -1.086  1.00 45.02 ?  5   ARG A CZ    1 
ATOM   23   N  NH1   . ARG A 1 6   ? 22.181  3.231   -2.311  1.00 36.86 ?  5   ARG A NH1   1 
ATOM   24   N  NH2   . ARG A 1 6   ? 22.424  2.975   -0.048  1.00 42.79 ?  5   ARG A NH2   1 
ATOM   25   N  N     . LYS A 1 7   ? 15.691  6.805   -0.523  1.00 26.46 ?  6   LYS A N     1 
ATOM   26   C  CA    . LYS A 1 7   ? 14.562  6.822   0.394   1.00 27.63 ?  6   LYS A CA    1 
ATOM   27   C  C     . LYS A 1 7   ? 14.116  5.399   0.705   1.00 24.16 ?  6   LYS A C     1 
ATOM   28   O  O     . LYS A 1 7   ? 14.149  4.519   -0.161  1.00 25.90 ?  6   LYS A O     1 
ATOM   29   C  CB    . LYS A 1 7   ? 13.393  7.643   -0.189  1.00 25.21 ?  6   LYS A CB    1 
ATOM   30   C  CG    . LYS A 1 7   ? 13.732  9.119   -0.401  1.00 26.96 ?  6   LYS A CG    1 
ATOM   31   C  CD    . LYS A 1 7   ? 14.200  9.796   0.896   1.00 26.64 ?  6   LYS A CD    1 
ATOM   32   C  CE    . LYS A 1 7   ? 14.484  11.280  0.668   1.00 30.91 ?  6   LYS A CE    1 
ATOM   33   N  NZ    . LYS A 1 7   ? 14.237  12.099  1.883   1.00 26.55 ?  6   LYS A NZ    1 
ATOM   34   N  N     . LYS A 1 8   ? 13.703  5.178   1.948   1.00 22.77 ?  7   LYS A N     1 
ATOM   35   C  CA    . LYS A 1 8   ? 13.178  3.893   2.388   1.00 26.16 ?  7   LYS A CA    1 
ATOM   36   C  C     . LYS A 1 8   ? 11.659  3.941   2.418   1.00 24.42 ?  7   LYS A C     1 
ATOM   37   O  O     . LYS A 1 8   ? 11.072  4.859   3.003   1.00 21.76 ?  7   LYS A O     1 
ATOM   38   C  CB    . LYS A 1 8   ? 13.714  3.521   3.769   1.00 22.78 ?  7   LYS A CB    1 
ATOM   39   C  CG    . LYS A 1 8   ? 12.949  2.394   4.431   1.00 25.13 ?  7   LYS A CG    1 
ATOM   40   C  CD    . LYS A 1 8   ? 13.705  1.865   5.641   1.00 24.32 ?  7   LYS A CD    1 
ATOM   41   C  CE    . LYS A 1 8   ? 12.871  0.853   6.391   1.00 22.81 ?  7   LYS A CE    1 
ATOM   42   N  NZ    . LYS A 1 8   ? 13.635  0.209   7.493   1.00 20.94 ?  7   LYS A NZ    1 
ATOM   43   N  N     . LEU A 1 9   ? 11.035  2.953   1.785   1.00 21.71 ?  8   LEU A N     1 
ATOM   44   C  CA    . LEU A 1 9   ? 9.588   2.817   1.725   1.00 22.18 ?  8   LEU A CA    1 
ATOM   45   C  C     . LEU A 1 9   ? 9.180   1.524   2.417   1.00 23.65 ?  8   LEU A C     1 
ATOM   46   O  O     . LEU A 1 9   ? 9.805   0.476   2.211   1.00 22.89 ?  8   LEU A O     1 
ATOM   47   C  CB    . LEU A 1 9   ? 9.101   2.818   0.268   1.00 21.06 ?  8   LEU A CB    1 
ATOM   48   C  CG    . LEU A 1 9   ? 7.598   2.741   -0.028  1.00 25.25 ?  8   LEU A CG    1 
ATOM   49   C  CD1   . LEU A 1 9   ? 7.319   3.417   -1.363  1.00 22.70 ?  8   LEU A CD1   1 
ATOM   50   C  CD2   . LEU A 1 9   ? 7.077   1.297   -0.048  1.00 21.59 ?  8   LEU A CD2   1 
ATOM   51   N  N     . VAL A 1 10  ? 8.120   1.623   3.207   1.00 19.28 ?  9   VAL A N     1 
ATOM   52   C  CA    . VAL A 1 10  ? 7.563   0.435   3.908   1.00 22.84 ?  9   VAL A CA    1 
ATOM   53   C  C     . VAL A 1 10  ? 6.078   0.328   3.539   1.00 21.80 ?  9   VAL A C     1 
ATOM   54   O  O     . VAL A 1 10  ? 5.363   1.332   3.637   1.00 18.30 ?  9   VAL A O     1 
ATOM   55   C  CB    . VAL A 1 10  ? 7.764   0.442   5.436   1.00 24.97 ?  9   VAL A CB    1 
ATOM   56   C  CG1   . VAL A 1 10  ? 7.054   -0.727  6.104   1.00 22.36 ?  9   VAL A CG1   1 
ATOM   57   C  CG2   . VAL A 1 10  ? 9.236   0.472   5.817   1.00 22.21 ?  9   VAL A CG2   1 
ATOM   58   N  N     . ILE A 1 11  ? 5.659   -0.850  3.108   1.00 21.69 ?  10  ILE A N     1 
ATOM   59   C  CA    . ILE A 1 11  ? 4.266   -1.097  2.744   1.00 18.52 ?  10  ILE A CA    1 
ATOM   60   C  C     . ILE A 1 11  ? 3.627   -1.983  3.813   1.00 19.47 ?  10  ILE A C     1 
ATOM   61   O  O     . ILE A 1 11  ? 4.204   -3.000  4.226   1.00 19.13 ?  10  ILE A O     1 
ATOM   62   C  CB    . ILE A 1 11  ? 4.158   -1.711  1.334   1.00 20.30 ?  10  ILE A CB    1 
ATOM   63   C  CG1   . ILE A 1 11  ? 2.692   -1.836  0.898   1.00 21.39 ?  10  ILE A CG1   1 
ATOM   64   C  CG2   . ILE A 1 11  ? 4.901   -3.048  1.245   1.00 19.90 ?  10  ILE A CG2   1 
ATOM   65   C  CD1   . ILE A 1 11  ? 2.530   -1.991  -0.605  1.00 19.68 ?  10  ILE A CD1   1 
ATOM   66   N  N     . VAL A 1 12  ? 2.449   -1.563  4.294   1.00 18.06 ?  11  VAL A N     1 
ATOM   67   C  CA    . VAL A 1 12  ? 1.700   -2.261  5.330   1.00 18.37 ?  11  VAL A CA    1 
ATOM   68   C  C     . VAL A 1 12  ? 0.223   -2.279  4.940   1.00 21.92 ?  11  VAL A C     1 
ATOM   69   O  O     . VAL A 1 12  ? -0.229  -1.516  4.080   1.00 20.34 ?  11  VAL A O     1 
ATOM   70   C  CB    . VAL A 1 12  ? 1.867   -1.600  6.724   1.00 21.42 ?  11  VAL A CB    1 
ATOM   71   C  CG1   . VAL A 1 12  ? 3.342   -1.365  7.057   1.00 21.47 ?  11  VAL A CG1   1 
ATOM   72   C  CG2   . VAL A 1 12  ? 1.081   -0.276  6.784   1.00 19.19 ?  11  VAL A CG2   1 
ATOM   73   N  N     . GLY A 1 13  ? -0.534  -3.139  5.608   1.00 21.45 ?  12  GLY A N     1 
ATOM   74   C  CA    . GLY A 1 13  ? -1.931  -3.379  5.296   1.00 23.65 ?  12  GLY A CA    1 
ATOM   75   C  C     . GLY A 1 13  ? -2.314  -4.837  5.514   1.00 25.35 ?  12  GLY A C     1 
ATOM   76   O  O     . GLY A 1 13  ? -1.460  -5.723  5.607   1.00 24.30 ?  12  GLY A O     1 
ATOM   77   N  N     . ASP A 1 14  ? -3.632  -5.087  5.572   1.00 19.96 ?  13  ASP A N     1 
ATOM   78   C  CA    . ASP A 1 14  ? -4.176  -6.398  5.919   1.00 20.59 ?  13  ASP A CA    1 
ATOM   79   C  C     . ASP A 1 14  ? -3.637  -7.502  5.026   1.00 22.63 ?  13  ASP A C     1 
ATOM   80   O  O     . ASP A 1 14  ? -3.284  -7.277  3.865   1.00 22.14 ?  13  ASP A O     1 
ATOM   81   C  CB    . ASP A 1 14  ? -5.703  -6.413  5.787   1.00 23.49 ?  13  ASP A CB    1 
ATOM   82   C  CG    . ASP A 1 14  ? -6.385  -5.830  6.979   1.00 23.53 ?  13  ASP A CG    1 
ATOM   83   O  OD1   . ASP A 1 14  ? -5.672  -5.261  7.833   1.00 21.31 ?  13  ASP A OD1   1 
ATOM   84   O  OD2   . ASP A 1 14  ? -7.626  -5.951  7.056   1.00 25.52 ?  13  ASP A OD2   1 
ATOM   85   N  N     . GLY A 1 15  ? -3.636  -8.722  5.569   1.00 23.24 ?  14  GLY A N     1 
ATOM   86   C  CA    . GLY A 1 15  ? -3.245  -9.899  4.822   1.00 21.87 ?  14  GLY A CA    1 
ATOM   87   C  C     . GLY A 1 15  ? -4.016  -9.991  3.525   1.00 23.89 ?  14  GLY A C     1 
ATOM   88   O  O     . GLY A 1 15  ? -5.220  -9.719  3.503   1.00 25.98 ?  14  GLY A O     1 
ATOM   89   N  N     . ALA A 1 16  ? -3.314  -10.294 2.433   1.00 22.46 ?  15  ALA A N     1 
ATOM   90   C  CA    . ALA A 1 16  ? -3.883  -10.559 1.113   1.00 20.53 ?  15  ALA A CA    1 
ATOM   91   C  C     . ALA A 1 16  ? -4.479  -9.320  0.442   1.00 26.65 ?  15  ALA A C     1 
ATOM   92   O  O     . ALA A 1 16  ? -5.208  -9.443  -0.552  1.00 22.73 ?  15  ALA A O     1 
ATOM   93   C  CB    . ALA A 1 16  ? -4.933  -11.673 1.174   1.00 19.76 ?  15  ALA A CB    1 
ATOM   94   N  N     . CYS A 1 17  ? -4.165  -8.114  0.911   1.00 22.12 ?  16  CYS A N     1 
ATOM   95   C  CA    . CYS A 1 17  ? -4.690  -6.954  0.207   1.00 24.31 ?  16  CYS A CA    1 
ATOM   96   C  C     . CYS A 1 17  ? -3.814  -6.538  -0.979  1.00 27.53 ?  16  CYS A C     1 
ATOM   97   O  O     . CYS A 1 17  ? -4.077  -5.496  -1.593  1.00 25.33 ?  16  CYS A O     1 
ATOM   98   C  CB    . CYS A 1 17  ? -4.900  -5.782  1.180   1.00 21.67 ?  16  CYS A CB    1 
ATOM   99   S  SG    . CYS A 1 17  ? -3.411  -4.831  1.586   1.00 25.55 ?  16  CYS A SG    1 
ATOM   100  N  N     . GLY A 1 18  ? -2.798  -7.323  -1.331  1.00 24.69 ?  17  GLY A N     1 
ATOM   101  C  CA    . GLY A 1 18  ? -2.050  -7.090  -2.551  1.00 21.90 ?  17  GLY A CA    1 
ATOM   102  C  C     . GLY A 1 18  ? -0.728  -6.365  -2.405  1.00 23.88 ?  17  GLY A C     1 
ATOM   103  O  O     . GLY A 1 18  ? -0.226  -5.837  -3.408  1.00 20.21 ?  17  GLY A O     1 
ATOM   104  N  N     . LYS A 1 19  ? -0.146  -6.328  -1.202  1.00 18.32 ?  18  LYS A N     1 
ATOM   105  C  CA    . LYS A 1 19  ? 1.090   -5.575  -1.002  1.00 20.75 ?  18  LYS A CA    1 
ATOM   106  C  C     . LYS A 1 19  ? 2.230   -6.122  -1.858  1.00 23.06 ?  18  LYS A C     1 
ATOM   107  O  O     . LYS A 1 19  ? 2.883   -5.371  -2.598  1.00 23.18 ?  18  LYS A O     1 
ATOM   108  C  CB    . LYS A 1 19  ? 1.481   -5.583  0.479   1.00 20.55 ?  18  LYS A CB    1 
ATOM   109  C  CG    . LYS A 1 19  ? 0.469   -4.898  1.399   1.00 19.65 ?  18  LYS A CG    1 
ATOM   110  C  CD    . LYS A 1 19  ? 0.883   -4.979  2.860   1.00 19.77 ?  18  LYS A CD    1 
ATOM   111  C  CE    . LYS A 1 19  ? 0.982   -6.424  3.371   1.00 20.84 ?  18  LYS A CE    1 
ATOM   112  N  NZ    . LYS A 1 19  ? -0.306  -7.143  3.253   1.00 21.27 ?  18  LYS A NZ    1 
ATOM   113  N  N     . THR A 1 20  ? 2.493   -7.429  -1.764  1.00 20.76 ?  19  THR A N     1 
ATOM   114  C  CA    . THR A 1 20  ? 3.646   -8.005  -2.451  1.00 21.10 ?  19  THR A CA    1 
ATOM   115  C  C     . THR A 1 20  ? 3.522   -7.877  -3.970  1.00 23.50 ?  19  THR A C     1 
ATOM   116  O  O     . THR A 1 20  ? 4.493   -7.519  -4.653  1.00 21.50 ?  19  THR A O     1 
ATOM   117  C  CB    . THR A 1 20  ? 3.814   -9.462  -2.024  1.00 22.53 ?  19  THR A CB    1 
ATOM   118  O  OG1   . THR A 1 20  ? 4.006   -9.506  -0.605  1.00 21.61 ?  19  THR A OG1   1 
ATOM   119  C  CG2   . THR A 1 20  ? 4.998   -10.100 -2.708  1.00 22.98 ?  19  THR A CG2   1 
ATOM   120  N  N     . CYS A 1 21  ? 2.329   -8.134  -4.517  1.00 21.77 ?  20  CYS A N     1 
ATOM   121  C  CA    . CYS A 1 21  ? 2.135   -7.976  -5.959  1.00 22.86 ?  20  CYS A CA    1 
ATOM   122  C  C     . CYS A 1 21  ? 2.370   -6.534  -6.406  1.00 24.14 ?  20  CYS A C     1 
ATOM   123  O  O     . CYS A 1 21  ? 2.894   -6.296  -7.501  1.00 25.37 ?  20  CYS A O     1 
ATOM   124  C  CB    . CYS A 1 21  ? 0.733   -8.443  -6.354  1.00 24.98 ?  20  CYS A CB    1 
ATOM   125  S  SG    . CYS A 1 21  ? 0.532   -10.266 -6.237  1.00 27.74 ?  20  CYS A SG    1 
ATOM   126  N  N     . LEU A 1 22  ? 2.004   -5.558  -5.570  1.00 20.91 ?  21  LEU A N     1 
ATOM   127  C  CA    . LEU A 1 22  ? 2.206   -4.158  -5.936  1.00 20.91 ?  21  LEU A CA    1 
ATOM   128  C  C     . LEU A 1 22  ? 3.690   -3.814  -6.004  1.00 23.47 ?  21  LEU A C     1 
ATOM   129  O  O     . LEU A 1 22  ? 4.147   -3.163  -6.953  1.00 21.01 ?  21  LEU A O     1 
ATOM   130  C  CB    . LEU A 1 22  ? 1.491   -3.241  -4.942  1.00 20.46 ?  21  LEU A CB    1 
ATOM   131  C  CG    . LEU A 1 22  ? 1.604   -1.744  -5.247  1.00 24.14 ?  21  LEU A CG    1 
ATOM   132  C  CD1   . LEU A 1 22  ? 0.955   -1.395  -6.592  1.00 23.54 ?  21  LEU A CD1   1 
ATOM   133  C  CD2   . LEU A 1 22  ? 0.962   -0.925  -4.132  1.00 24.79 ?  21  LEU A CD2   1 
ATOM   134  N  N     . LEU A 1 23  ? 4.461   -4.238  -5.000  1.00 23.28 ?  22  LEU A N     1 
ATOM   135  C  CA    . LEU A 1 23  ? 5.903   -4.005  -5.039  1.00 24.44 ?  22  LEU A CA    1 
ATOM   136  C  C     . LEU A 1 23  ? 6.536   -4.634  -6.275  1.00 26.47 ?  22  LEU A C     1 
ATOM   137  O  O     . LEU A 1 23  ? 7.425   -4.039  -6.896  1.00 26.44 ?  22  LEU A O     1 
ATOM   138  C  CB    . LEU A 1 23  ? 6.567   -4.554  -3.778  1.00 19.55 ?  22  LEU A CB    1 
ATOM   139  C  CG    . LEU A 1 23  ? 6.156   -3.992  -2.419  1.00 20.95 ?  22  LEU A CG    1 
ATOM   140  C  CD1   . LEU A 1 23  ? 7.030   -4.626  -1.359  1.00 21.88 ?  22  LEU A CD1   1 
ATOM   141  C  CD2   . LEU A 1 23  ? 6.273   -2.471  -2.390  1.00 21.28 ?  22  LEU A CD2   1 
ATOM   142  N  N     . ILE A 1 24  ? 6.094   -5.837  -6.650  1.00 23.00 ?  23  ILE A N     1 
ATOM   143  C  CA    . ILE A 1 24  ? 6.761   -6.560  -7.731  1.00 25.25 ?  23  ILE A CA    1 
ATOM   144  C  C     . ILE A 1 24  ? 6.351   -6.016  -9.090  1.00 30.53 ?  23  ILE A C     1 
ATOM   145  O  O     . ILE A 1 24  ? 7.193   -5.869  -9.989  1.00 26.01 ?  23  ILE A O     1 
ATOM   146  C  CB    . ILE A 1 24  ? 6.484   -8.068  -7.613  1.00 28.55 ?  23  ILE A CB    1 
ATOM   147  C  CG1   . ILE A 1 24  ? 7.131   -8.602  -6.334  1.00 23.39 ?  23  ILE A CG1   1 
ATOM   148  C  CG2   . ILE A 1 24  ? 6.983   -8.811  -8.872  1.00 25.84 ?  23  ILE A CG2   1 
ATOM   149  C  CD1   . ILE A 1 24  ? 6.722   -10.007 -5.976  1.00 32.42 ?  23  ILE A CD1   1 
ATOM   150  N  N     . VAL A 1 25  ? 5.055   -5.717  -9.267  1.00 27.77 ?  24  VAL A N     1 
ATOM   151  C  CA    . VAL A 1 25  ? 4.614   -5.054  -10.491 1.00 25.86 ?  24  VAL A CA    1 
ATOM   152  C  C     . VAL A 1 25  ? 5.388   -3.758  -10.687 1.00 26.75 ?  24  VAL A C     1 
ATOM   153  O  O     . VAL A 1 25  ? 5.857   -3.459  -11.790 1.00 29.90 ?  24  VAL A O     1 
ATOM   154  C  CB    . VAL A 1 25  ? 3.085   -4.818  -10.469 1.00 23.83 ?  24  VAL A CB    1 
ATOM   155  C  CG1   . VAL A 1 25  ? 2.687   -3.727  -11.447 1.00 25.75 ?  24  VAL A CG1   1 
ATOM   156  C  CG2   . VAL A 1 25  ? 2.358   -6.095  -10.828 1.00 28.92 ?  24  VAL A CG2   1 
ATOM   157  N  N     . PHE A 1 26  ? 5.586   -2.991  -9.616  1.00 25.35 ?  25  PHE A N     1 
ATOM   158  C  CA    . PHE A 1 26  ? 6.276   -1.717  -9.786  1.00 26.11 ?  25  PHE A CA    1 
ATOM   159  C  C     . PHE A 1 26  ? 7.765   -1.917  -10.060 1.00 26.98 ?  25  PHE A C     1 
ATOM   160  O  O     . PHE A 1 26  ? 8.332   -1.265  -10.941 1.00 27.00 ?  25  PHE A O     1 
ATOM   161  C  CB    . PHE A 1 26  ? 6.075   -0.820  -8.569  1.00 22.91 ?  25  PHE A CB    1 
ATOM   162  C  CG    . PHE A 1 26  ? 6.913   0.419   -8.613  1.00 25.23 ?  25  PHE A CG    1 
ATOM   163  C  CD1   . PHE A 1 26  ? 6.615   1.444   -9.504  1.00 25.31 ?  25  PHE A CD1   1 
ATOM   164  C  CD2   . PHE A 1 26  ? 8.022   0.556   -7.785  1.00 27.58 ?  25  PHE A CD2   1 
ATOM   165  C  CE1   . PHE A 1 26  ? 7.406   2.595   -9.565  1.00 25.13 ?  25  PHE A CE1   1 
ATOM   166  C  CE2   . PHE A 1 26  ? 8.813   1.700   -7.841  1.00 27.51 ?  25  PHE A CE2   1 
ATOM   167  C  CZ    . PHE A 1 26  ? 8.501   2.721   -8.738  1.00 25.55 ?  25  PHE A CZ    1 
ATOM   168  N  N     . SER A 1 27  ? 8.425   -2.800  -9.310  1.00 24.78 ?  26  SER A N     1 
ATOM   169  C  CA    . SER A 1 27  ? 9.870   -2.932  -9.463  1.00 26.05 ?  26  SER A CA    1 
ATOM   170  C  C     . SER A 1 27  ? 10.270  -3.859  -10.614 1.00 26.56 ?  26  SER A C     1 
ATOM   171  O  O     . SER A 1 27  ? 11.358  -3.693  -11.175 1.00 28.03 ?  26  SER A O     1 
ATOM   172  C  CB    . SER A 1 27  ? 10.506  -3.422  -8.157  1.00 26.52 ?  26  SER A CB    1 
ATOM   173  O  OG    . SER A 1 27  ? 10.068  -4.731  -7.825  1.00 25.54 ?  26  SER A OG    1 
ATOM   174  N  N     . LYS A 1 28  ? 9.427   -4.825  -10.991 1.00 27.96 ?  27  LYS A N     1 
ATOM   175  C  CA    . LYS A 1 28  ? 9.773   -5.772  -12.047 1.00 29.21 ?  27  LYS A CA    1 
ATOM   176  C  C     . LYS A 1 28  ? 8.840   -5.728  -13.248 1.00 31.54 ?  27  LYS A C     1 
ATOM   177  O  O     . LYS A 1 28  ? 9.045   -6.499  -14.197 1.00 34.45 ?  27  LYS A O     1 
ATOM   178  C  CB    . LYS A 1 28  ? 9.803   -7.207  -11.496 1.00 25.47 ?  27  LYS A CB    1 
ATOM   179  C  CG    . LYS A 1 28  ? 10.505  -7.332  -10.151 1.00 31.06 ?  27  LYS A CG    1 
ATOM   180  C  CD    . LYS A 1 28  ? 10.861  -8.778  -9.808  1.00 32.52 ?  27  LYS A CD    1 
ATOM   181  C  CE    . LYS A 1 28  ? 12.257  -9.145  -10.293 1.00 34.45 ?  27  LYS A CE    1 
ATOM   182  N  NZ    . LYS A 1 28  ? 13.053  -9.786  -9.195  1.00 40.82 ?  27  LYS A NZ    1 
ATOM   183  N  N     . ASP A 1 29  ? 7.801   -4.891  -13.222 1.00 27.68 ?  28  ASP A N     1 
ATOM   184  C  CA    . ASP A 1 29  ? 6.888   -4.718  -14.350 1.00 34.30 ?  28  ASP A CA    1 
ATOM   185  C  C     . ASP A 1 29  ? 6.164   -6.017  -14.713 1.00 36.04 ?  28  ASP A C     1 
ATOM   186  O  O     . ASP A 1 29  ? 5.747   -6.214  -15.855 1.00 39.19 ?  28  ASP A O     1 
ATOM   187  C  CB    . ASP A 1 29  ? 7.633   -4.143  -15.561 1.00 34.49 ?  28  ASP A CB    1 
ATOM   188  C  CG    . ASP A 1 29  ? 6.708   -3.791  -16.706 1.00 39.97 ?  28  ASP A CG    1 
ATOM   189  O  OD1   . ASP A 1 29  ? 5.762   -2.999  -16.494 1.00 35.56 ?  28  ASP A OD1   1 
ATOM   190  O  OD2   . ASP A 1 29  ? 6.933   -4.320  -17.818 1.00 42.99 ?  28  ASP A OD2   1 
ATOM   191  N  N     . GLN A 1 30  ? 5.980   -6.914  -13.746 1.00 35.37 ?  29  GLN A N     1 
ATOM   192  C  CA    . GLN A 1 30  ? 5.347   -8.198  -14.023 1.00 33.74 ?  29  GLN A CA    1 
ATOM   193  C  C     . GLN A 1 30  ? 4.561   -8.658  -12.808 1.00 34.99 ?  29  GLN A C     1 
ATOM   194  O  O     . GLN A 1 30  ? 5.074   -8.622  -11.683 1.00 31.02 ?  29  GLN A O     1 
ATOM   195  C  CB    . GLN A 1 30  ? 6.380   -9.261  -14.400 1.00 35.79 ?  29  GLN A CB    1 
ATOM   196  C  CG    . GLN A 1 30  ? 6.044   -9.999  -15.692 1.00 45.77 ?  29  GLN A CG    1 
ATOM   197  C  CD    . GLN A 1 30  ? 5.949   -9.061  -16.898 1.00 49.85 ?  29  GLN A CD    1 
ATOM   198  O  OE1   . GLN A 1 30  ? 6.917   -8.377  -17.245 1.00 48.31 ?  29  GLN A OE1   1 
ATOM   199  N  NE2   . GLN A 1 30  ? 4.774   -9.016  -17.533 1.00 43.23 ?  29  GLN A NE2   1 
ATOM   200  N  N     . PHE A 1 31  ? 3.333   -9.096  -13.044 1.00 31.37 ?  30  PHE A N     1 
ATOM   201  C  CA    . PHE A 1 31  ? 2.530   -9.644  -11.967 1.00 32.30 ?  30  PHE A CA    1 
ATOM   202  C  C     . PHE A 1 31  ? 3.114   -10.994 -11.561 1.00 35.00 ?  30  PHE A C     1 
ATOM   203  O  O     . PHE A 1 31  ? 3.357   -11.841 -12.429 1.00 39.22 ?  30  PHE A O     1 
ATOM   204  C  CB    . PHE A 1 31  ? 1.073   -9.786  -12.405 1.00 34.37 ?  30  PHE A CB    1 
ATOM   205  C  CG    . PHE A 1 31  ? 0.111   -9.927  -11.258 1.00 34.70 ?  30  PHE A CG    1 
ATOM   206  C  CD1   . PHE A 1 31  ? -0.407  -8.802  -10.632 1.00 27.16 ?  30  PHE A CD1   1 
ATOM   207  C  CD2   . PHE A 1 31  ? -0.271  -11.179 -10.801 1.00 34.78 ?  30  PHE A CD2   1 
ATOM   208  C  CE1   . PHE A 1 31  ? -1.286  -8.919  -9.574  1.00 23.92 ?  30  PHE A CE1   1 
ATOM   209  C  CE2   . PHE A 1 31  ? -1.156  -11.306 -9.730  1.00 34.69 ?  30  PHE A CE2   1 
ATOM   210  C  CZ    . PHE A 1 31  ? -1.664  -10.174 -9.121  1.00 27.38 ?  30  PHE A CZ    1 
ATOM   211  N  N     . PRO A 1 32  ? 3.362   -11.223 -10.272 1.00 35.34 ?  31  PRO A N     1 
ATOM   212  C  CA    . PRO A 1 32  ? 4.063   -12.451 -9.859  1.00 36.01 ?  31  PRO A CA    1 
ATOM   213  C  C     . PRO A 1 32  ? 3.262   -13.706 -10.163 1.00 38.73 ?  31  PRO A C     1 
ATOM   214  O  O     . PRO A 1 32  ? 2.038   -13.731 -10.047 1.00 36.87 ?  31  PRO A O     1 
ATOM   215  C  CB    . PRO A 1 32  ? 4.236   -12.276 -8.343  1.00 36.20 ?  31  PRO A CB    1 
ATOM   216  C  CG    . PRO A 1 32  ? 3.776   -10.892 -8.022  1.00 33.09 ?  31  PRO A CG    1 
ATOM   217  C  CD    . PRO A 1 32  ? 2.912   -10.416 -9.132  1.00 29.67 ?  31  PRO A CD    1 
ATOM   218  N  N     . GLU A 1 33  ? 3.978   -14.765 -10.530 1.00 43.29 ?  32  GLU A N     1 
ATOM   219  C  CA    . GLU A 1 33  ? 3.392   -16.095 -10.648 1.00 44.55 ?  32  GLU A CA    1 
ATOM   220  C  C     . GLU A 1 33  ? 3.503   -16.855 -9.326  1.00 50.00 ?  32  GLU A C     1 
ATOM   221  O  O     . GLU A 1 33  ? 2.490   -17.242 -8.730  1.00 49.38 ?  32  GLU A O     1 
ATOM   222  C  CB    . GLU A 1 33  ? 4.089   -16.878 -11.769 1.00 49.53 ?  32  GLU A CB    1 
ATOM   223  C  CG    . GLU A 1 33  ? 4.722   -16.007 -12.861 1.00 54.64 ?  32  GLU A CG    1 
ATOM   224  C  CD    . GLU A 1 33  ? 3.760   -15.667 -13.993 1.00 61.04 ?  32  GLU A CD    1 
ATOM   225  O  OE1   . GLU A 1 33  ? 2.578   -16.078 -13.925 1.00 63.43 ?  32  GLU A OE1   1 
ATOM   226  O  OE2   . GLU A 1 33  ? 4.189   -14.988 -14.955 1.00 63.26 ?  32  GLU A OE2   1 
ATOM   227  N  N     . VAL A 1 34  ? 4.738   -17.067 -8.856  1.00 45.33 ?  33  VAL A N     1 
ATOM   228  C  CA    . VAL A 1 34  ? 4.967   -17.817 -7.628  1.00 38.91 ?  33  VAL A CA    1 
ATOM   229  C  C     . VAL A 1 34  ? 4.560   -16.975 -6.422  1.00 34.60 ?  33  VAL A C     1 
ATOM   230  O  O     . VAL A 1 34  ? 4.477   -15.745 -6.482  1.00 32.42 ?  33  VAL A O     1 
ATOM   231  C  CB    . VAL A 1 34  ? 6.438   -18.249 -7.533  1.00 37.86 ?  33  VAL A CB    1 
ATOM   232  C  CG1   . VAL A 1 34  ? 6.872   -18.941 -8.811  1.00 41.10 ?  33  VAL A CG1   1 
ATOM   233  C  CG2   . VAL A 1 34  ? 7.319   -17.038 -7.259  1.00 35.20 ?  33  VAL A CG2   1 
ATOM   234  N  N     . TYR A 1 35  ? 4.318   -17.654 -5.301  1.00 33.65 ?  34  TYR A N     1 
ATOM   235  C  CA    . TYR A 1 35  ? 3.860   -17.009 -4.078  1.00 28.11 ?  34  TYR A CA    1 
ATOM   236  C  C     . TYR A 1 35  ? 5.009   -16.829 -3.092  1.00 27.38 ?  34  TYR A C     1 
ATOM   237  O  O     . TYR A 1 35  ? 5.663   -17.804 -2.710  1.00 25.31 ?  34  TYR A O     1 
ATOM   238  C  CB    . TYR A 1 35  ? 2.748   -17.807 -3.400  1.00 29.26 ?  34  TYR A CB    1 
ATOM   239  C  CG    . TYR A 1 35  ? 2.390   -17.181 -2.071  1.00 29.67 ?  34  TYR A CG    1 
ATOM   240  C  CD1   . TYR A 1 35  ? 1.674   -15.989 -2.026  1.00 26.35 ?  34  TYR A CD1   1 
ATOM   241  C  CD2   . TYR A 1 35  ? 2.822   -17.741 -0.871  1.00 25.13 ?  34  TYR A CD2   1 
ATOM   242  C  CE1   . TYR A 1 35  ? 1.368   -15.384 -0.815  1.00 27.38 ?  34  TYR A CE1   1 
ATOM   243  C  CE2   . TYR A 1 35  ? 2.523   -17.158 0.334   1.00 26.94 ?  34  TYR A CE2   1 
ATOM   244  C  CZ    . TYR A 1 35  ? 1.792   -15.968 0.358   1.00 31.74 ?  34  TYR A CZ    1 
ATOM   245  O  OH    . TYR A 1 35  ? 1.480   -15.365 1.557   1.00 33.34 ?  34  TYR A OH    1 
ATOM   246  N  N     . VAL A 1 36  ? 5.230   -15.589 -2.662  1.00 24.66 ?  35  VAL A N     1 
ATOM   247  C  CA    . VAL A 1 36  ? 6.069   -15.284 -1.503  1.00 26.36 ?  35  VAL A CA    1 
ATOM   248  C  C     . VAL A 1 36  ? 5.282   -14.380 -0.559  1.00 26.94 ?  35  VAL A C     1 
ATOM   249  O  O     . VAL A 1 36  ? 4.575   -13.468 -1.021  1.00 28.45 ?  35  VAL A O     1 
ATOM   250  C  CB    . VAL A 1 36  ? 7.405   -14.637 -1.912  1.00 28.04 ?  35  VAL A CB    1 
ATOM   251  C  CG1   . VAL A 1 36  ? 8.214   -15.594 -2.786  1.00 28.38 ?  35  VAL A CG1   1 
ATOM   252  C  CG2   . VAL A 1 36  ? 7.185   -13.290 -2.624  1.00 26.51 ?  35  VAL A CG2   1 
ATOM   253  N  N     . PRO A 1 37  ? 5.337   -14.617 0.756   1.00 25.27 ?  36  PRO A N     1 
ATOM   254  C  CA    . PRO A 1 37  ? 4.673   -13.688 1.692   1.00 25.55 ?  36  PRO A CA    1 
ATOM   255  C  C     . PRO A 1 37  ? 5.221   -12.275 1.620   1.00 26.14 ?  36  PRO A C     1 
ATOM   256  O  O     . PRO A 1 37  ? 4.446   -11.308 1.589   1.00 22.43 ?  36  PRO A O     1 
ATOM   257  C  CB    . PRO A 1 37  ? 4.931   -14.335 3.063   1.00 24.72 ?  36  PRO A CB    1 
ATOM   258  C  CG    . PRO A 1 37  ? 5.106   -15.788 2.768   1.00 28.86 ?  36  PRO A CG    1 
ATOM   259  C  CD    . PRO A 1 37  ? 5.785   -15.855 1.420   1.00 26.17 ?  36  PRO A CD    1 
ATOM   260  N  N     . THR A 1 38  ? 6.547   -12.129 1.622   1.00 23.82 ?  37  THR A N     1 
ATOM   261  C  CA    . THR A 1 38  ? 7.221   -10.846 1.475   1.00 25.39 ?  37  THR A CA    1 
ATOM   262  C  C     . THR A 1 38  ? 8.346   -10.991 0.468   1.00 26.79 ?  37  THR A C     1 
ATOM   263  O  O     . THR A 1 38  ? 9.027   -12.025 0.438   1.00 21.30 ?  37  THR A O     1 
ATOM   264  C  CB    . THR A 1 38  ? 7.817   -10.344 2.799   1.00 22.78 ?  37  THR A CB    1 
ATOM   265  O  OG1   . THR A 1 38  ? 8.695   -11.342 3.333   1.00 26.09 ?  37  THR A OG1   1 
ATOM   266  C  CG2   . THR A 1 38  ? 6.731   -10.056 3.797   1.00 23.47 ?  37  THR A CG2   1 
ATOM   267  N  N     . VAL A 1 39  ? 8.536   -9.951  -0.348  1.00 26.14 ?  38  VAL A N     1 
ATOM   268  C  CA    . VAL A 1 39  ? 9.691   -9.854  -1.234  1.00 23.43 ?  38  VAL A CA    1 
ATOM   269  C  C     . VAL A 1 39  ? 10.952  -9.961  -0.386  1.00 33.98 ?  38  VAL A C     1 
ATOM   270  O  O     . VAL A 1 39  ? 11.227  -9.091  0.454   1.00 26.23 ?  38  VAL A O     1 
ATOM   271  C  CB    . VAL A 1 39  ? 9.681   -8.540  -2.033  1.00 29.92 ?  38  VAL A CB    1 
ATOM   272  C  CG1   . VAL A 1 39  ? 11.006  -8.361  -2.812  1.00 26.76 ?  38  VAL A CG1   1 
ATOM   273  C  CG2   . VAL A 1 39  ? 8.494   -8.509  -2.969  1.00 28.44 ?  38  VAL A CG2   1 
ATOM   274  N  N     . PHE A 1 40  ? 11.727  -11.032 -0.590  1.00 32.89 ?  39  PHE A N     1 
ATOM   275  C  CA    . PHE A 1 40  ? 12.853  -11.306 0.284   1.00 31.58 ?  39  PHE A CA    1 
ATOM   276  C  C     . PHE A 1 40  ? 14.207  -11.008 -0.331  1.00 34.07 ?  39  PHE A C     1 
ATOM   277  O  O     . PHE A 1 40  ? 15.180  -10.874 0.414   1.00 39.19 ?  39  PHE A O     1 
ATOM   278  C  CB    . PHE A 1 40  ? 12.833  -12.766 0.761   1.00 29.02 ?  39  PHE A CB    1 
ATOM   279  C  CG    . PHE A 1 40  ? 12.941  -13.799 -0.345  1.00 29.63 ?  39  PHE A CG    1 
ATOM   280  C  CD1   . PHE A 1 40  ? 14.170  -14.143 -0.878  1.00 26.08 ?  39  PHE A CD1   1 
ATOM   281  C  CD2   . PHE A 1 40  ? 11.812  -14.480 -0.789  1.00 25.57 ?  39  PHE A CD2   1 
ATOM   282  C  CE1   . PHE A 1 40  ? 14.269  -15.113 -1.858  1.00 31.43 ?  39  PHE A CE1   1 
ATOM   283  C  CE2   . PHE A 1 40  ? 11.904  -15.447 -1.766  1.00 25.40 ?  39  PHE A CE2   1 
ATOM   284  C  CZ    . PHE A 1 40  ? 13.137  -15.765 -2.303  1.00 27.28 ?  39  PHE A CZ    1 
ATOM   285  N  N     . GLU A 1 41  ? 14.308  -10.930 -1.651  1.00 37.63 ?  40  GLU A N     1 
ATOM   286  C  CA    . GLU A 1 41  ? 15.575  -10.572 -2.272  1.00 41.33 ?  40  GLU A CA    1 
ATOM   287  C  C     . GLU A 1 41  ? 15.541  -9.096  -2.626  1.00 44.75 ?  40  GLU A C     1 
ATOM   288  O  O     . GLU A 1 41  ? 14.471  -8.485  -2.703  1.00 48.90 ?  40  GLU A O     1 
ATOM   289  C  CB    . GLU A 1 41  ? 15.869  -11.435 -3.505  1.00 38.39 ?  40  GLU A CB    1 
ATOM   290  C  CG    . GLU A 1 41  ? 14.785  -11.464 -4.544  1.00 36.48 ?  40  GLU A CG    1 
ATOM   291  C  CD    . GLU A 1 41  ? 14.953  -12.607 -5.527  1.00 37.70 ?  40  GLU A CD    1 
ATOM   292  O  OE1   . GLU A 1 41  ? 16.080  -13.139 -5.656  1.00 30.24 ?  40  GLU A OE1   1 
ATOM   293  O  OE2   . GLU A 1 41  ? 13.946  -12.978 -6.170  1.00 45.51 ?  40  GLU A OE2   1 
ATOM   294  N  N     . ASN A 1 42  ? 16.732  -8.526  -2.820  1.00 52.57 ?  41  ASN A N     1 
ATOM   295  C  CA    . ASN A 1 42  ? 16.881  -7.077  -2.778  1.00 52.48 ?  41  ASN A CA    1 
ATOM   296  C  C     . ASN A 1 42  ? 15.925  -6.402  -3.752  1.00 46.57 ?  41  ASN A C     1 
ATOM   297  O  O     . ASN A 1 42  ? 15.624  -6.917  -4.834  1.00 48.86 ?  41  ASN A O     1 
ATOM   298  C  CB    . ASN A 1 42  ? 18.325  -6.663  -3.061  1.00 56.79 ?  41  ASN A CB    1 
ATOM   299  C  CG    . ASN A 1 42  ? 18.911  -5.841  -1.927  1.00 52.75 ?  41  ASN A CG    1 
ATOM   300  O  OD1   . ASN A 1 42  ? 18.869  -6.256  -0.767  1.00 52.67 ?  41  ASN A OD1   1 
ATOM   301  N  ND2   . ASN A 1 42  ? 19.431  -4.658  -2.249  1.00 51.02 ?  41  ASN A ND2   1 
ATOM   302  N  N     . CYS A 1 43  ? 15.462  -5.228  -3.342  1.00 41.55 ?  42  CYS A N     1 
ATOM   303  C  CA    . CYS A 1 43  ? 14.220  -4.639  -3.782  1.00 36.42 ?  42  CYS A CA    1 
ATOM   304  C  C     . CYS A 1 43  ? 14.345  -3.117  -3.766  1.00 31.84 ?  42  CYS A C     1 
ATOM   305  O  O     . CYS A 1 43  ? 13.614  -2.401  -3.083  1.00 26.70 ?  42  CYS A O     1 
ATOM   306  C  CB    . CYS A 1 43  ? 13.111  -5.139  -2.850  1.00 44.98 ?  42  CYS A CB    1 
ATOM   307  S  SG    . CYS A 1 43  ? 13.790  -5.498  -1.166  1.00 62.43 ?  42  CYS A SG    1 
ATOM   308  N  N     . VAL A 1 44  ? 15.316  -2.603  -4.516  1.00 31.30 ?  43  VAL A N     1 
ATOM   309  C  CA    . VAL A 1 44  ? 15.568  -1.174  -4.642  1.00 30.89 ?  43  VAL A CA    1 
ATOM   310  C  C     . VAL A 1 44  ? 15.199  -0.775  -6.063  1.00 34.47 ?  43  VAL A C     1 
ATOM   311  O  O     . VAL A 1 44  ? 15.808  -1.262  -7.020  1.00 35.98 ?  43  VAL A O     1 
ATOM   312  C  CB    . VAL A 1 44  ? 17.034  -0.832  -4.343  1.00 31.87 ?  43  VAL A CB    1 
ATOM   313  C  CG1   . VAL A 1 44  ? 17.259  0.679   -4.428  1.00 34.48 ?  43  VAL A CG1   1 
ATOM   314  C  CG2   . VAL A 1 44  ? 17.431  -1.360  -2.981  1.00 34.41 ?  43  VAL A CG2   1 
ATOM   315  N  N     . ALA A 1 45  ? 14.207  0.103   -6.199  1.00 31.55 ?  44  ALA A N     1 
ATOM   316  C  CA    . ALA A 1 45  ? 13.729  0.576   -7.489  1.00 31.34 ?  44  ALA A CA    1 
ATOM   317  C  C     . ALA A 1 45  ? 14.108  2.036   -7.704  1.00 32.53 ?  44  ALA A C     1 
ATOM   318  O  O     . ALA A 1 45  ? 14.153  2.833   -6.761  1.00 36.83 ?  44  ALA A O     1 
ATOM   319  C  CB    . ALA A 1 45  ? 12.209  0.421   -7.610  1.00 26.64 ?  44  ALA A CB    1 
ATOM   320  N  N     . ASP A 1 46  ? 14.367  2.379   -8.963  1.00 34.56 ?  45  ASP A N     1 
ATOM   321  C  CA    . ASP A 1 46  ? 14.698  3.736   -9.374  1.00 36.09 ?  45  ASP A CA    1 
ATOM   322  C  C     . ASP A 1 46  ? 13.455  4.460   -9.856  1.00 34.78 ?  45  ASP A C     1 
ATOM   323  O  O     . ASP A 1 46  ? 12.558  3.865   -10.460 1.00 38.06 ?  45  ASP A O     1 
ATOM   324  C  CB    . ASP A 1 46  ? 15.733  3.726   -10.497 1.00 33.88 ?  45  ASP A CB    1 
ATOM   325  C  CG    . ASP A 1 46  ? 17.043  3.140   -10.065 1.00 43.64 ?  45  ASP A CG    1 
ATOM   326  O  OD1   . ASP A 1 46  ? 17.555  3.577   -9.017  1.00 47.63 ?  45  ASP A OD1   1 
ATOM   327  O  OD2   . ASP A 1 46  ? 17.559  2.241   -10.763 1.00 48.13 ?  45  ASP A OD2   1 
ATOM   328  N  N     . ILE A 1 47  ? 13.412  5.763   -9.598  1.00 32.65 ?  46  ILE A N     1 
ATOM   329  C  CA    . ILE A 1 47  ? 12.310  6.584   -10.078 1.00 32.32 ?  46  ILE A CA    1 
ATOM   330  C  C     . ILE A 1 47  ? 12.807  8.018   -10.204 1.00 36.36 ?  46  ILE A C     1 
ATOM   331  O  O     . ILE A 1 47  ? 13.661  8.464   -9.432  1.00 31.92 ?  46  ILE A O     1 
ATOM   332  C  CB    . ILE A 1 47  ? 11.082  6.473   -9.143  1.00 32.72 ?  46  ILE A CB    1 
ATOM   333  C  CG1   . ILE A 1 47  ? 9.831   7.018   -9.837  1.00 40.77 ?  46  ILE A CG1   1 
ATOM   334  C  CG2   . ILE A 1 47  ? 11.337  7.190   -7.815  1.00 33.90 ?  46  ILE A CG2   1 
ATOM   335  C  CD1   . ILE A 1 47  ? 8.630   7.165   -8.930  1.00 35.04 ?  46  ILE A CD1   1 
ATOM   336  N  N     . GLU A 1 48  ? 12.295  8.734   -11.205 1.00 36.00 ?  47  GLU A N     1 
ATOM   337  C  CA    . GLU A 1 48  ? 12.612  10.144  -11.394 1.00 40.32 ?  47  GLU A CA    1 
ATOM   338  C  C     . GLU A 1 48  ? 11.390  11.004  -11.114 1.00 36.08 ?  47  GLU A C     1 
ATOM   339  O  O     . GLU A 1 48  ? 10.288  10.703  -11.582 1.00 39.52 ?  47  GLU A O     1 
ATOM   340  C  CB    . GLU A 1 48  ? 13.118  10.453  -12.804 1.00 43.24 ?  47  GLU A CB    1 
ATOM   341  C  CG    . GLU A 1 48  ? 13.546  11.923  -12.908 1.00 46.85 ?  47  GLU A CG    1 
ATOM   342  C  CD    . GLU A 1 48  ? 13.731  12.425  -14.321 1.00 49.48 ?  47  GLU A CD    1 
ATOM   343  O  OE1   . GLU A 1 48  ? 14.489  11.792  -15.081 1.00 52.01 ?  47  GLU A OE1   1 
ATOM   344  O  OE2   . GLU A 1 48  ? 13.118  13.463  -14.666 1.00 54.93 ?  47  GLU A OE2   1 
ATOM   345  N  N     . VAL A 1 49  ? 11.597  12.085  -10.370 1.00 37.51 ?  48  VAL A N     1 
ATOM   346  C  CA    . VAL A 1 49  ? 10.539  13.019  -10.019 1.00 42.26 ?  48  VAL A CA    1 
ATOM   347  C  C     . VAL A 1 49  ? 11.102  14.428  -10.131 1.00 40.11 ?  48  VAL A C     1 
ATOM   348  O  O     . VAL A 1 49  ? 12.037  14.781  -9.405  1.00 42.78 ?  48  VAL A O     1 
ATOM   349  C  CB    . VAL A 1 49  ? 9.992   12.763  -8.602  1.00 40.64 ?  48  VAL A CB    1 
ATOM   350  C  CG1   . VAL A 1 49  ? 9.243   13.980  -8.101  1.00 40.56 ?  48  VAL A CG1   1 
ATOM   351  C  CG2   . VAL A 1 49  ? 9.077   11.538  -8.610  1.00 35.60 ?  48  VAL A CG2   1 
ATOM   352  N  N     . ASP A 1 50  ? 10.549  15.225  -11.046 1.00 45.87 ?  49  ASP A N     1 
ATOM   353  C  CA    . ASP A 1 50  ? 10.973  16.611  -11.257 1.00 41.91 ?  49  ASP A CA    1 
ATOM   354  C  C     . ASP A 1 50  ? 12.478  16.708  -11.487 1.00 46.36 ?  49  ASP A C     1 
ATOM   355  O  O     . ASP A 1 50  ? 13.175  17.518  -10.874 1.00 49.63 ?  49  ASP A O     1 
ATOM   356  C  CB    . ASP A 1 50  ? 10.550  17.495  -10.085 1.00 42.25 ?  49  ASP A CB    1 
ATOM   357  C  CG    . ASP A 1 50  ? 9.100   17.319  -9.733  1.00 45.51 ?  49  ASP A CG    1 
ATOM   358  O  OD1   . ASP A 1 50  ? 8.352   16.788  -10.582 1.00 44.35 ?  49  ASP A OD1   1 
ATOM   359  O  OD2   . ASP A 1 50  ? 8.708   17.697  -8.610  1.00 47.32 ?  49  ASP A OD2   1 
ATOM   360  N  N     . GLY A 1 51  ? 12.985  15.866  -12.388 1.00 46.46 ?  50  GLY A N     1 
ATOM   361  C  CA    . GLY A 1 51  ? 14.398  15.833  -12.678 1.00 47.57 ?  50  GLY A CA    1 
ATOM   362  C  C     . GLY A 1 51  ? 15.258  15.102  -11.672 1.00 52.59 ?  50  GLY A C     1 
ATOM   363  O  O     . GLY A 1 51  ? 16.366  14.680  -12.028 1.00 53.76 ?  50  GLY A O     1 
ATOM   364  N  N     . LYS A 1 52  ? 14.789  14.927  -10.434 1.00 49.53 ?  51  LYS A N     1 
ATOM   365  C  CA    . LYS A 1 52  ? 15.585  14.282  -9.395  1.00 44.76 ?  51  LYS A CA    1 
ATOM   366  C  C     . LYS A 1 52  ? 15.497  12.762  -9.516  1.00 45.54 ?  51  LYS A C     1 
ATOM   367  O  O     . LYS A 1 52  ? 14.402  12.196  -9.613  1.00 46.25 ?  51  LYS A O     1 
ATOM   368  C  CB    . LYS A 1 52  ? 15.113  14.737  -8.014  1.00 44.33 ?  51  LYS A CB    1 
ATOM   369  C  CG    . LYS A 1 52  ? 15.066  16.246  -7.863  1.00 49.58 ?  51  LYS A CG    1 
ATOM   370  C  CD    . LYS A 1 52  ? 14.353  16.664  -6.586  1.00 46.62 ?  51  LYS A CD    1 
ATOM   371  C  CE    . LYS A 1 52  ? 14.094  18.164  -6.562  1.00 49.59 ?  51  LYS A CE    1 
ATOM   372  N  NZ    . LYS A 1 52  ? 13.278  18.581  -5.383  1.00 57.72 ?  51  LYS A NZ    1 
ATOM   373  N  N     . GLN A 1 53  ? 16.653  12.103  -9.523  1.00 44.31 ?  52  GLN A N     1 
ATOM   374  C  CA    . GLN A 1 53  ? 16.699  10.647  -9.481  1.00 40.37 ?  52  GLN A CA    1 
ATOM   375  C  C     . GLN A 1 53  ? 16.601  10.187  -8.033  1.00 39.06 ?  52  GLN A C     1 
ATOM   376  O  O     . GLN A 1 53  ? 17.304  10.705  -7.158  1.00 36.73 ?  52  GLN A O     1 
ATOM   377  C  CB    . GLN A 1 53  ? 17.989  10.123  -10.111 1.00 39.68 ?  52  GLN A CB    1 
ATOM   378  C  CG    . GLN A 1 53  ? 17.823  8.818   -10.858 1.00 47.69 ?  52  GLN A CG    1 
ATOM   379  C  CD    . GLN A 1 53  ? 17.445  9.038   -12.311 1.00 50.69 ?  52  GLN A CD    1 
ATOM   380  O  OE1   . GLN A 1 53  ? 17.987  9.928   -12.967 1.00 60.36 ?  52  GLN A OE1   1 
ATOM   381  N  NE2   . GLN A 1 53  ? 16.512  8.232   -12.822 1.00 47.56 ?  52  GLN A NE2   1 
ATOM   382  N  N     . VAL A 1 54  ? 15.723  9.226   -7.771  1.00 30.03 ?  53  VAL A N     1 
ATOM   383  C  CA    . VAL A 1 54  ? 15.477  8.762   -6.413  1.00 31.52 ?  53  VAL A CA    1 
ATOM   384  C  C     . VAL A 1 54  ? 15.623  7.248   -6.388  1.00 32.96 ?  53  VAL A C     1 
ATOM   385  O  O     . VAL A 1 54  ? 15.118  6.556   -7.278  1.00 30.07 ?  53  VAL A O     1 
ATOM   386  C  CB    . VAL A 1 54  ? 14.090  9.186   -5.895  1.00 32.67 ?  53  VAL A CB    1 
ATOM   387  C  CG1   . VAL A 1 54  ? 13.878  8.678   -4.477  1.00 33.52 ?  53  VAL A CG1   1 
ATOM   388  C  CG2   . VAL A 1 54  ? 13.944  10.712  -5.943  1.00 37.53 ?  53  VAL A CG2   1 
ATOM   389  N  N     . GLU A 1 55  ? 16.334  6.747   -5.384  1.00 30.17 ?  54  GLU A N     1 
ATOM   390  C  CA    . GLU A 1 55  ? 16.475  5.319   -5.157  1.00 30.90 ?  54  GLU A CA    1 
ATOM   391  C  C     . GLU A 1 55  ? 15.519  4.901   -4.052  1.00 29.69 ?  54  GLU A C     1 
ATOM   392  O  O     . GLU A 1 55  ? 15.632  5.372   -2.915  1.00 27.11 ?  54  GLU A O     1 
ATOM   393  C  CB    . GLU A 1 55  ? 17.910  4.967   -4.788  1.00 36.18 ?  54  GLU A CB    1 
ATOM   394  C  CG    . GLU A 1 55  ? 18.503  3.889   -5.665  1.00 40.04 ?  54  GLU A CG    1 
ATOM   395  C  CD    . GLU A 1 55  ? 19.964  3.670   -5.373  1.00 44.02 ?  54  GLU A CD    1 
ATOM   396  O  OE1   . GLU A 1 55  ? 20.280  2.728   -4.615  1.00 39.42 ?  54  GLU A OE1   1 
ATOM   397  O  OE2   . GLU A 1 55  ? 20.789  4.460   -5.889  1.00 44.98 ?  54  GLU A OE2   1 
ATOM   398  N  N     . LEU A 1 56  ? 14.603  3.998   -4.389  1.00 31.93 ?  55  LEU A N     1 
ATOM   399  C  CA    . LEU A 1 56  ? 13.504  3.582   -3.524  1.00 25.46 ?  55  LEU A CA    1 
ATOM   400  C  C     . LEU A 1 56  ? 13.754  2.162   -3.035  1.00 24.69 ?  55  LEU A C     1 
ATOM   401  O  O     . LEU A 1 56  ? 13.600  1.205   -3.799  1.00 27.53 ?  55  LEU A O     1 
ATOM   402  C  CB    . LEU A 1 56  ? 12.191  3.657   -4.293  1.00 26.86 ?  55  LEU A CB    1 
ATOM   403  C  CG    . LEU A 1 56  ? 10.980  4.343   -3.681  1.00 31.61 ?  55  LEU A CG    1 
ATOM   404  C  CD1   . LEU A 1 56  ? 11.397  5.644   -3.038  1.00 34.24 ?  55  LEU A CD1   1 
ATOM   405  C  CD2   . LEU A 1 56  ? 9.928   4.582   -4.754  1.00 27.56 ?  55  LEU A CD2   1 
ATOM   406  N  N     . ALA A 1 57  ? 14.134  2.015   -1.769  1.00 26.37 ?  56  ALA A N     1 
ATOM   407  C  CA    . ALA A 1 57  ? 14.191  0.696   -1.147  1.00 23.69 ?  56  ALA A CA    1 
ATOM   408  C  C     . ALA A 1 57  ? 12.782  0.264   -0.745  1.00 24.92 ?  56  ALA A C     1 
ATOM   409  O  O     . ALA A 1 57  ? 12.085  0.979   -0.017  1.00 26.78 ?  56  ALA A O     1 
ATOM   410  C  CB    . ALA A 1 57  ? 15.119  0.721   0.064   1.00 27.64 ?  56  ALA A CB    1 
ATOM   411  N  N     . LEU A 1 58  ? 12.352  -0.898  -1.212  1.00 29.26 ?  57  LEU A N     1 
ATOM   412  C  CA    . LEU A 1 58  ? 10.993  -1.370  -0.972  1.00 26.83 ?  57  LEU A CA    1 
ATOM   413  C  C     . LEU A 1 58  ? 11.039  -2.415  0.134   1.00 24.54 ?  57  LEU A C     1 
ATOM   414  O  O     . LEU A 1 58  ? 11.594  -3.498  -0.053  1.00 26.53 ?  57  LEU A O     1 
ATOM   415  C  CB    . LEU A 1 58  ? 10.383  -1.938  -2.252  1.00 26.60 ?  57  LEU A CB    1 
ATOM   416  C  CG    . LEU A 1 58  ? 10.581  -1.063  -3.495  1.00 27.12 ?  57  LEU A CG    1 
ATOM   417  C  CD1   . LEU A 1 58  ? 10.076  -1.795  -4.733  1.00 25.78 ?  57  LEU A CD1   1 
ATOM   418  C  CD2   . LEU A 1 58  ? 9.906   0.322   -3.337  1.00 23.32 ?  57  LEU A CD2   1 
ATOM   419  N  N     . TRP A 1 59  ? 10.461  -2.087  1.285   1.00 23.79 ?  58  TRP A N     1 
ATOM   420  C  CA    . TRP A 1 59  ? 10.409  -2.993  2.429   1.00 26.37 ?  58  TRP A CA    1 
ATOM   421  C  C     . TRP A 1 59  ? 8.986   -3.536  2.533   1.00 22.98 ?  58  TRP A C     1 
ATOM   422  O  O     . TRP A 1 59  ? 8.071   -2.839  2.986   1.00 20.98 ?  58  TRP A O     1 
ATOM   423  C  CB    . TRP A 1 59  ? 10.825  -2.287  3.716   1.00 25.76 ?  58  TRP A CB    1 
ATOM   424  C  CG    . TRP A 1 59  ? 12.273  -1.936  3.820   1.00 27.77 ?  58  TRP A CG    1 
ATOM   425  C  CD1   . TRP A 1 59  ? 12.981  -1.105  3.004   1.00 28.38 ?  58  TRP A CD1   1 
ATOM   426  C  CD2   . TRP A 1 59  ? 13.186  -2.381  4.830   1.00 24.33 ?  58  TRP A CD2   1 
ATOM   427  N  NE1   . TRP A 1 59  ? 14.280  -1.015  3.437   1.00 24.89 ?  58  TRP A NE1   1 
ATOM   428  C  CE2   . TRP A 1 59  ? 14.431  -1.790  4.557   1.00 28.94 ?  58  TRP A CE2   1 
ATOM   429  C  CE3   . TRP A 1 59  ? 13.070  -3.224  5.937   1.00 24.06 ?  58  TRP A CE3   1 
ATOM   430  C  CZ2   . TRP A 1 59  ? 15.555  -2.010  5.358   1.00 29.69 ?  58  TRP A CZ2   1 
ATOM   431  C  CZ3   . TRP A 1 59  ? 14.181  -3.445  6.723   1.00 28.50 ?  58  TRP A CZ3   1 
ATOM   432  C  CH2   . TRP A 1 59  ? 15.407  -2.840  6.432   1.00 26.15 ?  58  TRP A CH2   1 
ATOM   433  N  N     . ASP A 1 60  ? 8.816   -4.783  2.100   1.00 22.46 ?  59  ASP A N     1 
ATOM   434  C  CA    . ASP A 1 60  ? 7.575   -5.529  2.226   1.00 21.63 ?  59  ASP A CA    1 
ATOM   435  C  C     . ASP A 1 60  ? 7.362   -5.986  3.670   1.00 27.16 ?  59  ASP A C     1 
ATOM   436  O  O     . ASP A 1 60  ? 8.321   -6.245  4.405   1.00 25.44 ?  59  ASP A O     1 
ATOM   437  C  CB    . ASP A 1 60  ? 7.638   -6.752  1.313   1.00 21.15 ?  59  ASP A CB    1 
ATOM   438  C  CG    . ASP A 1 60  ? 6.277   -7.225  0.860   1.00 21.97 ?  59  ASP A CG    1 
ATOM   439  O  OD1   . ASP A 1 60  ? 5.251   -6.743  1.391   1.00 20.48 ?  59  ASP A OD1   1 
ATOM   440  O  OD2   . ASP A 1 60  ? 6.251   -8.074  -0.052  1.00 19.72 ?  59  ASP A OD2   1 
ATOM   441  N  N     . THR A 1 61  ? 6.092   -6.104  4.075   1.00 20.53 ?  60  THR A N     1 
ATOM   442  C  CA    . THR A 1 61  ? 5.754   -6.667  5.380   1.00 23.43 ?  60  THR A CA    1 
ATOM   443  C  C     . THR A 1 61  ? 4.551   -7.592  5.244   1.00 23.42 ?  60  THR A C     1 
ATOM   444  O  O     . THR A 1 61  ? 3.821   -7.562  4.252   1.00 25.18 ?  60  THR A O     1 
ATOM   445  C  CB    . THR A 1 61  ? 5.435   -5.601  6.441   1.00 23.07 ?  60  THR A CB    1 
ATOM   446  O  OG1   . THR A 1 61  ? 4.194   -4.964  6.113   1.00 21.99 ?  60  THR A OG1   1 
ATOM   447  C  CG2   . THR A 1 61  ? 6.535   -4.560  6.525   1.00 25.42 ?  60  THR A CG2   1 
ATOM   448  N  N     . ALA A 1 62  ? 4.340   -8.414  6.267   1.00 26.42 ?  61  ALA A N     1 
ATOM   449  C  CA    . ALA A 1 62  ? 3.233   -9.362  6.285   1.00 29.63 ?  61  ALA A CA    1 
ATOM   450  C  C     . ALA A 1 62  ? 2.075   -8.757  7.067   1.00 29.77 ?  61  ALA A C     1 
ATOM   451  O  O     . ALA A 1 62  ? 2.282   -8.194  8.142   1.00 31.50 ?  61  ALA A O     1 
ATOM   452  C  CB    . ALA A 1 62  ? 3.668   -10.690 6.907   1.00 31.82 ?  61  ALA A CB    1 
ATOM   453  N  N     . GLY A 1 63  ? 0.858   -8.866  6.526   1.00 30.06 ?  62  GLY A N     1 
ATOM   454  C  CA    . GLY A 1 63  ? -0.289  -8.229  7.163   1.00 27.82 ?  62  GLY A CA    1 
ATOM   455  C  C     . GLY A 1 63  ? -0.947  -9.032  8.272   1.00 30.14 ?  62  GLY A C     1 
ATOM   456  O  O     . GLY A 1 63  ? -1.684  -8.463  9.085   1.00 29.59 ?  62  GLY A O     1 
ATOM   457  N  N     . GLN A 1 64  ? -0.676  -10.326 8.323   1.00 27.47 ?  63  GLN A N     1 
ATOM   458  C  CA    . GLN A 1 64  ? -1.314  -11.227 9.315   1.00 32.13 ?  63  GLN A CA    1 
ATOM   459  C  C     . GLN A 1 64  ? -0.907  -10.853 10.746  1.00 35.00 ?  63  GLN A C     1 
ATOM   460  O  O     . GLN A 1 64  ? 0.198   -10.343 10.964  1.00 34.60 ?  63  GLN A O     1 
ATOM   461  C  CB    . GLN A 1 64  ? -0.979  -12.685 9.004   1.00 32.96 ?  63  GLN A CB    1 
ATOM   462  C  CG    . GLN A 1 64  ? -1.540  -13.188 7.681   1.00 32.85 ?  63  GLN A CG    1 
ATOM   463  C  CD    . GLN A 1 64  ? -0.779  -12.700 6.467   1.00 37.52 ?  63  GLN A CD    1 
ATOM   464  O  OE1   . GLN A 1 64  ? 0.411   -12.373 6.520   1.00 32.96 ?  63  GLN A OE1   1 
ATOM   465  N  NE2   . GLN A 1 64  ? -1.485  -12.634 5.351   1.00 35.69 ?  63  GLN A NE2   1 
ATOM   466  N  N     . GLU A 1 65  ? -1.812  -11.107 11.678  1.00 38.94 ?  64  GLU A N     1 
ATOM   467  C  CA    . GLU A 1 65  ? -1.500  -10.805 13.067  1.00 41.90 ?  64  GLU A CA    1 
ATOM   468  C  C     . GLU A 1 65  ? -0.402  -11.706 13.622  1.00 45.99 ?  64  GLU A C     1 
ATOM   469  O  O     . GLU A 1 65  ? 0.233   -11.332 14.613  1.00 45.19 ?  64  GLU A O     1 
ATOM   470  C  CB    . GLU A 1 65  ? -2.759  -10.915 13.927  1.00 47.50 ?  64  GLU A CB    1 
ATOM   471  C  CG    . GLU A 1 65  ? -3.259  -9.572  14.450  1.00 50.36 ?  64  GLU A CG    1 
ATOM   472  C  CD    . GLU A 1 65  ? -4.623  -9.667  15.118  1.00 55.96 ?  64  GLU A CD    1 
ATOM   473  O  OE1   . GLU A 1 65  ? -5.351  -10.642 14.838  1.00 56.08 ?  64  GLU A OE1   1 
ATOM   474  O  OE2   . GLU A 1 65  ? -4.970  -8.769  15.920  1.00 54.61 ?  64  GLU A OE2   1 
ATOM   475  N  N     . ASP A 1 66  ? -0.169  -12.875 13.002  1.00 44.78 ?  65  ASP A N     1 
ATOM   476  C  CA    . ASP A 1 66  ? 0.953   -13.730 13.391  1.00 44.22 ?  65  ASP A CA    1 
ATOM   477  C  C     . ASP A 1 66  ? 2.254   -12.944 13.453  1.00 46.00 ?  65  ASP A C     1 
ATOM   478  O  O     . ASP A 1 66  ? 3.093   -13.178 14.334  1.00 49.97 ?  65  ASP A O     1 
ATOM   479  C  CB    . ASP A 1 66  ? 1.144   -14.881 12.397  1.00 44.52 ?  65  ASP A CB    1 
ATOM   480  C  CG    . ASP A 1 66  ? -0.137  -15.594 12.049  1.00 55.12 ?  65  ASP A CG    1 
ATOM   481  O  OD1   . ASP A 1 66  ? -1.194  -15.262 12.628  1.00 59.58 ?  65  ASP A OD1   1 
ATOM   482  O  OD2   . ASP A 1 66  ? -0.075  -16.496 11.178  1.00 51.84 ?  65  ASP A OD2   1 
ATOM   483  N  N     . TYR A 1 67  ? 2.445   -12.024 12.505  1.00 41.86 ?  66  TYR A N     1 
ATOM   484  C  CA    . TYR A 1 67  ? 3.696   -11.304 12.322  1.00 40.24 ?  66  TYR A CA    1 
ATOM   485  C  C     . TYR A 1 67  ? 3.768   -10.009 13.128  1.00 40.22 ?  66  TYR A C     1 
ATOM   486  O  O     . TYR A 1 67  ? 4.745   -9.260  12.980  1.00 38.01 ?  66  TYR A O     1 
ATOM   487  C  CB    . TYR A 1 67  ? 3.905   -11.000 10.837  1.00 34.06 ?  66  TYR A CB    1 
ATOM   488  C  CG    . TYR A 1 67  ? 4.130   -12.209 9.946   1.00 39.09 ?  66  TYR A CG    1 
ATOM   489  C  CD1   . TYR A 1 67  ? 5.406   -12.558 9.521   1.00 35.74 ?  66  TYR A CD1   1 
ATOM   490  C  CD2   . TYR A 1 67  ? 3.060   -12.991 9.511   1.00 38.54 ?  66  TYR A CD2   1 
ATOM   491  C  CE1   . TYR A 1 67  ? 5.608   -13.654 8.696   1.00 40.79 ?  66  TYR A CE1   1 
ATOM   492  C  CE2   . TYR A 1 67  ? 3.249   -14.092 8.690   1.00 36.47 ?  66  TYR A CE2   1 
ATOM   493  C  CZ    . TYR A 1 67  ? 4.526   -14.422 8.285   1.00 41.92 ?  66  TYR A CZ    1 
ATOM   494  O  OH    . TYR A 1 67  ? 4.730   -15.514 7.461   1.00 36.30 ?  66  TYR A OH    1 
ATOM   495  N  N     . ASP A 1 68  ? 2.763   -9.732  13.970  1.00 42.72 ?  67  ASP A N     1 
ATOM   496  C  CA    . ASP A 1 68  ? 2.732   -8.473  14.712  1.00 38.14 ?  67  ASP A CA    1 
ATOM   497  C  C     . ASP A 1 68  ? 3.998   -8.290  15.552  1.00 40.44 ?  67  ASP A C     1 
ATOM   498  O  O     . ASP A 1 68  ? 4.518   -7.174  15.673  1.00 35.17 ?  67  ASP A O     1 
ATOM   499  C  CB    . ASP A 1 68  ? 1.484   -8.421  15.602  1.00 41.84 ?  67  ASP A CB    1 
ATOM   500  C  CG    . ASP A 1 68  ? 0.220   -7.976  14.847  1.00 45.65 ?  67  ASP A CG    1 
ATOM   501  O  OD1   . ASP A 1 68  ? 0.240   -7.852  13.602  1.00 44.73 ?  67  ASP A OD1   1 
ATOM   502  O  OD2   . ASP A 1 68  ? -0.808  -7.738  15.513  1.00 47.73 ?  67  ASP A OD2   1 
ATOM   503  N  N     . ARG A 1 69  ? 4.514   -9.382  16.127  1.00 40.49 ?  68  ARG A N     1 
ATOM   504  C  CA    . ARG A 1 69  ? 5.717   -9.308  16.955  1.00 38.21 ?  68  ARG A CA    1 
ATOM   505  C  C     . ARG A 1 69  ? 6.908   -8.756  16.181  1.00 34.81 ?  68  ARG A C     1 
ATOM   506  O  O     . ARG A 1 69  ? 7.692   -7.971  16.722  1.00 35.81 ?  68  ARG A O     1 
ATOM   507  C  CB    . ARG A 1 69  ? 6.055   -10.693 17.516  1.00 38.18 ?  68  ARG A CB    1 
ATOM   508  C  CG    . ARG A 1 69  ? 5.432   -10.990 18.867  1.00 42.15 ?  68  ARG A CG    1 
ATOM   509  C  CD    . ARG A 1 69  ? 3.921   -11.090 18.775  1.00 44.92 ?  68  ARG A CD    1 
ATOM   510  N  NE    . ARG A 1 69  ? 3.469   -12.443 18.467  1.00 53.41 ?  68  ARG A NE    1 
ATOM   511  C  CZ    . ARG A 1 69  ? 2.236   -12.755 18.087  1.00 53.27 ?  68  ARG A CZ    1 
ATOM   512  N  NH1   . ARG A 1 69  ? 1.318   -11.823 17.889  1.00 51.87 ?  68  ARG A NH1   1 
ATOM   513  N  NH2   . ARG A 1 69  ? 1.918   -14.034 17.900  1.00 49.93 ?  68  ARG A NH2   1 
ATOM   514  N  N     . LEU A 1 70  ? 7.064   -9.151  14.914  1.00 35.07 ?  69  LEU A N     1 
ATOM   515  C  CA    . LEU A 1 70  ? 8.297   -8.872  14.186  1.00 29.95 ?  69  LEU A CA    1 
ATOM   516  C  C     . LEU A 1 70  ? 8.201   -7.717  13.200  1.00 30.29 ?  69  LEU A C     1 
ATOM   517  O  O     . LEU A 1 70  ? 9.239   -7.176  12.802  1.00 31.34 ?  69  LEU A O     1 
ATOM   518  C  CB    . LEU A 1 70  ? 8.758   -10.128 13.437  1.00 32.16 ?  69  LEU A CB    1 
ATOM   519  C  CG    . LEU A 1 70  ? 9.558   -11.148 14.259  1.00 40.15 ?  69  LEU A CG    1 
ATOM   520  C  CD1   . LEU A 1 70  ? 8.658   -11.983 15.173  1.00 37.63 ?  69  LEU A CD1   1 
ATOM   521  C  CD2   . LEU A 1 70  ? 10.396  -12.037 13.355  1.00 41.86 ?  69  LEU A CD2   1 
ATOM   522  N  N     . ARG A 1 71  ? 7.001   -7.329  12.786  1.00 31.63 ?  70  ARG A N     1 
ATOM   523  C  CA    . ARG A 1 71  ? 6.883   -6.277  11.781  1.00 29.19 ?  70  ARG A CA    1 
ATOM   524  C  C     . ARG A 1 71  ? 7.536   -4.954  12.179  1.00 28.10 ?  70  ARG A C     1 
ATOM   525  O  O     . ARG A 1 71  ? 8.112   -4.302  11.294  1.00 30.19 ?  70  ARG A O     1 
ATOM   526  C  CB    . ARG A 1 71  ? 5.408   -6.071  11.425  1.00 29.24 ?  70  ARG A CB    1 
ATOM   527  C  CG    . ARG A 1 71  ? 5.165   -5.147  10.233  1.00 28.42 ?  70  ARG A CG    1 
ATOM   528  C  CD    . ARG A 1 71  ? 3.709   -5.258  9.778   1.00 29.00 ?  70  ARG A CD    1 
ATOM   529  N  NE    . ARG A 1 71  ? 2.814   -5.208  10.928  1.00 33.96 ?  70  ARG A NE    1 
ATOM   530  C  CZ    . ARG A 1 71  ? 2.024   -6.194  11.329  1.00 34.06 ?  70  ARG A CZ    1 
ATOM   531  N  NH1   . ARG A 1 71  ? 1.904   -7.319  10.634  1.00 29.92 ?  70  ARG A NH1   1 
ATOM   532  N  NH2   . ARG A 1 71  ? 1.336   -6.047  12.458  1.00 36.59 ?  70  ARG A NH2   1 
ATOM   533  N  N     . PRO A 1 72  ? 7.487   -4.473  13.449  1.00 28.18 ?  71  PRO A N     1 
ATOM   534  C  CA    . PRO A 1 72  ? 8.166   -3.241  13.819  1.00 27.64 ?  71  PRO A CA    1 
ATOM   535  C  C     . PRO A 1 72  ? 9.663   -3.215  13.544  1.00 32.04 ?  71  PRO A C     1 
ATOM   536  O  O     . PRO A 1 72  ? 10.243  -2.127  13.555  1.00 32.29 ?  71  PRO A O     1 
ATOM   537  C  CB    . PRO A 1 72  ? 7.848   -3.077  15.304  1.00 27.73 ?  71  PRO A CB    1 
ATOM   538  C  CG    . PRO A 1 72  ? 7.514   -4.458  15.766  1.00 34.63 ?  71  PRO A CG    1 
ATOM   539  C  CD    . PRO A 1 72  ? 6.711   -4.961  14.600  1.00 33.02 ?  71  PRO A CD    1 
ATOM   540  N  N     . LEU A 1 73  ? 10.261  -4.378  13.303  1.00 30.21 ?  72  LEU A N     1 
ATOM   541  C  CA    . LEU A 1 73  ? 11.673  -4.410  12.942  1.00 30.35 ?  72  LEU A CA    1 
ATOM   542  C  C     . LEU A 1 73  ? 11.938  -3.748  11.601  1.00 31.11 ?  72  LEU A C     1 
ATOM   543  O  O     . LEU A 1 73  ? 13.081  -3.362  11.330  1.00 38.23 ?  72  LEU A O     1 
ATOM   544  C  CB    . LEU A 1 73  ? 12.187  -5.855  12.923  1.00 30.34 ?  72  LEU A CB    1 
ATOM   545  C  CG    . LEU A 1 73  ? 12.201  -6.534  14.297  1.00 31.32 ?  72  LEU A CG    1 
ATOM   546  C  CD1   . LEU A 1 73  ? 12.846  -7.909  14.229  1.00 30.60 ?  72  LEU A CD1   1 
ATOM   547  C  CD2   . LEU A 1 73  ? 12.930  -5.654  15.304  1.00 30.88 ?  72  LEU A CD2   1 
ATOM   548  N  N     . SER A 1 74  ? 10.917  -3.591  10.765  1.00 26.13 ?  73  SER A N     1 
ATOM   549  C  CA    . SER A 1 74  ? 11.083  -2.939  9.475   1.00 29.45 ?  73  SER A CA    1 
ATOM   550  C  C     . SER A 1 74  ? 10.925  -1.421  9.528   1.00 27.43 ?  73  SER A C     1 
ATOM   551  O  O     . SER A 1 74  ? 11.324  -0.745  8.576   1.00 26.97 ?  73  SER A O     1 
ATOM   552  C  CB    . SER A 1 74  ? 10.073  -3.498  8.463   1.00 30.26 ?  73  SER A CB    1 
ATOM   553  O  OG    . SER A 1 74  ? 10.179  -4.909  8.358   1.00 38.44 ?  73  SER A OG    1 
ATOM   554  N  N     . TYR A 1 75  ? 10.307  -0.895  10.575  1.00 24.22 ?  74  TYR A N     1 
ATOM   555  C  CA    . TYR A 1 75  ? 9.964   0.556   10.621  1.00 27.47 ?  74  TYR A CA    1 
ATOM   556  C  C     . TYR A 1 75  ? 11.147  1.542   10.775  1.00 30.24 ?  74  TYR A C     1 
ATOM   557  O  O     . TYR A 1 75  ? 10.988  2.673   10.315  1.00 26.10 ?  74  TYR A O     1 
ATOM   558  C  CB    . TYR A 1 75  ? 8.907   0.750   11.713  1.00 26.58 ?  74  TYR A CB    1 
ATOM   559  C  CG    . TYR A 1 75  ? 7.551   0.142   11.397  1.00 26.90 ?  74  TYR A CG    1 
ATOM   560  C  CD1   . TYR A 1 75  ? 7.050   0.155   10.104  1.00 28.03 ?  74  TYR A CD1   1 
ATOM   561  C  CD2   . TYR A 1 75  ? 6.778   -0.446  12.386  1.00 26.35 ?  74  TYR A CD2   1 
ATOM   562  C  CE1   . TYR A 1 75  ? 5.822   -0.401  9.804   1.00 30.58 ?  74  TYR A CE1   1 
ATOM   563  C  CE2   . TYR A 1 75  ? 5.547   -1.008  12.100  1.00 28.55 ?  74  TYR A CE2   1 
ATOM   564  C  CZ    . TYR A 1 75  ? 5.068   -0.984  10.804  1.00 30.73 ?  74  TYR A CZ    1 
ATOM   565  O  OH    . TYR A 1 75  ? 3.860   -1.524  10.490  1.00 31.14 ?  74  TYR A OH    1 
ATOM   566  N  N     . PRO A 1 76  ? 12.306  1.225   11.395  1.00 30.60 ?  75  PRO A N     1 
ATOM   567  C  CA    . PRO A 1 76  ? 13.326  2.263   11.605  1.00 30.64 ?  75  PRO A CA    1 
ATOM   568  C  C     . PRO A 1 76  ? 13.805  2.903   10.305  1.00 27.86 ?  75  PRO A C     1 
ATOM   569  O  O     . PRO A 1 76  ? 13.989  2.233   9.286   1.00 25.66 ?  75  PRO A O     1 
ATOM   570  C  CB    . PRO A 1 76  ? 14.460  1.507   12.306  1.00 33.65 ?  75  PRO A CB    1 
ATOM   571  C  CG    . PRO A 1 76  ? 13.781  0.382   12.991  1.00 35.39 ?  75  PRO A CG    1 
ATOM   572  C  CD    . PRO A 1 76  ? 12.716  -0.044  12.032  1.00 29.42 ?  75  PRO A CD    1 
ATOM   573  N  N     . ASP A 1 77  ? 14.001  4.226   10.362  1.00 25.99 ?  76  ASP A N     1 
ATOM   574  C  CA    . ASP A 1 77  ? 14.539  5.047   9.276   1.00 25.75 ?  76  ASP A CA    1 
ATOM   575  C  C     . ASP A 1 77  ? 13.633  5.074   8.047   1.00 26.99 ?  76  ASP A C     1 
ATOM   576  O  O     . ASP A 1 77  ? 14.098  5.363   6.939   1.00 23.47 ?  76  ASP A O     1 
ATOM   577  C  CB    . ASP A 1 77  ? 15.943  4.585   8.880   1.00 30.92 ?  76  ASP A CB    1 
ATOM   578  C  CG    . ASP A 1 77  ? 16.896  4.566   10.057  1.00 36.86 ?  76  ASP A CG    1 
ATOM   579  O  OD1   . ASP A 1 77  ? 17.187  5.656   10.600  1.00 38.94 ?  76  ASP A OD1   1 
ATOM   580  O  OD2   . ASP A 1 77  ? 17.333  3.459   10.450  1.00 30.57 ?  76  ASP A OD2   1 
ATOM   581  N  N     . THR A 1 78  ? 12.340  4.792   8.216   1.00 26.91 ?  77  THR A N     1 
ATOM   582  C  CA    . THR A 1 78  ? 11.400  4.872   7.106   1.00 24.68 ?  77  THR A CA    1 
ATOM   583  C  C     . THR A 1 78  ? 11.179  6.325   6.694   1.00 25.57 ?  77  THR A C     1 
ATOM   584  O  O     . THR A 1 78  ? 11.031  7.206   7.544   1.00 26.61 ?  77  THR A O     1 
ATOM   585  C  CB    . THR A 1 78  ? 10.072  4.224   7.494   1.00 23.44 ?  77  THR A CB    1 
ATOM   586  O  OG1   . THR A 1 78  ? 10.306  2.866   7.887   1.00 25.55 ?  77  THR A OG1   1 
ATOM   587  C  CG2   . THR A 1 78  ? 9.096   4.247   6.317   1.00 21.44 ?  77  THR A CG2   1 
ATOM   588  N  N     . ASP A 1 79  ? 11.177  6.563   5.372   1.00 21.64 ?  78  ASP A N     1 
ATOM   589  C  CA    . ASP A 1 79  ? 10.973  7.916   4.784   1.00 21.04 ?  78  ASP A CA    1 
ATOM   590  C  C     . ASP A 1 79  ? 9.531   8.110   4.277   1.00 26.83 ?  78  ASP A C     1 
ATOM   591  O  O     . ASP A 1 79  ? 9.086   9.254   4.239   1.00 25.58 ?  78  ASP A O     1 
ATOM   592  C  CB    . ASP A 1 79  ? 12.004  8.133   3.691   1.00 23.79 ?  78  ASP A CB    1 
ATOM   593  C  CG    . ASP A 1 79  ? 13.451  8.173   4.150   1.00 25.90 ?  78  ASP A CG    1 
ATOM   594  O  OD1   . ASP A 1 79  ? 13.788  9.082   4.927   1.00 25.01 ?  78  ASP A OD1   1 
ATOM   595  O  OD2   . ASP A 1 79  ? 14.220  7.293   3.729   1.00 21.60 ?  78  ASP A OD2   1 
ATOM   596  N  N     . VAL A 1 80  ? 8.840   7.050   3.864   1.00 22.55 ?  79  VAL A N     1 
ATOM   597  C  CA    . VAL A 1 80  ? 7.445   7.130   3.451   1.00 23.53 ?  79  VAL A CA    1 
ATOM   598  C  C     . VAL A 1 80  ? 6.814   5.774   3.705   1.00 20.11 ?  79  VAL A C     1 
ATOM   599  O  O     . VAL A 1 80  ? 7.476   4.734   3.613   1.00 20.93 ?  79  VAL A O     1 
ATOM   600  C  CB    . VAL A 1 80  ? 7.292   7.541   1.966   1.00 25.07 ?  79  VAL A CB    1 
ATOM   601  C  CG1   . VAL A 1 80  ? 7.890   6.475   1.032   1.00 20.76 ?  79  VAL A CG1   1 
ATOM   602  C  CG2   . VAL A 1 80  ? 5.836   7.812   1.637   1.00 18.56 ?  79  VAL A CG2   1 
ATOM   603  N  N     . ILE A 1 81  ? 5.524   5.829   3.999   1.00 21.85 ?  80  ILE A N     1 
ATOM   604  C  CA    . ILE A 1 81  ? 4.746   4.593   4.240   1.00 18.99 ?  80  ILE A CA    1 
ATOM   605  C  C     . ILE A 1 81  ? 3.615   4.468   3.219   1.00 23.40 ?  80  ILE A C     1 
ATOM   606  O  O     . ILE A 1 81  ? 2.911   5.456   2.966   1.00 20.23 ?  80  ILE A O     1 
ATOM   607  C  CB    . ILE A 1 81  ? 4.185   4.542   5.677   1.00 21.63 ?  80  ILE A CB    1 
ATOM   608  C  CG1   . ILE A 1 81  ? 5.278   4.286   6.712   1.00 22.01 ?  80  ILE A CG1   1 
ATOM   609  C  CG2   . ILE A 1 81  ? 3.043   3.532   5.795   1.00 21.11 ?  80  ILE A CG2   1 
ATOM   610  C  CD1   . ILE A 1 81  ? 5.344   2.854   7.206   1.00 22.94 ?  80  ILE A CD1   1 
ATOM   611  N  N     . LEU A 1 82  ? 3.524   3.317   2.593   1.00 21.89 ?  81  LEU A N     1 
ATOM   612  C  CA    . LEU A 1 82  ? 2.364   2.976   1.772   1.00 22.60 ?  81  LEU A CA    1 
ATOM   613  C  C     . LEU A 1 82  ? 1.425   2.164   2.647   1.00 23.72 ?  81  LEU A C     1 
ATOM   614  O  O     . LEU A 1 82  ? 1.742   1.026   3.010   1.00 23.23 ?  81  LEU A O     1 
ATOM   615  C  CB    . LEU A 1 82  ? 2.753   2.163   0.542   1.00 22.84 ?  81  LEU A CB    1 
ATOM   616  C  CG    . LEU A 1 82  ? 3.514   2.827   -0.595  1.00 22.80 ?  81  LEU A CG    1 
ATOM   617  C  CD1   . LEU A 1 82  ? 3.681   1.811   -1.711  1.00 18.88 ?  81  LEU A CD1   1 
ATOM   618  C  CD2   . LEU A 1 82  ? 2.755   4.045   -1.075  1.00 19.11 ?  81  LEU A CD2   1 
ATOM   619  N  N     . MET A 1 83  ? 0.274   2.741   2.989   1.00 22.89 ?  82  MET A N     1 
ATOM   620  C  CA    . MET A 1 83  ? -0.712  2.070   3.824   1.00 21.00 ?  82  MET A CA    1 
ATOM   621  C  C     . MET A 1 83  ? -1.840  1.618   2.910   1.00 23.06 ?  82  MET A C     1 
ATOM   622  O  O     . MET A 1 83  ? -2.538  2.448   2.317   1.00 22.44 ?  82  MET A O     1 
ATOM   623  C  CB    . MET A 1 83  ? -1.216  2.976   4.941   1.00 25.63 ?  82  MET A CB    1 
ATOM   624  C  CG    . MET A 1 83  ? -1.984  2.214   6.031   1.00 24.92 ?  82  MET A CG    1 
ATOM   625  S  SD    . MET A 1 83  ? -2.542  3.299   7.352   1.00 29.99 ?  82  MET A SD    1 
ATOM   626  C  CE    . MET A 1 83  ? -0.978  3.682   8.158   1.00 24.76 ?  82  MET A CE    1 
ATOM   627  N  N     . CYS A 1 84  ? -2.001  0.301   2.784   1.00 22.82 ?  83  CYS A N     1 
ATOM   628  C  CA    . CYS A 1 84  ? -2.871  -0.292  1.782   1.00 20.47 ?  83  CYS A CA    1 
ATOM   629  C  C     . CYS A 1 84  ? -4.106  -0.913  2.413   1.00 23.53 ?  83  CYS A C     1 
ATOM   630  O  O     . CYS A 1 84  ? -4.064  -1.460  3.522   1.00 20.77 ?  83  CYS A O     1 
ATOM   631  C  CB    . CYS A 1 84  ? -2.146  -1.379  0.985   1.00 25.09 ?  83  CYS A CB    1 
ATOM   632  S  SG    . CYS A 1 84  ? -0.631  -0.844  0.204   1.00 24.67 ?  83  CYS A SG    1 
ATOM   633  N  N     . PHE A 1 85  ? -5.203  -0.825  1.672   1.00 22.75 ?  84  PHE A N     1 
ATOM   634  C  CA    . PHE A 1 85  ? -6.372  -1.652  1.868   1.00 22.11 ?  84  PHE A CA    1 
ATOM   635  C  C     . PHE A 1 85  ? -6.745  -2.209  0.501   1.00 23.70 ?  84  PHE A C     1 
ATOM   636  O  O     . PHE A 1 85  ? -6.090  -1.923  -0.505  1.00 22.78 ?  84  PHE A O     1 
ATOM   637  C  CB    . PHE A 1 85  ? -7.519  -0.865  2.515   1.00 22.08 ?  84  PHE A CB    1 
ATOM   638  C  CG    . PHE A 1 85  ? -8.109  0.198   1.627   1.00 21.60 ?  84  PHE A CG    1 
ATOM   639  C  CD1   . PHE A 1 85  ? -7.562  1.467   1.583   1.00 19.79 ?  84  PHE A CD1   1 
ATOM   640  C  CD2   . PHE A 1 85  ? -9.220  -0.073  0.844   1.00 24.25 ?  84  PHE A CD2   1 
ATOM   641  C  CE1   . PHE A 1 85  ? -8.113  2.458   0.768   1.00 20.41 ?  84  PHE A CE1   1 
ATOM   642  C  CE2   . PHE A 1 85  ? -9.776  0.907   0.024   1.00 25.12 ?  84  PHE A CE2   1 
ATOM   643  C  CZ    . PHE A 1 85  ? -9.216  2.181   -0.011  1.00 24.58 ?  84  PHE A CZ    1 
ATOM   644  N  N     . SER A 1 86  ? -7.750  -3.070  0.463   1.00 20.05 ?  85  SER A N     1 
ATOM   645  C  CA    . SER A 1 86  ? -8.216  -3.600  -0.836  1.00 25.10 ?  85  SER A CA    1 
ATOM   646  C  C     . SER A 1 86  ? -9.637  -3.107  -1.137  1.00 22.44 ?  85  SER A C     1 
ATOM   647  O  O     . SER A 1 86  ? -10.496 -3.168  -0.260  1.00 22.64 ?  85  SER A O     1 
ATOM   648  C  CB    . SER A 1 86  ? -8.099  -5.100  -0.938  1.00 23.21 ?  85  SER A CB    1 
ATOM   649  O  OG    . SER A 1 86  ? -8.717  -5.546  -2.131  1.00 29.18 ?  85  SER A OG    1 
ATOM   650  N  N     . ILE A 1 87  ? -9.839  -2.629  -2.359  1.00 25.35 ?  86  ILE A N     1 
ATOM   651  C  CA    . ILE A 1 87  ? -11.139 -2.075  -2.709  1.00 23.99 ?  86  ILE A CA    1 
ATOM   652  C  C     . ILE A 1 87  ? -12.230 -3.138  -2.671  1.00 24.87 ?  86  ILE A C     1 
ATOM   653  O  O     . ILE A 1 87  ? -13.404 -2.810  -2.449  1.00 26.43 ?  86  ILE A O     1 
ATOM   654  C  CB    . ILE A 1 87  ? -11.026 -1.350  -4.067  1.00 24.94 ?  86  ILE A CB    1 
ATOM   655  C  CG1   . ILE A 1 87  ? -10.440 0.054   -3.850  1.00 21.67 ?  86  ILE A CG1   1 
ATOM   656  C  CG2   . ILE A 1 87  ? -12.372 -1.270  -4.793  1.00 23.61 ?  86  ILE A CG2   1 
ATOM   657  C  CD1   . ILE A 1 87  ? -9.815  0.642   -5.089  1.00 20.61 ?  86  ILE A CD1   1 
ATOM   658  N  N     . ASP A 1 88  ? -11.863 -4.413  -2.771  1.00 23.63 ?  87  ASP A N     1 
ATOM   659  C  CA    . ASP A 1 88  ? -12.848 -5.523  -2.659  1.00 26.39 ?  87  ASP A CA    1 
ATOM   660  C  C     . ASP A 1 88  ? -13.131 -5.883  -1.197  1.00 29.03 ?  87  ASP A C     1 
ATOM   661  O  O     . ASP A 1 88  ? -13.886 -6.829  -0.971  1.00 29.93 ?  87  ASP A O     1 
ATOM   662  C  CB    . ASP A 1 88  ? -12.383 -6.759  -3.412  1.00 26.58 ?  87  ASP A CB    1 
ATOM   663  C  CG    . ASP A 1 88  ? -11.345 -7.633  -2.727  1.00 28.86 ?  87  ASP A CG    1 
ATOM   664  O  OD1   . ASP A 1 88  ? -10.478 -7.085  -2.035  1.00 31.13 ?  87  ASP A OD1   1 
ATOM   665  O  OD2   . ASP A 1 88  ? -11.413 -8.857  -2.899  1.00 26.57 ?  87  ASP A OD2   1 
ATOM   666  N  N     . SER A 1 89  ? -12.563 -5.150  -0.248  1.00 25.56 ?  88  SER A N     1 
ATOM   667  C  CA    . SER A 1 89  ? -12.681 -5.541  1.155   1.00 26.71 ?  88  SER A CA    1 
ATOM   668  C  C     . SER A 1 89  ? -12.916 -4.315  2.026   1.00 27.69 ?  88  SER A C     1 
ATOM   669  O  O     . SER A 1 89  ? -11.962 -3.655  2.469   1.00 24.53 ?  88  SER A O     1 
ATOM   670  C  CB    . SER A 1 89  ? -11.439 -6.311  1.608   1.00 25.64 ?  88  SER A CB    1 
ATOM   671  O  OG    . SER A 1 89  ? -11.439 -6.551  3.006   1.00 25.43 ?  88  SER A OG    1 
ATOM   672  N  N     . PRO A 1 90  ? -14.186 -3.976  2.301   1.00 27.46 ?  89  PRO A N     1 
ATOM   673  C  CA    . PRO A 1 90  ? -14.456 -2.902  3.269   1.00 28.51 ?  89  PRO A CA    1 
ATOM   674  C  C     . PRO A 1 90  ? -13.881 -3.190  4.639   1.00 26.62 ?  89  PRO A C     1 
ATOM   675  O  O     . PRO A 1 90  ? -13.590 -2.242  5.379   1.00 27.68 ?  89  PRO A O     1 
ATOM   676  C  CB    . PRO A 1 90  ? -15.990 -2.825  3.303   1.00 27.16 ?  89  PRO A CB    1 
ATOM   677  C  CG    . PRO A 1 90  ? -16.429 -3.430  2.023   1.00 29.07 ?  89  PRO A CG    1 
ATOM   678  C  CD    . PRO A 1 90  ? -15.428 -4.499  1.706   1.00 27.63 ?  89  PRO A CD    1 
ATOM   679  N  N     . ASP A 1 91  ? -13.688 -4.467  4.994   1.00 21.98 ?  90  ASP A N     1 
ATOM   680  C  CA    . ASP A 1 91  ? -13.046 -4.784  6.267   1.00 23.24 ?  90  ASP A CA    1 
ATOM   681  C  C     . ASP A 1 91  ? -11.604 -4.281  6.312   1.00 27.09 ?  90  ASP A C     1 
ATOM   682  O  O     . ASP A 1 91  ? -11.139 -3.796  7.352   1.00 23.57 ?  90  ASP A O     1 
ATOM   683  C  CB    . ASP A 1 91  ? -13.075 -6.283  6.509   1.00 26.64 ?  90  ASP A CB    1 
ATOM   684  C  CG    . ASP A 1 91  ? -14.435 -6.775  6.928   1.00 37.69 ?  90  ASP A CG    1 
ATOM   685  O  OD1   . ASP A 1 91  ? -15.324 -5.951  7.250   1.00 37.42 ?  90  ASP A OD1   1 
ATOM   686  O  OD2   . ASP A 1 91  ? -14.611 -8.003  6.934   1.00 39.59 ?  90  ASP A OD2   1 
ATOM   687  N  N     . SER A 1 92  ? -10.873 -4.409  5.201   1.00 25.28 ?  91  SER A N     1 
ATOM   688  C  CA    . SER A 1 92  ? -9.488  -3.959  5.200   1.00 25.54 ?  91  SER A CA    1 
ATOM   689  C  C     . SER A 1 92  ? -9.406  -2.440  5.279   1.00 25.11 ?  91  SER A C     1 
ATOM   690  O  O     . SER A 1 92  ? -8.417  -1.905  5.786   1.00 23.89 ?  91  SER A O     1 
ATOM   691  C  CB    . SER A 1 92  ? -8.752  -4.492  3.967   1.00 23.98 ?  91  SER A CB    1 
ATOM   692  O  OG    . SER A 1 92  ? -9.097  -3.766  2.799   1.00 25.11 ?  91  SER A OG    1 
ATOM   693  N  N     . LEU A 1 93  ? -10.444 -1.731  4.818   1.00 30.08 ?  92  LEU A N     1 
ATOM   694  C  CA    . LEU A 1 93  ? -10.492 -0.282  5.010   1.00 27.29 ?  92  LEU A CA    1 
ATOM   695  C  C     . LEU A 1 93  ? -10.713 0.073   6.476   1.00 27.04 ?  92  LEU A C     1 
ATOM   696  O  O     . LEU A 1 93  ? -10.048 0.967   7.020   1.00 23.63 ?  92  LEU A O     1 
ATOM   697  C  CB    . LEU A 1 93  ? -11.591 0.336   4.153   1.00 24.99 ?  92  LEU A CB    1 
ATOM   698  C  CG    . LEU A 1 93  ? -11.711 1.851   4.341   1.00 27.12 ?  92  LEU A CG    1 
ATOM   699  C  CD1   . LEU A 1 93  ? -10.393 2.559   3.978   1.00 22.85 ?  92  LEU A CD1   1 
ATOM   700  C  CD2   . LEU A 1 93  ? -12.852 2.405   3.531   1.00 23.30 ?  92  LEU A CD2   1 
ATOM   701  N  N     . GLU A 1 94  ? -11.661 -0.601  7.132   1.00 27.65 ?  93  GLU A N     1 
ATOM   702  C  CA    . GLU A 1 94  ? -11.919 -0.281  8.529   1.00 32.36 ?  93  GLU A CA    1 
ATOM   703  C  C     . GLU A 1 94  ? -10.727 -0.607  9.413   1.00 28.14 ?  93  GLU A C     1 
ATOM   704  O  O     . GLU A 1 94  ? -10.614 -0.047  10.507  1.00 28.77 ?  93  GLU A O     1 
ATOM   705  C  CB    . GLU A 1 94  ? -13.170 -1.013  9.029   1.00 35.79 ?  93  GLU A CB    1 
ATOM   706  C  CG    . GLU A 1 94  ? -13.655 -0.580  10.421  1.00 41.55 ?  93  GLU A CG    1 
ATOM   707  C  CD    . GLU A 1 94  ? -13.933 0.928   10.540  1.00 44.00 ?  93  GLU A CD    1 
ATOM   708  O  OE1   . GLU A 1 94  ? -14.225 1.581   9.511   1.00 46.66 ?  93  GLU A OE1   1 
ATOM   709  O  OE2   . GLU A 1 94  ? -13.865 1.460   11.674  1.00 45.44 ?  93  GLU A OE2   1 
ATOM   710  N  N     . ASN A 1 95  ? -9.841  -1.502  8.966   1.00 25.71 ?  94  ASN A N     1 
ATOM   711  C  CA    . ASN A 1 95  ? -8.613  -1.778  9.699   1.00 26.50 ?  94  ASN A CA    1 
ATOM   712  C  C     . ASN A 1 95  ? -7.572  -0.679  9.535   1.00 26.05 ?  94  ASN A C     1 
ATOM   713  O  O     . ASN A 1 95  ? -6.565  -0.693  10.251  1.00 25.44 ?  94  ASN A O     1 
ATOM   714  C  CB    . ASN A 1 95  ? -8.016  -3.122  9.262   1.00 26.06 ?  94  ASN A CB    1 
ATOM   715  C  CG    . ASN A 1 95  ? -8.511  -4.281  10.107  1.00 28.97 ?  94  ASN A CG    1 
ATOM   716  O  OD1   . ASN A 1 95  ? -8.758  -4.124  11.306  1.00 29.92 ?  94  ASN A OD1   1 
ATOM   717  N  ND2   . ASN A 1 95  ? -8.676  -5.452  9.485   1.00 24.53 ?  94  ASN A ND2   1 
ATOM   718  N  N     . ILE A 1 96  ? -7.771  0.250   8.606   1.00 24.09 ?  95  ILE A N     1 
ATOM   719  C  CA    . ILE A 1 96  ? -6.842  1.367   8.458   1.00 25.31 ?  95  ILE A CA    1 
ATOM   720  C  C     . ILE A 1 96  ? -6.821  2.151   9.771   1.00 27.91 ?  95  ILE A C     1 
ATOM   721  O  O     . ILE A 1 96  ? -5.757  2.251   10.401  1.00 26.26 ?  95  ILE A O     1 
ATOM   722  C  CB    . ILE A 1 96  ? -7.206  2.248   7.245   1.00 23.48 ?  95  ILE A CB    1 
ATOM   723  C  CG1   . ILE A 1 96  ? -7.005  1.485   5.918   1.00 22.28 ?  95  ILE A CG1   1 
ATOM   724  C  CG2   . ILE A 1 96  ? -6.410  3.524   7.269   1.00 25.34 ?  95  ILE A CG2   1 
ATOM   725  C  CD1   . ILE A 1 96  ? -5.591  0.971   5.687   1.00 20.96 ?  95  ILE A CD1   1 
ATOM   726  N  N     . PRO A 1 97  ? -7.949  2.691   10.258  1.00 26.30 ?  96  PRO A N     1 
ATOM   727  C  CA    . PRO A 1 97  ? -7.886  3.469   11.508  1.00 27.65 ?  96  PRO A CA    1 
ATOM   728  C  C     . PRO A 1 97  ? -7.804  2.613   12.759  1.00 29.41 ?  96  PRO A C     1 
ATOM   729  O  O     . PRO A 1 97  ? -7.318  3.099   13.790  1.00 29.95 ?  96  PRO A O     1 
ATOM   730  C  CB    . PRO A 1 97  ? -9.195  4.269   11.485  1.00 29.12 ?  96  PRO A CB    1 
ATOM   731  C  CG    . PRO A 1 97  ? -10.148 3.341   10.808  1.00 27.30 ?  96  PRO A CG    1 
ATOM   732  C  CD    . PRO A 1 97  ? -9.332  2.624   9.746   1.00 25.40 ?  96  PRO A CD    1 
ATOM   733  N  N     . GLU A 1 98  ? -8.265  1.365   12.706  1.00 25.72 ?  97  GLU A N     1 
ATOM   734  C  CA    . GLU A 1 98  ? -8.314  0.526   13.894  1.00 28.26 ?  97  GLU A CA    1 
ATOM   735  C  C     . GLU A 1 98  ? -7.037  -0.255  14.138  1.00 27.18 ?  97  GLU A C     1 
ATOM   736  O  O     . GLU A 1 98  ? -6.787  -0.648  15.280  1.00 33.37 ?  97  GLU A O     1 
ATOM   737  C  CB    . GLU A 1 98  ? -9.487  -0.458  13.808  1.00 30.93 ?  97  GLU A CB    1 
ATOM   738  C  CG    . GLU A 1 98  ? -10.813 0.184   14.127  1.00 36.39 ?  97  GLU A CG    1 
ATOM   739  C  CD    . GLU A 1 98  ? -10.703 1.140   15.311  1.00 46.68 ?  97  GLU A CD    1 
ATOM   740  O  OE1   . GLU A 1 98  ? -10.287 0.699   16.419  1.00 45.37 ?  97  GLU A OE1   1 
ATOM   741  O  OE2   . GLU A 1 98  ? -11.008 2.341   15.119  1.00 42.69 ?  97  GLU A OE2   1 
ATOM   742  N  N     . LYS A 1 99  ? -6.213  -0.476  13.116  1.00 25.50 ?  98  LYS A N     1 
ATOM   743  C  CA    . LYS A 1 99  ? -5.027  -1.298  13.307  1.00 23.80 ?  98  LYS A CA    1 
ATOM   744  C  C     . LYS A 1 99  ? -3.771  -0.632  12.762  1.00 25.83 ?  98  LYS A C     1 
ATOM   745  O  O     . LYS A 1 99  ? -2.777  -0.500  13.480  1.00 26.06 ?  98  LYS A O     1 
ATOM   746  C  CB    . LYS A 1 99  ? -5.216  -2.668  12.652  1.00 23.23 ?  98  LYS A CB    1 
ATOM   747  C  CG    . LYS A 1 99  ? -4.347  -3.787  13.249  1.00 27.84 ?  98  LYS A CG    1 
ATOM   748  C  CD    . LYS A 1 99  ? -2.958  -3.845  12.618  1.00 35.50 ?  98  LYS A CD    1 
ATOM   749  C  CE    . LYS A 1 99  ? -2.101  -4.997  13.179  1.00 38.53 ?  98  LYS A CE    1 
ATOM   750  N  NZ    . LYS A 1 99  ? -2.356  -6.320  12.528  1.00 35.76 ?  98  LYS A NZ    1 
ATOM   751  N  N     . TRP A 1 100 ? -3.793  -0.226  11.496  1.00 21.95 ?  99  TRP A N     1 
ATOM   752  C  CA    . TRP A 1 100 ? -2.546  0.103   10.816  1.00 25.77 ?  99  TRP A CA    1 
ATOM   753  C  C     . TRP A 1 100 ? -2.051  1.501   11.166  1.00 26.60 ?  99  TRP A C     1 
ATOM   754  O  O     . TRP A 1 100 ? -0.857  1.689   11.423  1.00 21.02 ?  99  TRP A O     1 
ATOM   755  C  CB    . TRP A 1 100 ? -2.726  -0.072  9.306   1.00 24.09 ?  99  TRP A CB    1 
ATOM   756  C  CG    . TRP A 1 100 ? -2.945  -1.521  8.977   1.00 23.16 ?  99  TRP A CG    1 
ATOM   757  C  CD1   . TRP A 1 100 ? -4.085  -2.094  8.489   1.00 23.00 ?  99  TRP A CD1   1 
ATOM   758  C  CD2   . TRP A 1 100 ? -2.011  -2.590  9.185   1.00 23.88 ?  99  TRP A CD2   1 
ATOM   759  N  NE1   . TRP A 1 100 ? -3.911  -3.451  8.354   1.00 23.02 ?  99  TRP A NE1   1 
ATOM   760  C  CE2   . TRP A 1 100 ? -2.648  -3.784  8.779   1.00 24.19 ?  99  TRP A CE2   1 
ATOM   761  C  CE3   . TRP A 1 100 ? -0.690  -2.650  9.661   1.00 24.72 ?  99  TRP A CE3   1 
ATOM   762  C  CZ2   . TRP A 1 100 ? -2.012  -5.032  8.841   1.00 23.84 ?  99  TRP A CZ2   1 
ATOM   763  C  CZ3   . TRP A 1 100 ? -0.057  -3.887  9.721   1.00 26.25 ?  99  TRP A CZ3   1 
ATOM   764  C  CH2   . TRP A 1 100 ? -0.721  -5.065  9.312   1.00 27.99 ?  99  TRP A CH2   1 
ATOM   765  N  N     . THR A 1 101 ? -2.944  2.486   11.178  1.00 23.86 ?  100 THR A N     1 
ATOM   766  C  CA    . THR A 1 101 ? -2.540  3.823   11.604  1.00 26.08 ?  100 THR A CA    1 
ATOM   767  C  C     . THR A 1 101 ? -2.036  3.834   13.043  1.00 27.84 ?  100 THR A C     1 
ATOM   768  O  O     . THR A 1 101 ? -0.978  4.446   13.282  1.00 27.76 ?  100 THR A O     1 
ATOM   769  C  CB    . THR A 1 101 ? -3.699  4.814   11.384  1.00 27.07 ?  100 THR A CB    1 
ATOM   770  O  OG1   . THR A 1 101 ? -4.066  4.805   9.997   1.00 28.69 ?  100 THR A OG1   1 
ATOM   771  C  CG2   . THR A 1 101 ? -3.301  6.228   11.761  1.00 26.10 ?  100 THR A CG2   1 
ATOM   772  N  N     . PRO A 1 102 ? -2.674  3.172   14.024  1.00 25.43 ?  101 PRO A N     1 
ATOM   773  C  CA    . PRO A 1 102 ? -2.073  3.142   15.372  1.00 31.22 ?  101 PRO A CA    1 
ATOM   774  C  C     . PRO A 1 102 ? -0.672  2.557   15.397  1.00 27.19 ?  101 PRO A C     1 
ATOM   775  O  O     . PRO A 1 102 ? 0.231   3.143   16.010  1.00 23.96 ?  101 PRO A O     1 
ATOM   776  C  CB    . PRO A 1 102 ? -3.060  2.287   16.179  1.00 27.72 ?  101 PRO A CB    1 
ATOM   777  C  CG    . PRO A 1 102 ? -4.344  2.445   15.479  1.00 31.64 ?  101 PRO A CG    1 
ATOM   778  C  CD    . PRO A 1 102 ? -4.014  2.553   14.023  1.00 27.22 ?  101 PRO A CD    1 
ATOM   779  N  N     . GLU A 1 103 ? -0.467  1.406   14.756  1.00 26.42 ?  102 GLU A N     1 
ATOM   780  C  CA    . GLU A 1 103 ? 0.857   0.797   14.755  1.00 26.91 ?  102 GLU A CA    1 
ATOM   781  C  C     . GLU A 1 103 ? 1.865   1.672   14.026  1.00 23.34 ?  102 GLU A C     1 
ATOM   782  O  O     . GLU A 1 103 ? 2.950   1.959   14.544  1.00 26.79 ?  102 GLU A O     1 
ATOM   783  C  CB    . GLU A 1 103 ? 0.811   -0.583  14.110  1.00 24.09 ?  102 GLU A CB    1 
ATOM   784  C  CG    . GLU A 1 103 ? 2.199   -1.087  13.737  1.00 26.44 ?  102 GLU A CG    1 
ATOM   785  C  CD    . GLU A 1 103 ? 2.171   -2.513  13.254  1.00 30.49 ?  102 GLU A CD    1 
ATOM   786  O  OE1   . GLU A 1 103 ? 1.407   -3.312  13.838  1.00 31.18 ?  102 GLU A OE1   1 
ATOM   787  O  OE2   . GLU A 1 103 ? 2.886   -2.829  12.280  1.00 27.77 ?  102 GLU A OE2   1 
ATOM   788  N  N     . VAL A 1 104 ? 1.526   2.093   12.810  1.00 22.41 ?  103 VAL A N     1 
ATOM   789  C  CA    . VAL A 1 104 ? 2.467   2.865   12.003  1.00 26.75 ?  103 VAL A CA    1 
ATOM   790  C  C     . VAL A 1 104 ? 2.828   4.173   12.700  1.00 27.14 ?  103 VAL A C     1 
ATOM   791  O  O     . VAL A 1 104 ? 4.011   4.512   12.839  1.00 28.43 ?  103 VAL A O     1 
ATOM   792  C  CB    . VAL A 1 104 ? 1.891   3.109   10.598  1.00 23.15 ?  103 VAL A CB    1 
ATOM   793  C  CG1   . VAL A 1 104 ? 2.634   4.244   9.912   1.00 25.31 ?  103 VAL A CG1   1 
ATOM   794  C  CG2   . VAL A 1 104 ? 2.007   1.842   9.788   1.00 23.11 ?  103 VAL A CG2   1 
ATOM   795  N  N     . LYS A 1 105 ? 1.823   4.928   13.155  1.00 25.74 ?  104 LYS A N     1 
ATOM   796  C  CA    . LYS A 1 105 ? 2.135   6.206   13.786  1.00 25.26 ?  104 LYS A CA    1 
ATOM   797  C  C     . LYS A 1 105 ? 2.833   6.032   15.126  1.00 26.86 ?  104 LYS A C     1 
ATOM   798  O  O     . LYS A 1 105 ? 3.471   6.976   15.606  1.00 30.01 ?  104 LYS A O     1 
ATOM   799  C  CB    . LYS A 1 105 ? 0.878   7.059   13.946  1.00 22.23 ?  104 LYS A CB    1 
ATOM   800  C  CG    . LYS A 1 105 ? 0.472   7.733   12.653  1.00 29.05 ?  104 LYS A CG    1 
ATOM   801  C  CD    . LYS A 1 105 ? -0.591  8.812   12.851  1.00 33.30 ?  104 LYS A CD    1 
ATOM   802  C  CE    . LYS A 1 105 ? -1.000  9.396   11.500  1.00 31.46 ?  104 LYS A CE    1 
ATOM   803  N  NZ    . LYS A 1 105 ? -1.996  10.492  11.627  1.00 34.68 ?  104 LYS A NZ    1 
ATOM   804  N  N     . HIS A 1 106 ? 2.755   4.852   15.734  1.00 27.83 ?  105 HIS A N     1 
ATOM   805  C  CA    . HIS A 1 106 ? 3.517   4.636   16.958  1.00 29.94 ?  105 HIS A CA    1 
ATOM   806  C  C     . HIS A 1 106 ? 5.004   4.515   16.662  1.00 29.32 ?  105 HIS A C     1 
ATOM   807  O  O     . HIS A 1 106 ? 5.832   5.165   17.311  1.00 33.68 ?  105 HIS A O     1 
ATOM   808  C  CB    . HIS A 1 106 ? 3.028   3.396   17.695  1.00 26.87 ?  105 HIS A CB    1 
ATOM   809  C  CG    . HIS A 1 106 ? 3.889   3.028   18.859  1.00 31.25 ?  105 HIS A CG    1 
ATOM   810  N  ND1   . HIS A 1 106 ? 4.933   2.133   18.758  1.00 33.04 ?  105 HIS A ND1   1 
ATOM   811  C  CD2   . HIS A 1 106 ? 3.875   3.448   20.145  1.00 33.06 ?  105 HIS A CD2   1 
ATOM   812  C  CE1   . HIS A 1 106 ? 5.520   2.013   19.936  1.00 31.28 ?  105 HIS A CE1   1 
ATOM   813  N  NE2   . HIS A 1 106 ? 4.901   2.805   20.792  1.00 33.11 ?  105 HIS A NE2   1 
ATOM   814  N  N     . PHE A 1 107 ? 5.368   3.694   15.680  1.00 26.70 ?  106 PHE A N     1 
ATOM   815  C  CA    . PHE A 1 107 ? 6.783   3.491   15.386  1.00 30.09 ?  106 PHE A CA    1 
ATOM   816  C  C     . PHE A 1 107 ? 7.348   4.484   14.381  1.00 28.37 ?  106 PHE A C     1 
ATOM   817  O  O     . PHE A 1 107 ? 8.570   4.657   14.332  1.00 29.07 ?  106 PHE A O     1 
ATOM   818  C  CB    . PHE A 1 107 ? 7.028   2.066   14.883  1.00 22.70 ?  106 PHE A CB    1 
ATOM   819  C  CG    . PHE A 1 107 ? 6.643   1.007   15.874  1.00 30.19 ?  106 PHE A CG    1 
ATOM   820  C  CD1   . PHE A 1 107 ? 7.453   0.742   16.975  1.00 29.87 ?  106 PHE A CD1   1 
ATOM   821  C  CD2   . PHE A 1 107 ? 5.475   0.273   15.709  1.00 29.45 ?  106 PHE A CD2   1 
ATOM   822  C  CE1   . PHE A 1 107 ? 7.092   -0.229  17.905  1.00 32.34 ?  106 PHE A CE1   1 
ATOM   823  C  CE2   . PHE A 1 107 ? 5.114   -0.709  16.631  1.00 23.72 ?  106 PHE A CE2   1 
ATOM   824  C  CZ    . PHE A 1 107 ? 5.919   -0.956  17.728  1.00 26.41 ?  106 PHE A CZ    1 
ATOM   825  N  N     . CYS A 1 108 ? 6.502   5.144   13.588  1.00 30.29 ?  107 CYS A N     1 
ATOM   826  C  CA    . CYS A 1 108 ? 6.945   6.119   12.588  1.00 28.29 ?  107 CYS A CA    1 
ATOM   827  C  C     . CYS A 1 108 ? 6.138   7.399   12.737  1.00 28.03 ?  107 CYS A C     1 
ATOM   828  O  O     . CYS A 1 108 ? 5.398   7.788   11.825  1.00 27.79 ?  107 CYS A O     1 
ATOM   829  C  CB    . CYS A 1 108 ? 6.799   5.539   11.184  1.00 25.97 ?  107 CYS A CB    1 
ATOM   830  S  SG    . CYS A 1 108 ? 7.712   4.004   10.981  1.00 29.80 ?  107 CYS A SG    1 
ATOM   831  N  N     . PRO A 1 109 ? 6.290   8.100   13.869  1.00 28.37 ?  108 PRO A N     1 
ATOM   832  C  CA    . PRO A 1 109 ? 5.274   9.096   14.269  1.00 31.10 ?  108 PRO A CA    1 
ATOM   833  C  C     . PRO A 1 109 ? 4.997   10.201  13.264  1.00 32.66 ?  108 PRO A C     1 
ATOM   834  O  O     . PRO A 1 109 ? 3.834   10.604  13.119  1.00 43.29 ?  108 PRO A O     1 
ATOM   835  C  CB    . PRO A 1 109 ? 5.832   9.657   15.587  1.00 32.00 ?  108 PRO A CB    1 
ATOM   836  C  CG    . PRO A 1 109 ? 7.214   9.082   15.736  1.00 30.45 ?  108 PRO A CG    1 
ATOM   837  C  CD    . PRO A 1 109 ? 7.245   7.830   14.955  1.00 28.06 ?  108 PRO A CD    1 
ATOM   838  N  N     . ASN A 1 110 ? 5.997   10.722  12.568  1.00 27.88 ?  109 ASN A N     1 
ATOM   839  C  CA    . ASN A 1 110 ? 5.703   11.786  11.619  1.00 34.10 ?  109 ASN A CA    1 
ATOM   840  C  C     . ASN A 1 110 ? 6.109   11.422  10.200  1.00 29.37 ?  109 ASN A C     1 
ATOM   841  O  O     . ASN A 1 110 ? 6.343   12.309  9.378   1.00 32.44 ?  109 ASN A O     1 
ATOM   842  C  CB    . ASN A 1 110 ? 6.357   13.091  12.068  1.00 40.23 ?  109 ASN A CB    1 
ATOM   843  C  CG    . ASN A 1 110 ? 5.799   13.575  13.395  1.00 38.55 ?  109 ASN A CG    1 
ATOM   844  O  OD1   . ASN A 1 110 ? 4.640   14.002  13.479  1.00 38.88 ?  109 ASN A OD1   1 
ATOM   845  N  ND2   . ASN A 1 110 ? 6.608   13.484  14.447  1.00 36.37 ?  109 ASN A ND2   1 
ATOM   846  N  N     . VAL A 1 111 ? 6.164   10.138  9.889   1.00 27.84 ?  110 VAL A N     1 
ATOM   847  C  CA    . VAL A 1 111 ? 6.525   9.701   8.544   1.00 26.01 ?  110 VAL A CA    1 
ATOM   848  C  C     . VAL A 1 111 ? 5.296   9.845   7.640   1.00 24.54 ?  110 VAL A C     1 
ATOM   849  O  O     . VAL A 1 111 ? 4.214   9.365   8.008   1.00 21.97 ?  110 VAL A O     1 
ATOM   850  C  CB    . VAL A 1 111 ? 7.031   8.263   8.565   1.00 25.79 ?  110 VAL A CB    1 
ATOM   851  C  CG1   . VAL A 1 111 ? 7.255   7.741   7.152   1.00 24.02 ?  110 VAL A CG1   1 
ATOM   852  C  CG2   . VAL A 1 111 ? 8.335   8.197   9.370   1.00 22.76 ?  110 VAL A CG2   1 
ATOM   853  N  N     . PRO A 1 112 ? 5.423   10.500  6.493   1.00 23.86 ?  111 PRO A N     1 
ATOM   854  C  CA    . PRO A 1 112 ? 4.263   10.651  5.602   1.00 22.33 ?  111 PRO A CA    1 
ATOM   855  C  C     . PRO A 1 112 ? 3.667   9.306   5.214   1.00 23.92 ?  111 PRO A C     1 
ATOM   856  O  O     . PRO A 1 112 ? 4.376   8.311   5.032   1.00 21.14 ?  111 PRO A O     1 
ATOM   857  C  CB    . PRO A 1 112 ? 4.836   11.383  4.380   1.00 24.62 ?  111 PRO A CB    1 
ATOM   858  C  CG    . PRO A 1 112 ? 6.323   11.374  4.538   1.00 26.32 ?  111 PRO A CG    1 
ATOM   859  C  CD    . PRO A 1 112 ? 6.622   11.189  5.990   1.00 25.19 ?  111 PRO A CD    1 
ATOM   860  N  N     . ILE A 1 113 ? 2.344   9.290   5.101   1.00 20.56 ?  112 ILE A N     1 
ATOM   861  C  CA    . ILE A 1 113 ? 1.586   8.106   4.722   1.00 17.79 ?  112 ILE A CA    1 
ATOM   862  C  C     . ILE A 1 113 ? 0.872   8.386   3.408   1.00 20.07 ?  112 ILE A C     1 
ATOM   863  O  O     . ILE A 1 113 ? 0.225   9.430   3.257   1.00 18.87 ?  112 ILE A O     1 
ATOM   864  C  CB    . ILE A 1 113 ? 0.575   7.724   5.812   1.00 18.97 ?  112 ILE A CB    1 
ATOM   865  C  CG1   . ILE A 1 113 ? 1.310   7.149   7.027   1.00 21.12 ?  112 ILE A CG1   1 
ATOM   866  C  CG2   . ILE A 1 113 ? -0.460  6.787   5.244   1.00 16.30 ?  112 ILE A CG2   1 
ATOM   867  C  CD1   . ILE A 1 113 ? 0.564   7.322   8.339   1.00 22.59 ?  112 ILE A CD1   1 
ATOM   868  N  N     . ILE A 1 114 ? 0.993   7.464   2.459   1.00 21.94 ?  113 ILE A N     1 
ATOM   869  C  CA    . ILE A 1 114 ? 0.136   7.441   1.278   1.00 20.19 ?  113 ILE A CA    1 
ATOM   870  C  C     . ILE A 1 114 ? -0.890  6.341   1.486   1.00 18.46 ?  113 ILE A C     1 
ATOM   871  O  O     . ILE A 1 114 ? -0.518  5.180   1.663   1.00 22.39 ?  113 ILE A O     1 
ATOM   872  C  CB    . ILE A 1 114 ? 0.940   7.187   -0.003  1.00 21.66 ?  113 ILE A CB    1 
ATOM   873  C  CG1   . ILE A 1 114 ? 2.164   8.112   -0.079  1.00 22.44 ?  113 ILE A CG1   1 
ATOM   874  C  CG2   . ILE A 1 114 ? 0.028   7.320   -1.221  1.00 22.08 ?  113 ILE A CG2   1 
ATOM   875  C  CD1   . ILE A 1 114 ? 1.829   9.592   -0.175  1.00 22.66 ?  113 ILE A CD1   1 
ATOM   876  N  N     . LEU A 1 115 ? -2.180  6.688   1.473   1.00 21.38 ?  114 LEU A N     1 
ATOM   877  C  CA    . LEU A 1 115 ? -3.235  5.684   1.584   1.00 20.02 ?  114 LEU A CA    1 
ATOM   878  C  C     . LEU A 1 115 ? -3.525  5.119   0.197   1.00 24.13 ?  114 LEU A C     1 
ATOM   879  O  O     . LEU A 1 115 ? -3.841  5.880   -0.728  1.00 21.99 ?  114 LEU A O     1 
ATOM   880  C  CB    . LEU A 1 115 ? -4.505  6.271   2.197   1.00 22.83 ?  114 LEU A CB    1 
ATOM   881  C  CG    . LEU A 1 115 ? -5.638  5.263   2.437   1.00 22.02 ?  114 LEU A CG    1 
ATOM   882  C  CD1   . LEU A 1 115 ? -5.232  4.237   3.490   1.00 16.44 ?  114 LEU A CD1   1 
ATOM   883  C  CD2   . LEU A 1 115 ? -6.948  5.971   2.831   1.00 18.83 ?  114 LEU A CD2   1 
ATOM   884  N  N     . VAL A 1 116 ? -3.426  3.793   0.057   1.00 23.52 ?  115 VAL A N     1 
ATOM   885  C  CA    . VAL A 1 116 ? -3.538  3.121   -1.235  1.00 23.93 ?  115 VAL A CA    1 
ATOM   886  C  C     . VAL A 1 116 ? -4.688  2.120   -1.197  1.00 21.54 ?  115 VAL A C     1 
ATOM   887  O  O     . VAL A 1 116 ? -4.745  1.259   -0.311  1.00 21.84 ?  115 VAL A O     1 
ATOM   888  C  CB    . VAL A 1 116 ? -2.222  2.421   -1.623  1.00 23.70 ?  115 VAL A CB    1 
ATOM   889  C  CG1   . VAL A 1 116 ? -2.371  1.691   -2.960  1.00 21.40 ?  115 VAL A CG1   1 
ATOM   890  C  CG2   . VAL A 1 116 ? -1.076  3.433   -1.664  1.00 17.31 ?  115 VAL A CG2   1 
ATOM   891  N  N     . GLY A 1 117 ? -5.596  2.230   -2.167  1.00 24.30 ?  116 GLY A N     1 
ATOM   892  C  CA    . GLY A 1 117 ? -6.629  1.229   -2.375  1.00 21.38 ?  116 GLY A CA    1 
ATOM   893  C  C     . GLY A 1 117 ? -6.249  0.290   -3.502  1.00 22.44 ?  116 GLY A C     1 
ATOM   894  O  O     . GLY A 1 117 ? -6.260  0.684   -4.673  1.00 22.34 ?  116 GLY A O     1 
ATOM   895  N  N     . ASN A 1 118 ? -5.880  -0.945  -3.159  1.00 21.90 ?  117 ASN A N     1 
ATOM   896  C  CA    . ASN A 1 118 ? -5.439  -1.913  -4.151  1.00 22.92 ?  117 ASN A CA    1 
ATOM   897  C  C     . ASN A 1 118 ? -6.629  -2.609  -4.802  1.00 21.16 ?  117 ASN A C     1 
ATOM   898  O  O     . ASN A 1 118 ? -7.771  -2.503  -4.350  1.00 21.06 ?  117 ASN A O     1 
ATOM   899  C  CB    . ASN A 1 118 ? -4.505  -2.945  -3.518  1.00 22.81 ?  117 ASN A CB    1 
ATOM   900  C  CG    . ASN A 1 118 ? -3.141  -2.367  -3.191  1.00 25.18 ?  117 ASN A CG    1 
ATOM   901  O  OD1   . ASN A 1 118 ? -2.677  -1.436  -3.855  1.00 20.64 ?  117 ASN A OD1   1 
ATOM   902  N  ND2   . ASN A 1 118 ? -2.495  -2.910  -2.166  1.00 24.15 ?  117 ASN A ND2   1 
ATOM   903  N  N     . LYS A 1 119 ? -6.337  -3.315  -5.902  1.00 20.83 ?  118 LYS A N     1 
ATOM   904  C  CA    . LYS A 1 119 ? -7.295  -4.192  -6.579  1.00 23.82 ?  118 LYS A CA    1 
ATOM   905  C  C     . LYS A 1 119 ? -8.494  -3.416  -7.114  1.00 23.37 ?  118 LYS A C     1 
ATOM   906  O  O     . LYS A 1 119 ? -9.626  -3.893  -7.087  1.00 25.17 ?  118 LYS A O     1 
ATOM   907  C  CB    . LYS A 1 119 ? -7.744  -5.322  -5.657  1.00 23.87 ?  118 LYS A CB    1 
ATOM   908  C  CG    . LYS A 1 119 ? -6.584  -6.043  -4.983  1.00 22.92 ?  118 LYS A CG    1 
ATOM   909  C  CD    . LYS A 1 119 ? -7.078  -7.283  -4.261  1.00 23.83 ?  118 LYS A CD    1 
ATOM   910  C  CE    . LYS A 1 119 ? -5.919  -8.132  -3.756  1.00 23.08 ?  118 LYS A CE    1 
ATOM   911  N  NZ    . LYS A 1 119 ? -6.441  -9.320  -3.021  1.00 24.30 ?  118 LYS A NZ    1 
ATOM   912  N  N     . LYS A 1 120 ? -8.223  -2.211  -7.615  1.00 21.74 ?  119 LYS A N     1 
ATOM   913  C  CA    . LYS A 1 120 ? -9.232  -1.372  -8.256  1.00 23.40 ?  119 LYS A CA    1 
ATOM   914  C  C     . LYS A 1 120 ? -10.012 -2.117  -9.343  1.00 28.35 ?  119 LYS A C     1 
ATOM   915  O  O     . LYS A 1 120 ? -11.190 -1.814  -9.590  1.00 26.34 ?  119 LYS A O     1 
ATOM   916  C  CB    . LYS A 1 120 ? -8.521  -0.149  -8.845  1.00 25.82 ?  119 LYS A CB    1 
ATOM   917  C  CG    . LYS A 1 120 ? -9.389  0.914   -9.464  1.00 32.46 ?  119 LYS A CG    1 
ATOM   918  C  CD    . LYS A 1 120 ? -8.507  1.955   -10.180 1.00 29.89 ?  119 LYS A CD    1 
ATOM   919  C  CE    . LYS A 1 120 ? -9.360  3.034   -10.840 1.00 32.42 ?  119 LYS A CE    1 
ATOM   920  N  NZ    . LYS A 1 120 ? -8.526  3.944   -11.672 1.00 46.02 ?  119 LYS A NZ    1 
ATOM   921  N  N     . ASP A 1 121 ? -9.373  -3.084  -10.009 1.00 23.91 ?  120 ASP A N     1 
ATOM   922  C  CA    . ASP A 1 121 ? -10.020 -3.855  -11.062 1.00 25.98 ?  120 ASP A CA    1 
ATOM   923  C  C     . ASP A 1 121 ? -11.166 -4.724  -10.551 1.00 27.61 ?  120 ASP A C     1 
ATOM   924  O  O     . ASP A 1 121 ? -11.944 -5.229  -11.369 1.00 26.94 ?  120 ASP A O     1 
ATOM   925  C  CB    . ASP A 1 121 ? -8.986  -4.735  -11.767 1.00 23.05 ?  120 ASP A CB    1 
ATOM   926  C  CG    . ASP A 1 121 ? -8.269  -5.662  -10.808 1.00 25.30 ?  120 ASP A CG    1 
ATOM   927  O  OD1   . ASP A 1 121 ? -7.389  -5.177  -10.067 1.00 24.52 ?  120 ASP A OD1   1 
ATOM   928  O  OD2   . ASP A 1 121 ? -8.608  -6.866  -10.769 1.00 26.51 ?  120 ASP A OD2   1 
ATOM   929  N  N     . LEU A 1 122 ? -11.295 -4.914  -9.240  1.00 26.38 ?  121 LEU A N     1 
ATOM   930  C  CA    . LEU A 1 122 ? -12.388 -5.704  -8.684  1.00 27.26 ?  121 LEU A CA    1 
ATOM   931  C  C     . LEU A 1 122 ? -13.604 -4.866  -8.296  1.00 29.66 ?  121 LEU A C     1 
ATOM   932  O  O     . LEU A 1 122 ? -14.616 -5.436  -7.867  1.00 24.34 ?  121 LEU A O     1 
ATOM   933  C  CB    . LEU A 1 122 ? -11.916 -6.495  -7.463  1.00 24.05 ?  121 LEU A CB    1 
ATOM   934  C  CG    . LEU A 1 122 ? -10.875 -7.598  -7.671  1.00 27.80 ?  121 LEU A CG    1 
ATOM   935  C  CD1   . LEU A 1 122 ? -10.686 -8.398  -6.394  1.00 29.22 ?  121 LEU A CD1   1 
ATOM   936  C  CD2   . LEU A 1 122 ? -11.261 -8.516  -8.814  1.00 28.71 ?  121 LEU A CD2   1 
ATOM   937  N  N     . ARG A 1 123 ? -13.539 -3.537  -8.443  1.00 24.53 ?  122 ARG A N     1 
ATOM   938  C  CA    . ARG A 1 123 ? -14.671 -2.701  -8.050  1.00 24.01 ?  122 ARG A CA    1 
ATOM   939  C  C     . ARG A 1 123 ? -15.936 -3.105  -8.793  1.00 30.10 ?  122 ARG A C     1 
ATOM   940  O  O     . ARG A 1 123 ? -17.030 -3.127  -8.212  1.00 27.67 ?  122 ARG A O     1 
ATOM   941  C  CB    . ARG A 1 123 ? -14.351 -1.230  -8.297  1.00 23.25 ?  122 ARG A CB    1 
ATOM   942  C  CG    . ARG A 1 123 ? -15.500 -0.287  -8.026  1.00 28.46 ?  122 ARG A CG    1 
ATOM   943  C  CD    . ARG A 1 123 ? -15.005 1.148   -7.969  1.00 23.52 ?  122 ARG A CD    1 
ATOM   944  N  NE    . ARG A 1 123 ? -14.402 1.434   -6.673  1.00 24.09 ?  122 ARG A NE    1 
ATOM   945  C  CZ    . ARG A 1 123 ? -13.315 2.169   -6.491  1.00 27.22 ?  122 ARG A CZ    1 
ATOM   946  N  NH1   . ARG A 1 123 ? -12.623 2.654   -7.514  1.00 22.92 ?  122 ARG A NH1   1 
ATOM   947  N  NH2   . ARG A 1 123 ? -12.908 2.423   -5.249  1.00 24.91 ?  122 ARG A NH2   1 
ATOM   948  N  N     . ASN A 1 124 ? -15.802 -3.473  -10.065 1.00 25.80 ?  123 ASN A N     1 
ATOM   949  C  CA    . ASN A 1 124 ? -16.932 -3.893  -10.883 1.00 29.50 ?  123 ASN A CA    1 
ATOM   950  C  C     . ASN A 1 124 ? -16.882 -5.375  -11.221 1.00 31.26 ?  123 ASN A C     1 
ATOM   951  O  O     . ASN A 1 124 ? -17.479 -5.797  -12.215 1.00 36.05 ?  123 ASN A O     1 
ATOM   952  C  CB    . ASN A 1 124 ? -16.989 -3.061  -12.162 1.00 28.59 ?  123 ASN A CB    1 
ATOM   953  C  CG    . ASN A 1 124 ? -17.155 -1.591  -11.876 1.00 31.97 ?  123 ASN A CG    1 
ATOM   954  O  OD1   . ASN A 1 124 ? -17.851 -1.209  -10.925 1.00 28.62 ?  123 ASN A OD1   1 
ATOM   955  N  ND2   . ASN A 1 124 ? -16.506 -0.751  -12.677 1.00 28.87 ?  123 ASN A ND2   1 
ATOM   956  N  N     . ASP A 1 125 ? -16.170 -6.169  -10.422 1.00 30.76 ?  124 ASP A N     1 
ATOM   957  C  CA    . ASP A 1 125 ? -16.053 -7.599  -10.661 1.00 23.56 ?  124 ASP A CA    1 
ATOM   958  C  C     . ASP A 1 125 ? -17.278 -8.334  -10.126 1.00 31.05 ?  124 ASP A C     1 
ATOM   959  O  O     . ASP A 1 125 ? -17.729 -8.085  -9.006  1.00 29.72 ?  124 ASP A O     1 
ATOM   960  C  CB    . ASP A 1 125 ? -14.785 -8.137  -10.002 1.00 28.63 ?  124 ASP A CB    1 
ATOM   961  C  CG    . ASP A 1 125 ? -14.626 -9.629  -10.190 1.00 31.11 ?  124 ASP A CG    1 
ATOM   962  O  OD1   . ASP A 1 125 ? -14.694 -10.083 -11.346 1.00 34.19 ?  124 ASP A OD1   1 
ATOM   963  O  OD2   . ASP A 1 125 ? -14.431 -10.351 -9.192  1.00 34.89 ?  124 ASP A OD2   1 
ATOM   964  N  N     . GLU A 1 126 ? -17.866 -9.203  -10.939 1.00 32.50 ?  125 GLU A N     1 
ATOM   965  C  CA    . GLU A 1 126 ? -19.154 -9.853  -10.577 1.00 34.86 ?  125 GLU A CA    1 
ATOM   966  C  C     . GLU A 1 126 ? -19.045 -10.748 -9.335  1.00 32.31 ?  125 GLU A C     1 
ATOM   967  O  O     . GLU A 1 126 ? -19.880 -10.600 -8.440  1.00 32.76 ?  125 GLU A O     1 
ATOM   968  C  CB    . GLU A 1 126 ? -19.693 -10.645 -11.768 1.00 38.70 ?  125 GLU A CB    1 
ATOM   969  C  CG    . GLU A 1 126 ? -21.016 -10.094 -12.294 1.00 42.06 ?  125 GLU A CG    1 
ATOM   970  C  CD    . GLU A 1 126 ? -21.984 -9.681  -11.200 1.00 50.72 ?  125 GLU A CD    1 
ATOM   971  O  OE1   . GLU A 1 126 ? -22.146 -8.461  -10.975 1.00 49.06 ?  125 GLU A OE1   1 
ATOM   972  O  OE2   . GLU A 1 126 ? -22.571 -10.584 -10.567 1.00 51.55 ?  125 GLU A OE2   1 
ATOM   973  N  N     . HIS A 1 127 ? -18.046 -11.619 -9.298  1.00 29.22 ?  126 HIS A N     1 
ATOM   974  C  CA    . HIS A 1 127 ? -17.914 -12.453 -8.106  1.00 31.35 ?  126 HIS A CA    1 
ATOM   975  C  C     . HIS A 1 127 ? -17.639 -11.608 -6.869  1.00 29.37 ?  126 HIS A C     1 
ATOM   976  O  O     . HIS A 1 127 ? -18.142 -11.907 -5.777  1.00 24.66 ?  126 HIS A O     1 
ATOM   977  C  CB    . HIS A 1 127 ? -16.804 -13.491 -8.281  1.00 30.40 ?  126 HIS A CB    1 
ATOM   978  C  CG    . HIS A 1 127 ? -16.601 -14.343 -7.066  1.00 37.84 ?  126 HIS A CG    1 
ATOM   979  N  ND1   . HIS A 1 127 ? -15.365 -14.544 -6.489  1.00 42.28 ?  126 HIS A ND1   1 
ATOM   980  C  CD2   . HIS A 1 127 ? -17.487 -15.032 -6.304  1.00 39.87 ?  126 HIS A CD2   1 
ATOM   981  C  CE1   . HIS A 1 127 ? -15.496 -15.326 -5.431  1.00 42.64 ?  126 HIS A CE1   1 
ATOM   982  N  NE2   . HIS A 1 127 ? -16.774 -15.637 -5.298  1.00 42.89 ?  126 HIS A NE2   1 
ATOM   983  N  N     . THR A 1 128 ? -16.823 -10.562 -7.015  1.00 25.51 ?  127 THR A N     1 
ATOM   984  C  CA    . THR A 1 128 ? -16.548 -9.690  -5.880  1.00 29.66 ?  127 THR A CA    1 
ATOM   985  C  C     . THR A 1 128 ? -17.843 -9.106  -5.317  1.00 29.90 ?  127 THR A C     1 
ATOM   986  O  O     . THR A 1 128 ? -18.085 -9.157  -4.106  1.00 26.61 ?  127 THR A O     1 
ATOM   987  C  CB    . THR A 1 128 ? -15.571 -8.583  -6.289  1.00 30.91 ?  127 THR A CB    1 
ATOM   988  O  OG1   . THR A 1 128 ? -14.266 -9.148  -6.484  1.00 30.70 ?  127 THR A OG1   1 
ATOM   989  C  CG2   . THR A 1 128 ? -15.502 -7.489  -5.226  1.00 26.65 ?  127 THR A CG2   1 
ATOM   990  N  N     . ARG A 1 129 ? -18.705 -8.578  -6.182  1.00 24.64 ?  128 ARG A N     1 
ATOM   991  C  CA    . ARG A 1 129 ? -19.915 -7.933  -5.680  1.00 29.19 ?  128 ARG A CA    1 
ATOM   992  C  C     . ARG A 1 129 ? -20.881 -8.952  -5.086  1.00 28.56 ?  128 ARG A C     1 
ATOM   993  O  O     . ARG A 1 129 ? -21.552 -8.662  -4.091  1.00 27.32 ?  128 ARG A O     1 
ATOM   994  C  CB    . ARG A 1 129 ? -20.584 -7.121  -6.796  1.00 29.41 ?  128 ARG A CB    1 
ATOM   995  C  CG    . ARG A 1 129 ? -19.676 -6.017  -7.375  1.00 37.36 ?  128 ARG A CG    1 
ATOM   996  C  CD    . ARG A 1 129 ? -20.441 -5.011  -8.252  1.00 38.64 ?  128 ARG A CD    1 
ATOM   997  N  NE    . ARG A 1 129 ? -21.158 -4.026  -7.449  1.00 43.80 ?  128 ARG A NE    1 
ATOM   998  C  CZ    . ARG A 1 129 ? -20.822 -2.747  -7.344  1.00 37.55 ?  128 ARG A CZ    1 
ATOM   999  N  NH1   . ARG A 1 129 ? -19.813 -2.237  -8.034  1.00 39.01 ?  128 ARG A NH1   1 
ATOM   1000 N  NH2   . ARG A 1 129 ? -21.520 -1.958  -6.530  1.00 37.73 ?  128 ARG A NH2   1 
ATOM   1001 N  N     . ARG A 1 130 ? -20.939 -10.154 -5.658  1.00 27.31 ?  129 ARG A N     1 
ATOM   1002 C  CA    . ARG A 1 130 ? -21.810 -11.191 -5.111  1.00 29.37 ?  129 ARG A CA    1 
ATOM   1003 C  C     . ARG A 1 130 ? -21.329 -11.650 -3.741  1.00 23.99 ?  129 ARG A C     1 
ATOM   1004 O  O     . ARG A 1 130 ? -22.141 -11.833 -2.827  1.00 24.47 ?  129 ARG A O     1 
ATOM   1005 C  CB    . ARG A 1 130 ? -21.892 -12.365 -6.090  1.00 30.78 ?  129 ARG A CB    1 
ATOM   1006 C  CG    . ARG A 1 130 ? -22.983 -13.396 -5.815  1.00 33.18 ?  129 ARG A CG    1 
ATOM   1007 C  CD    . ARG A 1 130 ? -23.231 -14.215 -7.079  1.00 32.52 ?  129 ARG A CD    1 
ATOM   1008 N  NE    . ARG A 1 130 ? -24.322 -15.177 -6.973  1.00 45.63 ?  129 ARG A NE    1 
ATOM   1009 C  CZ    . ARG A 1 130 ? -25.611 -14.861 -6.916  1.00 47.61 ?  129 ARG A CZ    1 
ATOM   1010 N  NH1   . ARG A 1 130 ? -26.017 -13.602 -6.850  1.00 44.88 ?  129 ARG A NH1   1 
ATOM   1011 N  NH2   . ARG A 1 130 ? -26.521 -15.835 -6.924  1.00 43.24 ?  129 ARG A NH2   1 
ATOM   1012 N  N     . GLU A 1 131 ? -20.014 -11.838 -3.576  1.00 29.02 ?  130 GLU A N     1 
ATOM   1013 C  CA    . GLU A 1 131 ? -19.458 -12.157 -2.261  1.00 29.06 ?  130 GLU A CA    1 
ATOM   1014 C  C     . GLU A 1 131 ? -19.757 -11.051 -1.256  1.00 28.84 ?  130 GLU A C     1 
ATOM   1015 O  O     . GLU A 1 131 ? -20.164 -11.321 -0.120  1.00 25.20 ?  130 GLU A O     1 
ATOM   1016 C  CB    . GLU A 1 131 ? -17.943 -12.378 -2.350  1.00 30.80 ?  130 GLU A CB    1 
ATOM   1017 C  CG    . GLU A 1 131 ? -17.509 -13.775 -2.774  1.00 38.31 ?  130 GLU A CG    1 
ATOM   1018 C  CD    . GLU A 1 131 ? -17.902 -14.860 -1.774  1.00 42.28 ?  130 GLU A CD    1 
ATOM   1019 O  OE1   . GLU A 1 131 ? -17.512 -14.764 -0.585  1.00 41.59 ?  130 GLU A OE1   1 
ATOM   1020 O  OE2   . GLU A 1 131 ? -18.613 -15.807 -2.183  1.00 43.35 ?  130 GLU A OE2   1 
ATOM   1021 N  N     . LEU A 1 132 ? -19.561 -9.795  -1.658  1.00 23.65 ?  131 LEU A N     1 
ATOM   1022 C  CA    . LEU A 1 132 ? -19.766 -8.698  -0.721  1.00 26.22 ?  131 LEU A CA    1 
ATOM   1023 C  C     . LEU A 1 132 ? -21.245 -8.500  -0.420  1.00 27.55 ?  131 LEU A C     1 
ATOM   1024 O  O     . LEU A 1 132 ? -21.613 -8.222  0.726   1.00 26.29 ?  131 LEU A O     1 
ATOM   1025 C  CB    . LEU A 1 132 ? -19.144 -7.415  -1.270  1.00 25.59 ?  131 LEU A CB    1 
ATOM   1026 C  CG    . LEU A 1 132 ? -17.613 -7.392  -1.384  1.00 27.57 ?  131 LEU A CG    1 
ATOM   1027 C  CD1   . LEU A 1 132 ? -17.118 -6.018  -1.874  1.00 26.66 ?  131 LEU A CD1   1 
ATOM   1028 C  CD2   . LEU A 1 132 ? -16.961 -7.746  -0.064  1.00 26.24 ?  131 LEU A CD2   1 
ATOM   1029 N  N     . ALA A 1 133 ? -22.107 -8.648  -1.433  1.00 25.06 ?  132 ALA A N     1 
ATOM   1030 C  CA    . ALA A 1 133 ? -23.547 -8.524  -1.211  1.00 25.89 ?  132 ALA A CA    1 
ATOM   1031 C  C     . ALA A 1 133 ? -24.058 -9.535  -0.192  1.00 27.27 ?  132 ALA A C     1 
ATOM   1032 O  O     . ALA A 1 133 ? -24.978 -9.231  0.571   1.00 26.26 ?  132 ALA A O     1 
ATOM   1033 C  CB    . ALA A 1 133 ? -24.312 -8.692  -2.523  1.00 19.45 ?  132 ALA A CB    1 
ATOM   1034 N  N     . LYS A 1 134 ? -23.494 -10.744 -0.161  1.00 26.38 ?  133 LYS A N     1 
ATOM   1035 C  CA    . LYS A 1 134 ? -24.013 -11.712 0.797   1.00 27.08 ?  133 LYS A CA    1 
ATOM   1036 C  C     . LYS A 1 134 ? -23.675 -11.317 2.228   1.00 29.13 ?  133 LYS A C     1 
ATOM   1037 O  O     . LYS A 1 134 ? -24.347 -11.770 3.161   1.00 26.08 ?  133 LYS A O     1 
ATOM   1038 C  CB    . LYS A 1 134 ? -23.512 -13.119 0.461   1.00 24.99 ?  133 LYS A CB    1 
ATOM   1039 C  CG    . LYS A 1 134 ? -22.193 -13.506 1.032   1.00 27.94 ?  133 LYS A CG    1 
ATOM   1040 C  CD    . LYS A 1 134 ? -21.829 -14.916 0.581   1.00 26.56 ?  133 LYS A CD    1 
ATOM   1041 C  CE    . LYS A 1 134 ? -20.675 -15.453 1.394   1.00 31.71 ?  133 LYS A CE    1 
ATOM   1042 N  NZ    . LYS A 1 134 ? -20.471 -16.921 1.188   1.00 40.00 ?  133 LYS A NZ    1 
ATOM   1043 N  N     . MET A 1 135 ? -22.687 -10.443 2.415   1.00 28.84 ?  134 MET A N     1 
ATOM   1044 C  CA    . MET A 1 135 ? -22.371 -9.863  3.711   1.00 29.57 ?  134 MET A CA    1 
ATOM   1045 C  C     . MET A 1 135 ? -22.965 -8.471  3.877   1.00 31.16 ?  134 MET A C     1 
ATOM   1046 O  O     . MET A 1 135 ? -22.558 -7.737  4.783   1.00 35.11 ?  134 MET A O     1 
ATOM   1047 C  CB    . MET A 1 135 ? -20.851 -9.807  3.905   1.00 32.69 ?  134 MET A CB    1 
ATOM   1048 C  CG    . MET A 1 135 ? -20.145 -11.086 3.512   1.00 28.58 ?  134 MET A CG    1 
ATOM   1049 S  SD    . MET A 1 135 ? -20.628 -12.486 4.555   1.00 36.80 ?  134 MET A SD    1 
ATOM   1050 C  CE    . MET A 1 135 ? -19.851 -12.017 6.104   1.00 29.62 ?  134 MET A CE    1 
ATOM   1051 N  N     . LYS A 1 136 ? -23.905 -8.093  3.011   1.00 32.02 ?  135 LYS A N     1 
ATOM   1052 C  CA    . LYS A 1 136 ? -24.522 -6.769  3.027   1.00 32.84 ?  135 LYS A CA    1 
ATOM   1053 C  C     . LYS A 1 136 ? -23.487 -5.662  2.811   1.00 36.25 ?  135 LYS A C     1 
ATOM   1054 O  O     . LYS A 1 136 ? -23.580 -4.577  3.387   1.00 33.47 ?  135 LYS A O     1 
ATOM   1055 C  CB    . LYS A 1 136 ? -25.308 -6.554  4.321   1.00 36.31 ?  135 LYS A CB    1 
ATOM   1056 C  CG    . LYS A 1 136 ? -26.536 -7.462  4.443   1.00 35.53 ?  135 LYS A CG    1 
ATOM   1057 C  CD    . LYS A 1 136 ? -27.173 -7.366  5.824   1.00 39.87 ?  135 LYS A CD    1 
ATOM   1058 C  CE    . LYS A 1 136 ? -28.297 -8.386  6.014   1.00 35.55 ?  135 LYS A CE    1 
ATOM   1059 N  NZ    . LYS A 1 136 ? -29.622 -7.839  5.619   1.00 38.54 ?  135 LYS A NZ    1 
ATOM   1060 N  N     . GLN A 1 137 ? -22.508 -5.918  1.949   1.00 31.54 ?  136 GLN A N     1 
ATOM   1061 C  CA    . GLN A 1 137 ? -21.463 -4.949  1.665   1.00 30.67 ?  136 GLN A CA    1 
ATOM   1062 C  C     . GLN A 1 137 ? -21.332 -4.753  0.158   1.00 31.12 ?  136 GLN A C     1 
ATOM   1063 O  O     . GLN A 1 137 ? -21.876 -5.523  -0.639  1.00 28.80 ?  136 GLN A O     1 
ATOM   1064 C  CB    . GLN A 1 137 ? -20.123 -5.393  2.269   1.00 31.39 ?  136 GLN A CB    1 
ATOM   1065 C  CG    . GLN A 1 137 ? -20.119 -5.553  3.790   1.00 34.29 ?  136 GLN A CG    1 
ATOM   1066 C  CD    . GLN A 1 137 ? -18.773 -6.056  4.308   1.00 36.01 ?  136 GLN A CD    1 
ATOM   1067 O  OE1   . GLN A 1 137 ? -18.064 -6.789  3.618   1.00 34.64 ?  136 GLN A OE1   1 
ATOM   1068 N  NE2   . GLN A 1 137 ? -18.413 -5.652  5.522   1.00 40.06 ?  136 GLN A NE2   1 
ATOM   1069 N  N     . GLU A 1 138 ? -20.611 -3.686  -0.231  1.00 28.16 ?  137 GLU A N     1 
ATOM   1070 C  CA    . GLU A 1 138 ? -20.248 -3.418  -1.618  1.00 28.94 ?  137 GLU A CA    1 
ATOM   1071 C  C     . GLU A 1 138 ? -18.797 -2.957  -1.651  1.00 26.80 ?  137 GLU A C     1 
ATOM   1072 O  O     . GLU A 1 138 ? -18.235 -2.639  -0.596  1.00 27.26 ?  137 GLU A O     1 
ATOM   1073 C  CB    . GLU A 1 138 ? -21.178 -2.377  -2.259  1.00 29.89 ?  137 GLU A CB    1 
ATOM   1074 C  CG    . GLU A 1 138 ? -21.311 -1.062  -1.516  1.00 37.42 ?  137 GLU A CG    1 
ATOM   1075 C  CD    . GLU A 1 138 ? -22.497 -0.225  -2.015  1.00 38.95 ?  137 GLU A CD    1 
ATOM   1076 O  OE1   . GLU A 1 138 ? -22.642 -0.049  -3.248  1.00 37.07 ?  137 GLU A OE1   1 
ATOM   1077 O  OE2   . GLU A 1 138 ? -23.295 0.245   -1.171  1.00 44.60 ?  137 GLU A OE2   1 
ATOM   1078 N  N     . PRO A 1 139 ? -18.147 -2.930  -2.813  1.00 27.39 ?  138 PRO A N     1 
ATOM   1079 C  CA    . PRO A 1 139 ? -16.737 -2.522  -2.841  1.00 31.65 ?  138 PRO A CA    1 
ATOM   1080 C  C     . PRO A 1 139 ? -16.566 -1.095  -2.338  1.00 29.18 ?  138 PRO A C     1 
ATOM   1081 O  O     . PRO A 1 139 ? -17.500 -0.288  -2.336  1.00 29.24 ?  138 PRO A O     1 
ATOM   1082 C  CB    . PRO A 1 139 ? -16.354 -2.647  -4.323  1.00 27.70 ?  138 PRO A CB    1 
ATOM   1083 C  CG    . PRO A 1 139 ? -17.347 -3.608  -4.889  1.00 26.76 ?  138 PRO A CG    1 
ATOM   1084 C  CD    . PRO A 1 139 ? -18.618 -3.331  -4.149  1.00 26.51 ?  138 PRO A CD    1 
ATOM   1085 N  N     . VAL A 1 140 ? -15.351 -0.801  -1.872  1.00 28.03 ?  139 VAL A N     1 
ATOM   1086 C  CA    . VAL A 1 140 ? -15.042 0.539   -1.391  1.00 27.70 ?  139 VAL A CA    1 
ATOM   1087 C  C     . VAL A 1 140 ? -15.226 1.542   -2.518  1.00 26.87 ?  139 VAL A C     1 
ATOM   1088 O  O     . VAL A 1 140 ? -14.735 1.341   -3.637  1.00 24.80 ?  139 VAL A O     1 
ATOM   1089 C  CB    . VAL A 1 140 ? -13.611 0.584   -0.833  1.00 27.60 ?  139 VAL A CB    1 
ATOM   1090 C  CG1   . VAL A 1 140 ? -13.291 1.999   -0.313  1.00 24.89 ?  139 VAL A CG1   1 
ATOM   1091 C  CG2   . VAL A 1 140 ? -13.428 -0.470  0.257   1.00 24.43 ?  139 VAL A CG2   1 
ATOM   1092 N  N     . LYS A 1 141 ? -15.953 2.628   -2.232  1.00 28.05 ?  140 LYS A N     1 
ATOM   1093 C  CA    . LYS A 1 141 ? -16.125 3.731   -3.166  1.00 27.39 ?  140 LYS A CA    1 
ATOM   1094 C  C     . LYS A 1 141 ? -14.957 4.708   -3.048  1.00 25.18 ?  140 LYS A C     1 
ATOM   1095 O  O     . LYS A 1 141 ? -14.337 4.814   -1.988  1.00 23.73 ?  140 LYS A O     1 
ATOM   1096 C  CB    . LYS A 1 141 ? -17.435 4.461   -2.893  1.00 29.28 ?  140 LYS A CB    1 
ATOM   1097 C  CG    . LYS A 1 141 ? -18.684 3.627   -3.164  1.00 32.21 ?  140 LYS A CG    1 
ATOM   1098 C  CD    . LYS A 1 141 ? -19.903 4.229   -2.468  1.00 38.23 ?  140 LYS A CD    1 
ATOM   1099 C  CE    . LYS A 1 141 ? -21.107 3.290   -2.501  1.00 42.55 ?  140 LYS A CE    1 
ATOM   1100 N  NZ    . LYS A 1 141 ? -21.680 3.182   -3.863  1.00 46.14 ?  140 LYS A NZ    1 
ATOM   1101 N  N     . PRO A 1 142 ? -14.625 5.420   -4.124  1.00 23.33 ?  141 PRO A N     1 
ATOM   1102 C  CA    . PRO A 1 142 ? -13.458 6.314   -4.067  1.00 22.40 ?  141 PRO A CA    1 
ATOM   1103 C  C     . PRO A 1 142 ? -13.575 7.407   -3.019  1.00 28.32 ?  141 PRO A C     1 
ATOM   1104 O  O     . PRO A 1 142 ? -12.554 7.800   -2.436  1.00 24.57 ?  141 PRO A O     1 
ATOM   1105 C  CB    . PRO A 1 142 ? -13.392 6.884   -5.487  1.00 24.11 ?  141 PRO A CB    1 
ATOM   1106 C  CG    . PRO A 1 142 ? -13.991 5.784   -6.342  1.00 29.97 ?  141 PRO A CG    1 
ATOM   1107 C  CD    . PRO A 1 142 ? -15.120 5.244   -5.502  1.00 22.24 ?  141 PRO A CD    1 
ATOM   1108 N  N     . GLU A 1 143 ? -14.786 7.898   -2.741  1.00 26.91 ?  142 GLU A N     1 
ATOM   1109 C  CA    . GLU A 1 143 ? -14.931 8.924   -1.707  1.00 30.96 ?  142 GLU A CA    1 
ATOM   1110 C  C     . GLU A 1 143 ? -14.692 8.358   -0.310  1.00 29.91 ?  142 GLU A C     1 
ATOM   1111 O  O     . GLU A 1 143 ? -14.308 9.103   0.600   1.00 27.00 ?  142 GLU A O     1 
ATOM   1112 C  CB    . GLU A 1 143 ? -16.318 9.571   -1.783  1.00 28.37 ?  142 GLU A CB    1 
ATOM   1113 C  CG    . GLU A 1 143 ? -17.457 8.626   -1.450  1.00 34.82 ?  142 GLU A CG    1 
ATOM   1114 C  CD    . GLU A 1 143 ? -18.067 7.957   -2.686  1.00 42.24 ?  142 GLU A CD    1 
ATOM   1115 O  OE1   . GLU A 1 143 ? -19.288 7.648   -2.646  1.00 40.32 ?  142 GLU A OE1   1 
ATOM   1116 O  OE2   . GLU A 1 143 ? -17.329 7.745   -3.689  1.00 36.55 ?  142 GLU A OE2   1 
ATOM   1117 N  N     . GLU A 1 144 ? -14.925 7.056   -0.114  1.00 26.42 ?  143 GLU A N     1 
ATOM   1118 C  CA    . GLU A 1 144 ? -14.601 6.441   1.173   1.00 28.28 ?  143 GLU A CA    1 
ATOM   1119 C  C     . GLU A 1 144 ? -13.094 6.429   1.406   1.00 24.71 ?  143 GLU A C     1 
ATOM   1120 O  O     . GLU A 1 144 ? -12.634 6.683   2.522   1.00 24.28 ?  143 GLU A O     1 
ATOM   1121 C  CB    . GLU A 1 144 ? -15.164 5.019   1.244   1.00 27.43 ?  143 GLU A CB    1 
ATOM   1122 C  CG    . GLU A 1 144 ? -16.680 4.938   1.085   1.00 32.41 ?  143 GLU A CG    1 
ATOM   1123 C  CD    . GLU A 1 144 ? -17.207 3.503   1.090   1.00 38.41 ?  143 GLU A CD    1 
ATOM   1124 O  OE1   . GLU A 1 144 ? -17.013 2.785   0.083   1.00 33.74 ?  143 GLU A OE1   1 
ATOM   1125 O  OE2   . GLU A 1 144 ? -17.817 3.094   2.103   1.00 43.15 ?  143 GLU A OE2   1 
ATOM   1126 N  N     . GLY A 1 145 ? -12.315 6.156   0.365   1.00 24.12 ?  144 GLY A N     1 
ATOM   1127 C  CA    . GLY A 1 145 ? -10.847 6.196   0.494   1.00 25.93 ?  144 GLY A CA    1 
ATOM   1128 C  C     . GLY A 1 145 ? -10.346 7.603   0.738   1.00 24.23 ?  144 GLY A C     1 
ATOM   1129 O  O     . GLY A 1 145 ? -9.496  7.777   1.610   1.00 24.46 ?  144 GLY A O     1 
ATOM   1130 N  N     . ARG A 1 146 ? -10.897 8.577   0.020   1.00 27.09 ?  145 ARG A N     1 
ATOM   1131 C  CA    . ARG A 1 146 ? -10.529 9.970   0.256   1.00 25.43 ?  145 ARG A CA    1 
ATOM   1132 C  C     . ARG A 1 146 ? -10.842 10.379  1.689   1.00 28.53 ?  145 ARG A C     1 
ATOM   1133 O  O     . ARG A 1 146 ? -9.993  10.948  2.385   1.00 23.70 ?  145 ARG A O     1 
ATOM   1134 C  CB    . ARG A 1 146 ? -11.255 10.882  -0.734  1.00 24.67 ?  145 ARG A CB    1 
ATOM   1135 C  CG    . ARG A 1 146 ? -10.915 10.619  -2.177  1.00 26.07 ?  145 ARG A CG    1 
ATOM   1136 C  CD    . ARG A 1 146 ? -11.284 11.820  -3.033  1.00 34.51 ?  145 ARG A CD    1 
ATOM   1137 N  NE    . ARG A 1 146 ? -12.675 11.814  -3.464  1.00 32.28 ?  145 ARG A NE    1 
ATOM   1138 C  CZ    . ARG A 1 146 ? -13.107 11.253  -4.587  1.00 38.78 ?  145 ARG A CZ    1 
ATOM   1139 N  NH1   . ARG A 1 146 ? -12.283 10.607  -5.402  1.00 41.94 ?  145 ARG A NH1   1 
ATOM   1140 N  NH2   . ARG A 1 146 ? -14.395 11.347  -4.907  1.00 37.65 ?  145 ARG A NH2   1 
ATOM   1141 N  N     . ASP A 1 147 ? -12.064 10.087  2.149   1.00 26.61 ?  146 ASP A N     1 
ATOM   1142 C  CA    . ASP A 1 147 ? -12.453 10.450  3.509   1.00 23.81 ?  146 ASP A CA    1 
ATOM   1143 C  C     . ASP A 1 147 ? -11.522 9.828   4.537   1.00 28.62 ?  146 ASP A C     1 
ATOM   1144 O  O     . ASP A 1 147 ? -11.113 10.495  5.494   1.00 29.83 ?  146 ASP A O     1 
ATOM   1145 C  CB    . ASP A 1 147 ? -13.884 10.004  3.786   1.00 27.10 ?  146 ASP A CB    1 
ATOM   1146 C  CG    . ASP A 1 147 ? -14.906 10.961  3.251   1.00 35.06 ?  146 ASP A CG    1 
ATOM   1147 O  OD1   . ASP A 1 147 ? -14.509 12.019  2.710   1.00 40.64 ?  146 ASP A OD1   1 
ATOM   1148 O  OD2   . ASP A 1 147 ? -16.109 10.654  3.381   1.00 45.42 ?  146 ASP A OD2   1 
ATOM   1149 N  N     . MET A 1 148 ? -11.196 8.542   4.367   1.00 24.89 ?  147 MET A N     1 
ATOM   1150 C  CA    . MET A 1 148 ? -10.266 7.888   5.280   1.00 26.18 ?  147 MET A CA    1 
ATOM   1151 C  C     . MET A 1 148 ? -8.900  8.558   5.240   1.00 22.78 ?  147 MET A C     1 
ATOM   1152 O  O     . MET A 1 148 ? -8.281  8.785   6.287   1.00 25.96 ?  147 MET A O     1 
ATOM   1153 C  CB    . MET A 1 148 ? -10.155 6.398   4.941   1.00 22.79 ?  147 MET A CB    1 
ATOM   1154 C  CG    . MET A 1 148 ? -9.351  5.587   5.954   1.00 18.74 ?  147 MET A CG    1 
ATOM   1155 S  SD    . MET A 1 148 ? -10.061 5.625   7.614   1.00 24.61 ?  147 MET A SD    1 
ATOM   1156 C  CE    . MET A 1 148 ? -11.617 4.762   7.413   1.00 33.16 ?  147 MET A CE    1 
ATOM   1157 N  N     . ALA A 1 149 ? -8.416  8.895   4.040   1.00 23.96 ?  148 ALA A N     1 
ATOM   1158 C  CA    . ALA A 1 149 ? -7.106  9.533   3.914   1.00 23.57 ?  148 ALA A CA    1 
ATOM   1159 C  C     . ALA A 1 149 ? -7.055  10.859  4.668   1.00 25.60 ?  148 ALA A C     1 
ATOM   1160 O  O     . ALA A 1 149 ? -6.079  11.146  5.377   1.00 24.89 ?  148 ALA A O     1 
ATOM   1161 C  CB    . ALA A 1 149 ? -6.769  9.739   2.442   1.00 19.34 ?  148 ALA A CB    1 
ATOM   1162 N  N     . ASN A 1 150 ? -8.089  11.688  4.510   1.00 23.11 ?  149 ASN A N     1 
ATOM   1163 C  CA    . ASN A 1 150 ? -8.206  12.900  5.314   1.00 27.20 ?  149 ASN A CA    1 
ATOM   1164 C  C     . ASN A 1 150 ? -8.194  12.577  6.807   1.00 25.80 ?  149 ASN A C     1 
ATOM   1165 O  O     . ASN A 1 150 ? -7.516  13.238  7.595   1.00 24.98 ?  149 ASN A O     1 
ATOM   1166 C  CB    . ASN A 1 150 ? -9.496  13.630  4.921   1.00 32.20 ?  149 ASN A CB    1 
ATOM   1167 C  CG    . ASN A 1 150 ? -9.603  14.996  5.539   1.00 33.65 ?  149 ASN A CG    1 
ATOM   1168 O  OD1   . ASN A 1 150 ? -10.173 15.156  6.618   1.00 36.34 ?  149 ASN A OD1   1 
ATOM   1169 N  ND2   . ASN A 1 150 ? -9.050  15.993  4.866   1.00 31.42 ?  149 ASN A ND2   1 
ATOM   1170 N  N     . ARG A 1 151 ? -8.918  11.536  7.199   1.00 27.14 ?  150 ARG A N     1 
ATOM   1171 C  CA    . ARG A 1 151 ? -9.106  11.214  8.604   1.00 28.84 ?  150 ARG A CA    1 
ATOM   1172 C  C     . ARG A 1 151 ? -7.810  10.788  9.276   1.00 32.03 ?  150 ARG A C     1 
ATOM   1173 O  O     . ARG A 1 151 ? -7.594  11.097  10.453  1.00 31.89 ?  150 ARG A O     1 
ATOM   1174 C  CB    . ARG A 1 151 ? -10.169 10.126  8.705   1.00 29.45 ?  150 ARG A CB    1 
ATOM   1175 C  CG    . ARG A 1 151 ? -10.322 9.463   10.041  1.00 35.43 ?  150 ARG A CG    1 
ATOM   1176 C  CD    . ARG A 1 151 ? -11.540 8.541   9.994   1.00 32.17 ?  150 ARG A CD    1 
ATOM   1177 N  NE    . ARG A 1 151 ? -11.593 7.658   11.149  1.00 39.93 ?  150 ARG A NE    1 
ATOM   1178 C  CZ    . ARG A 1 151 ? -12.361 6.582   11.230  1.00 40.23 ?  150 ARG A CZ    1 
ATOM   1179 N  NH1   . ARG A 1 151 ? -13.156 6.223   10.231  1.00 42.45 ?  150 ARG A NH1   1 
ATOM   1180 N  NH2   . ARG A 1 151 ? -12.336 5.849   12.342  1.00 37.57 ?  150 ARG A NH2   1 
ATOM   1181 N  N     . ILE A 1 152 ? -6.924  10.093  8.560   1.00 24.74 ?  151 ILE A N     1 
ATOM   1182 C  CA    . ILE A 1 152 ? -5.681  9.657   9.176   1.00 26.40 ?  151 ILE A CA    1 
ATOM   1183 C  C     . ILE A 1 152 ? -4.527  10.604  8.895   1.00 26.64 ?  151 ILE A C     1 
ATOM   1184 O  O     . ILE A 1 152 ? -3.397  10.321  9.307   1.00 29.15 ?  151 ILE A O     1 
ATOM   1185 C  CB    . ILE A 1 152 ? -5.316  8.217   8.756   1.00 22.52 ?  151 ILE A CB    1 
ATOM   1186 C  CG1   . ILE A 1 152 ? -5.012  8.126   7.262   1.00 22.50 ?  151 ILE A CG1   1 
ATOM   1187 C  CG2   . ILE A 1 152 ? -6.427  7.258   9.154   1.00 19.66 ?  151 ILE A CG2   1 
ATOM   1188 C  CD1   . ILE A 1 152 ? -4.552  6.703   6.817   1.00 22.94 ?  151 ILE A CD1   1 
ATOM   1189 N  N     . GLY A 1 153 ? -4.772  11.718  8.210   1.00 28.15 ?  152 GLY A N     1 
ATOM   1190 C  CA    . GLY A 1 153 ? -3.701  12.658  7.935   1.00 27.72 ?  152 GLY A CA    1 
ATOM   1191 C  C     . GLY A 1 153 ? -2.712  12.182  6.897   1.00 27.57 ?  152 GLY A C     1 
ATOM   1192 O  O     . GLY A 1 153 ? -1.539  12.588  6.929   1.00 23.02 ?  152 GLY A O     1 
ATOM   1193 N  N     . ALA A 1 154 ? -3.149  11.323  5.982   1.00 22.47 ?  153 ALA A N     1 
ATOM   1194 C  CA    . ALA A 1 154 ? -2.289  10.880  4.899   1.00 24.52 ?  153 ALA A CA    1 
ATOM   1195 C  C     . ALA A 1 154 ? -1.965  12.048  3.980   1.00 23.13 ?  153 ALA A C     1 
ATOM   1196 O  O     . ALA A 1 154 ? -2.739  13.001  3.856   1.00 22.79 ?  153 ALA A O     1 
ATOM   1197 C  CB    . ALA A 1 154 ? -2.964  9.759   4.108   1.00 20.00 ?  153 ALA A CB    1 
ATOM   1198 N  N     . PHE A 1 155 ? -0.799  11.978  3.337   1.00 23.19 ?  154 PHE A N     1 
ATOM   1199 C  CA    . PHE A 1 155 ? -0.443  13.018  2.377   1.00 22.74 ?  154 PHE A CA    1 
ATOM   1200 C  C     . PHE A 1 155 ? -1.333  12.965  1.139   1.00 24.44 ?  154 PHE A C     1 
ATOM   1201 O  O     . PHE A 1 155 ? -1.570  13.999  0.506   1.00 23.66 ?  154 PHE A O     1 
ATOM   1202 C  CB    . PHE A 1 155 ? 1.031   12.896  1.989   1.00 28.21 ?  154 PHE A CB    1 
ATOM   1203 C  CG    . PHE A 1 155 ? 1.976   13.619  2.921   1.00 27.42 ?  154 PHE A CG    1 
ATOM   1204 C  CD1   . PHE A 1 155 ? 1.803   13.566  4.296   1.00 29.72 ?  154 PHE A CD1   1 
ATOM   1205 C  CD2   . PHE A 1 155 ? 3.053   14.334  2.413   1.00 29.86 ?  154 PHE A CD2   1 
ATOM   1206 C  CE1   . PHE A 1 155 ? 2.682   14.230  5.155   1.00 27.66 ?  154 PHE A CE1   1 
ATOM   1207 C  CE2   . PHE A 1 155 ? 3.936   14.993  3.263   1.00 25.75 ?  154 PHE A CE2   1 
ATOM   1208 C  CZ    . PHE A 1 155 ? 3.745   14.943  4.634   1.00 27.77 ?  154 PHE A CZ    1 
ATOM   1209 N  N     . GLY A 1 156 ? -1.852  11.789  0.798   1.00 25.61 ?  155 GLY A N     1 
ATOM   1210 C  CA    . GLY A 1 156 ? -2.676  11.641  -0.386  1.00 24.03 ?  155 GLY A CA    1 
ATOM   1211 C  C     . GLY A 1 156 ? -3.375  10.300  -0.371  1.00 26.62 ?  155 GLY A C     1 
ATOM   1212 O  O     . GLY A 1 156 ? -3.086  9.433   0.460   1.00 23.82 ?  155 GLY A O     1 
ATOM   1213 N  N     . TYR A 1 157 ? -4.311  10.163  -1.312  1.00 23.11 ?  156 TYR A N     1 
ATOM   1214 C  CA    . TYR A 1 157 ? -5.032  8.888   -1.527  1.00 24.30 ?  156 TYR A CA    1 
ATOM   1215 C  C     . TYR A 1 157 ? -4.844  8.496   -2.987  1.00 28.21 ?  156 TYR A C     1 
ATOM   1216 O  O     . TYR A 1 157 ? -5.041  9.349   -3.856  1.00 28.17 ?  156 TYR A O     1 
ATOM   1217 C  CB    . TYR A 1 157 ? -6.522  8.964   -1.204  1.00 25.35 ?  156 TYR A CB    1 
ATOM   1218 C  CG    . TYR A 1 157 ? -7.332  7.718   -1.543  1.00 25.34 ?  156 TYR A CG    1 
ATOM   1219 C  CD1   . TYR A 1 157 ? -7.002  6.483   -1.006  1.00 23.23 ?  156 TYR A CD1   1 
ATOM   1220 C  CD2   . TYR A 1 157 ? -8.427  7.780   -2.394  1.00 26.29 ?  156 TYR A CD2   1 
ATOM   1221 C  CE1   . TYR A 1 157 ? -7.726  5.347   -1.309  1.00 21.77 ?  156 TYR A CE1   1 
ATOM   1222 C  CE2   . TYR A 1 157 ? -9.170  6.652   -2.698  1.00 25.21 ?  156 TYR A CE2   1 
ATOM   1223 C  CZ    . TYR A 1 157 ? -8.813  5.431   -2.159  1.00 22.83 ?  156 TYR A CZ    1 
ATOM   1224 O  OH    . TYR A 1 157 ? -9.526  4.311   -2.447  1.00 21.64 ?  156 TYR A OH    1 
ATOM   1225 N  N     . MET A 1 158 ? -4.450  7.252   -3.239  1.00 26.03 ?  157 MET A N     1 
ATOM   1226 C  CA    . MET A 1 158 ? -4.263  6.735   -4.587  1.00 27.63 ?  157 MET A CA    1 
ATOM   1227 C  C     . MET A 1 158 ? -4.960  5.396   -4.733  1.00 28.75 ?  157 MET A C     1 
ATOM   1228 O  O     . MET A 1 158 ? -4.944  4.569   -3.815  1.00 23.86 ?  157 MET A O     1 
ATOM   1229 C  CB    . MET A 1 158 ? -2.784  6.550   -4.941  1.00 27.76 ?  157 MET A CB    1 
ATOM   1230 C  CG    . MET A 1 158 ? -1.973  7.840   -5.036  1.00 32.30 ?  157 MET A CG    1 
ATOM   1231 S  SD    . MET A 1 158 ? -2.604  8.976   -6.294  1.00 45.10 ?  157 MET A SD    1 
ATOM   1232 C  CE    . MET A 1 158 ? -2.889  7.830   -7.669  1.00 33.78 ?  157 MET A CE    1 
ATOM   1233 N  N     . GLU A 1 159 ? -5.571  5.190   -5.891  1.00 24.12 ?  158 GLU A N     1 
ATOM   1234 C  CA    . GLU A 1 159 ? -6.135  3.903   -6.244  1.00 23.41 ?  158 GLU A CA    1 
ATOM   1235 C  C     . GLU A 1 159 ? -5.257  3.254   -7.301  1.00 22.75 ?  158 GLU A C     1 
ATOM   1236 O  O     . GLU A 1 159 ? -4.624  3.943   -8.108  1.00 23.90 ?  158 GLU A O     1 
ATOM   1237 C  CB    . GLU A 1 159 ? -7.577  4.052   -6.744  1.00 24.36 ?  158 GLU A CB    1 
ATOM   1238 C  CG    . GLU A 1 159 ? -8.503  4.637   -5.701  1.00 24.51 ?  158 GLU A CG    1 
ATOM   1239 C  CD    . GLU A 1 159 ? -9.959  4.293   -5.950  1.00 24.97 ?  158 GLU A CD    1 
ATOM   1240 O  OE1   . GLU A 1 159 ? -10.330 4.007   -7.110  1.00 24.57 ?  158 GLU A OE1   1 
ATOM   1241 O  OE2   . GLU A 1 159 ? -10.734 4.295   -4.972  1.00 25.80 ?  158 GLU A OE2   1 
ATOM   1242 N  N     . CYS A 1 160 ? -5.195  1.926   -7.280  1.00 20.52 ?  159 CYS A N     1 
ATOM   1243 C  CA    . CYS A 1 160 ? -4.394  1.239   -8.282  1.00 21.86 ?  159 CYS A CA    1 
ATOM   1244 C  C     . CYS A 1 160 ? -4.865  -0.196  -8.423  1.00 21.79 ?  159 CYS A C     1 
ATOM   1245 O  O     . CYS A 1 160 ? -5.598  -0.722  -7.580  1.00 22.39 ?  159 CYS A O     1 
ATOM   1246 C  CB    . CYS A 1 160 ? -2.904  1.277   -7.934  1.00 25.19 ?  159 CYS A CB    1 
ATOM   1247 S  SG    . CYS A 1 160 ? -2.433  0.132   -6.639  1.00 24.46 ?  159 CYS A SG    1 
ATOM   1248 N  N     . SER A 1 161 ? -4.435  -0.817  -9.516  1.00 21.92 ?  160 SER A N     1 
ATOM   1249 C  CA    . SER A 1 161 ? -4.579  -2.255  -9.730  1.00 23.69 ?  160 SER A CA    1 
ATOM   1250 C  C     . SER A 1 161 ? -3.222  -2.816  -10.130 1.00 24.56 ?  160 SER A C     1 
ATOM   1251 O  O     . SER A 1 161 ? -2.711  -2.485  -11.204 1.00 22.08 ?  160 SER A O     1 
ATOM   1252 C  CB    . SER A 1 161 ? -5.613  -2.568  -10.812 1.00 24.21 ?  160 SER A CB    1 
ATOM   1253 O  OG    . SER A 1 161 ? -5.496  -3.932  -11.195 1.00 26.97 ?  160 SER A OG    1 
ATOM   1254 N  N     . ALA A 1 162 ? -2.639  -3.666  -9.277  1.00 22.50 ?  161 ALA A N     1 
ATOM   1255 C  CA    . ALA A 1 162 ? -1.408  -4.340  -9.670  1.00 25.19 ?  161 ALA A CA    1 
ATOM   1256 C  C     . ALA A 1 162 ? -1.652  -5.268  -10.849 1.00 27.93 ?  161 ALA A C     1 
ATOM   1257 O  O     . ALA A 1 162 ? -0.755  -5.467  -11.677 1.00 30.58 ?  161 ALA A O     1 
ATOM   1258 C  CB    . ALA A 1 162 ? -0.814  -5.131  -8.502  1.00 25.74 ?  161 ALA A CB    1 
ATOM   1259 N  N     . LYS A 1 163 ? -2.858  -5.817  -10.960 1.00 25.09 ?  162 LYS A N     1 
ATOM   1260 C  CA    . LYS A 1 163 ? -3.170  -6.786  -12.035 1.00 26.75 ?  162 LYS A CA    1 
ATOM   1261 C  C     . LYS A 1 163 ? -3.163  -6.075  -13.395 1.00 29.34 ?  162 LYS A C     1 
ATOM   1262 O  O     . LYS A 1 163 ? -2.556  -6.599  -14.332 1.00 30.19 ?  162 LYS A O     1 
ATOM   1263 C  CB    . LYS A 1 163 ? -4.497  -7.508  -11.781 1.00 28.68 ?  162 LYS A CB    1 
ATOM   1264 C  CG    . LYS A 1 163 ? -4.859  -8.490  -12.882 1.00 32.48 ?  162 LYS A CG    1 
ATOM   1265 C  CD    . LYS A 1 163 ? -5.697  -9.682  -12.444 1.00 34.65 ?  162 LYS A CD    1 
ATOM   1266 C  CE    . LYS A 1 163 ? -6.723  -10.001 -13.481 1.00 46.91 ?  162 LYS A CE    1 
ATOM   1267 N  NZ    . LYS A 1 163 ? -7.252  -11.361 -13.359 1.00 46.05 ?  162 LYS A NZ    1 
ATOM   1268 N  N     . THR A 1 164 ? -3.797  -4.916  -13.478 1.00 27.37 ?  163 THR A N     1 
ATOM   1269 C  CA    . THR A 1 164 ? -3.805  -4.198  -14.742 1.00 23.88 ?  163 THR A CA    1 
ATOM   1270 C  C     . THR A 1 164 ? -2.700  -3.158  -14.857 1.00 28.93 ?  163 THR A C     1 
ATOM   1271 O  O     . THR A 1 164 ? -2.529  -2.596  -15.944 1.00 29.24 ?  163 THR A O     1 
ATOM   1272 C  CB    . THR A 1 164 ? -5.148  -3.504  -14.944 1.00 31.15 ?  163 THR A CB    1 
ATOM   1273 O  OG1   . THR A 1 164 ? -5.284  -2.469  -13.964 1.00 29.77 ?  163 THR A OG1   1 
ATOM   1274 C  CG2   . THR A 1 164 ? -6.303  -4.500  -14.790 1.00 26.74 ?  163 THR A CG2   1 
ATOM   1275 N  N     . LYS A 1 165 ? -1.969  -2.878  -13.772 1.00 27.40 ?  164 LYS A N     1 
ATOM   1276 C  CA    . LYS A 1 165 ? -0.938  -1.839  -13.639 1.00 26.71 ?  164 LYS A CA    1 
ATOM   1277 C  C     . LYS A 1 165 ? -1.512  -0.431  -13.624 1.00 26.08 ?  164 LYS A C     1 
ATOM   1278 O  O     . LYS A 1 165 ? -0.746  0.532   -13.523 1.00 28.45 ?  164 LYS A O     1 
ATOM   1279 C  CB    . LYS A 1 165 ? 0.135   -1.890  -14.737 1.00 24.50 ?  164 LYS A CB    1 
ATOM   1280 C  CG    . LYS A 1 165 ? 0.779   -3.218  -14.925 1.00 26.83 ?  164 LYS A CG    1 
ATOM   1281 C  CD    . LYS A 1 165 ? 1.629   -3.196  -16.169 1.00 29.59 ?  164 LYS A CD    1 
ATOM   1282 C  CE    . LYS A 1 165 ? 2.861   -4.015  -15.953 1.00 35.38 ?  164 LYS A CE    1 
ATOM   1283 N  NZ    . LYS A 1 165 ? 2.500   -5.325  -15.377 1.00 40.07 ?  164 LYS A NZ    1 
ATOM   1284 N  N     . ASP A 1 166 ? -2.824  -0.276  -13.741 1.00 26.96 ?  165 ASP A N     1 
ATOM   1285 C  CA    . ASP A 1 166 ? -3.442  1.041   -13.716 1.00 28.51 ?  165 ASP A CA    1 
ATOM   1286 C  C     . ASP A 1 166 ? -3.225  1.689   -12.352 1.00 31.23 ?  165 ASP A C     1 
ATOM   1287 O  O     . ASP A 1 166 ? -3.586  1.115   -11.316 1.00 27.70 ?  165 ASP A O     1 
ATOM   1288 C  CB    . ASP A 1 166 ? -4.938  0.897   -14.039 1.00 30.55 ?  165 ASP A CB    1 
ATOM   1289 C  CG    . ASP A 1 166 ? -5.725  2.190   -13.845 1.00 39.53 ?  165 ASP A CG    1 
ATOM   1290 O  OD1   . ASP A 1 166 ? -5.324  3.227   -14.416 1.00 36.67 ?  165 ASP A OD1   1 
ATOM   1291 O  OD2   . ASP A 1 166 ? -6.765  2.160   -13.136 1.00 45.72 ?  165 ASP A OD2   1 
ATOM   1292 N  N     . GLY A 1 167 ? -2.608  2.871   -12.346 1.00 28.13 ?  166 GLY A N     1 
ATOM   1293 C  CA    . GLY A 1 167 ? -2.371  3.617   -11.123 1.00 26.57 ?  166 GLY A CA    1 
ATOM   1294 C  C     . GLY A 1 167 ? -1.106  3.253   -10.365 1.00 27.88 ?  166 GLY A C     1 
ATOM   1295 O  O     . GLY A 1 167 ? -0.758  3.951   -9.401  1.00 25.18 ?  166 GLY A O     1 
ATOM   1296 N  N     . VAL A 1 168 ? -0.394  2.202   -10.780 1.00 25.33 ?  167 VAL A N     1 
ATOM   1297 C  CA    . VAL A 1 168 ? 0.727   1.697   -9.989  1.00 27.36 ?  167 VAL A CA    1 
ATOM   1298 C  C     . VAL A 1 168 ? 1.873   2.708   -9.962  1.00 27.84 ?  167 VAL A C     1 
ATOM   1299 O  O     . VAL A 1 168 ? 2.352   3.098   -8.889  1.00 24.09 ?  167 VAL A O     1 
ATOM   1300 C  CB    . VAL A 1 168 ? 1.179   0.322   -10.522 1.00 28.02 ?  167 VAL A CB    1 
ATOM   1301 C  CG1   . VAL A 1 168 ? 2.486   -0.126  -9.854  1.00 28.62 ?  167 VAL A CG1   1 
ATOM   1302 C  CG2   . VAL A 1 168 ? 0.083   -0.720  -10.298 1.00 25.98 ?  167 VAL A CG2   1 
ATOM   1303 N  N     . ARG A 1 169 ? 2.335   3.152   -11.134 1.00 24.20 ?  168 ARG A N     1 
ATOM   1304 C  CA    . ARG A 1 169 ? 3.431   4.116   -11.162 1.00 29.35 ?  168 ARG A CA    1 
ATOM   1305 C  C     . ARG A 1 169 ? 3.071   5.394   -10.395 1.00 29.38 ?  168 ARG A C     1 
ATOM   1306 O  O     . ARG A 1 169 ? 3.916   5.966   -9.695  1.00 26.98 ?  168 ARG A O     1 
ATOM   1307 C  CB    . ARG A 1 169 ? 3.819   4.427   -12.610 1.00 33.37 ?  168 ARG A CB    1 
ATOM   1308 C  CG    . ARG A 1 169 ? 4.943   5.449   -12.731 1.00 43.13 ?  168 ARG A CG    1 
ATOM   1309 C  CD    . ARG A 1 169 ? 5.812   5.191   -13.953 1.00 47.14 ?  168 ARG A CD    1 
ATOM   1310 N  NE    . ARG A 1 169 ? 6.527   3.920   -13.864 1.00 54.40 ?  168 ARG A NE    1 
ATOM   1311 C  CZ    . ARG A 1 169 ? 7.777   3.790   -13.435 1.00 51.02 ?  168 ARG A CZ    1 
ATOM   1312 N  NH1   . ARG A 1 169 ? 8.496   4.837   -13.058 1.00 46.27 ?  168 ARG A NH1   1 
ATOM   1313 N  NH2   . ARG A 1 169 ? 8.321   2.578   -13.382 1.00 48.48 ?  168 ARG A NH2   1 
ATOM   1314 N  N     . GLU A 1 170 ? 1.808   5.827   -10.474 1.00 26.33 ?  169 GLU A N     1 
ATOM   1315 C  CA    . GLU A 1 170 ? 1.395   7.048   -9.784  1.00 29.16 ?  169 GLU A CA    1 
ATOM   1316 C  C     . GLU A 1 170 ? 1.528   6.908   -8.270  1.00 27.99 ?  169 GLU A C     1 
ATOM   1317 O  O     . GLU A 1 170 ? 1.895   7.870   -7.580  1.00 24.96 ?  169 GLU A O     1 
ATOM   1318 C  CB    . GLU A 1 170 ? -0.048  7.397   -10.157 1.00 31.01 ?  169 GLU A CB    1 
ATOM   1319 C  CG    . GLU A 1 170 ? -0.213  7.889   -11.582 1.00 29.20 ?  169 GLU A CG    1 
ATOM   1320 C  CD    . GLU A 1 170 ? -0.166  6.769   -12.621 1.00 37.99 ?  169 GLU A CD    1 
ATOM   1321 O  OE1   . GLU A 1 170 ? -0.074  5.575   -12.242 1.00 31.67 ?  169 GLU A OE1   1 
ATOM   1322 O  OE2   . GLU A 1 170 ? -0.240  7.094   -13.826 1.00 42.07 ?  169 GLU A OE2   1 
ATOM   1323 N  N     . VAL A 1 171 ? 1.211   5.721   -7.741  1.00 25.92 ?  170 VAL A N     1 
ATOM   1324 C  CA    . VAL A 1 171 ? 1.339   5.454   -6.310  1.00 24.15 ?  170 VAL A CA    1 
ATOM   1325 C  C     . VAL A 1 171 ? 2.755   5.739   -5.845  1.00 25.48 ?  170 VAL A C     1 
ATOM   1326 O  O     . VAL A 1 171 ? 2.977   6.399   -4.822  1.00 25.43 ?  170 VAL A O     1 
ATOM   1327 C  CB    . VAL A 1 171 ? 0.949   3.998   -6.000  1.00 23.72 ?  170 VAL A CB    1 
ATOM   1328 C  CG1   . VAL A 1 171 ? 1.459   3.604   -4.623  1.00 21.90 ?  170 VAL A CG1   1 
ATOM   1329 C  CG2   . VAL A 1 171 ? -0.539  3.817   -6.080  1.00 20.95 ?  170 VAL A CG2   1 
ATOM   1330 N  N     . PHE A 1 172 ? 3.739   5.213   -6.572  1.00 24.63 ?  171 PHE A N     1 
ATOM   1331 C  CA    . PHE A 1 172 ? 5.117   5.387   -6.150  1.00 25.57 ?  171 PHE A CA    1 
ATOM   1332 C  C     . PHE A 1 172 ? 5.660   6.757   -6.520  1.00 24.03 ?  171 PHE A C     1 
ATOM   1333 O  O     . PHE A 1 172 ? 6.580   7.236   -5.852  1.00 25.80 ?  171 PHE A O     1 
ATOM   1334 C  CB    . PHE A 1 172 ? 6.002   4.273   -6.721  1.00 21.46 ?  171 PHE A CB    1 
ATOM   1335 C  CG    . PHE A 1 172 ? 5.714   2.918   -6.135  1.00 22.73 ?  171 PHE A CG    1 
ATOM   1336 C  CD1   . PHE A 1 172 ? 4.681   2.137   -6.632  1.00 21.11 ?  171 PHE A CD1   1 
ATOM   1337 C  CD2   . PHE A 1 172 ? 6.460   2.433   -5.073  1.00 21.49 ?  171 PHE A CD2   1 
ATOM   1338 C  CE1   . PHE A 1 172 ? 4.396   0.908   -6.082  1.00 19.66 ?  171 PHE A CE1   1 
ATOM   1339 C  CE2   . PHE A 1 172 ? 6.184   1.194   -4.521  1.00 20.78 ?  171 PHE A CE2   1 
ATOM   1340 C  CZ    . PHE A 1 172 ? 5.153   0.429   -5.033  1.00 21.99 ?  171 PHE A CZ    1 
ATOM   1341 N  N     . GLU A 1 173 ? 5.095   7.427   -7.526  1.00 26.79 ?  172 GLU A N     1 
ATOM   1342 C  CA    . GLU A 1 173 ? 5.482   8.820   -7.727  1.00 27.17 ?  172 GLU A CA    1 
ATOM   1343 C  C     . GLU A 1 173 ? 4.993   9.682   -6.565  1.00 26.67 ?  172 GLU A C     1 
ATOM   1344 O  O     . GLU A 1 173 ? 5.761   10.473  -5.999  1.00 23.16 ?  172 GLU A O     1 
ATOM   1345 C  CB    . GLU A 1 173 ? 4.963   9.360   -9.062  1.00 27.56 ?  172 GLU A CB    1 
ATOM   1346 C  CG    . GLU A 1 173 ? 5.281   10.862  -9.230  1.00 34.29 ?  172 GLU A CG    1 
ATOM   1347 C  CD    . GLU A 1 173 ? 4.844   11.461  -10.566 1.00 43.83 ?  172 GLU A CD    1 
ATOM   1348 O  OE1   . GLU A 1 173 ? 4.229   10.751  -11.397 1.00 40.99 ?  172 GLU A OE1   1 
ATOM   1349 O  OE2   . GLU A 1 173 ? 5.124   12.662  -10.778 1.00 42.48 ?  172 GLU A OE2   1 
ATOM   1350 N  N     . MET A 1 174 ? 3.724   9.524   -6.175  1.00 25.15 ?  173 MET A N     1 
ATOM   1351 C  CA    . MET A 1 174 ? 3.213   10.284  -5.038  1.00 26.91 ?  173 MET A CA    1 
ATOM   1352 C  C     . MET A 1 174 ? 4.011   9.993   -3.773  1.00 25.22 ?  173 MET A C     1 
ATOM   1353 O  O     . MET A 1 174 ? 4.354   10.916  -3.025  1.00 24.68 ?  173 MET A O     1 
ATOM   1354 C  CB    . MET A 1 174 ? 1.731   9.983   -4.799  1.00 25.26 ?  173 MET A CB    1 
ATOM   1355 C  CG    . MET A 1 174 ? 1.151   10.792  -3.629  1.00 31.50 ?  173 MET A CG    1 
ATOM   1356 S  SD    . MET A 1 174 ? -0.632  10.593  -3.350  1.00 41.44 ?  173 MET A SD    1 
ATOM   1357 C  CE    . MET A 1 174 ? -1.264  11.908  -4.386  1.00 32.00 ?  173 MET A CE    1 
ATOM   1358 N  N     . ALA A 1 175 ? 4.316   8.717   -3.514  1.00 22.37 ?  174 ALA A N     1 
ATOM   1359 C  CA    . ALA A 1 175 ? 5.093   8.377   -2.326  1.00 23.12 ?  174 ALA A CA    1 
ATOM   1360 C  C     . ALA A 1 175 ? 6.462   9.048   -2.355  1.00 24.95 ?  174 ALA A C     1 
ATOM   1361 O  O     . ALA A 1 175 ? 6.949   9.533   -1.329  1.00 25.04 ?  174 ALA A O     1 
ATOM   1362 C  CB    . ALA A 1 175 ? 5.237   6.865   -2.214  1.00 23.57 ?  174 ALA A CB    1 
ATOM   1363 N  N     . THR A 1 176 ? 7.090   9.100   -3.532  1.00 28.67 ?  175 THR A N     1 
ATOM   1364 C  CA    . THR A 1 176 ? 8.402   9.725   -3.638  1.00 24.68 ?  175 THR A CA    1 
ATOM   1365 C  C     . THR A 1 176 ? 8.311   11.215  -3.339  1.00 23.77 ?  175 THR A C     1 
ATOM   1366 O  O     . THR A 1 176 ? 9.124   11.759  -2.581  1.00 24.79 ?  175 THR A O     1 
ATOM   1367 C  CB    . THR A 1 176 ? 8.982   9.473   -5.026  1.00 26.52 ?  175 THR A CB    1 
ATOM   1368 O  OG1   . THR A 1 176 ? 9.074   8.060   -5.243  1.00 26.21 ?  175 THR A OG1   1 
ATOM   1369 C  CG2   . THR A 1 176 ? 10.364  10.112  -5.151  1.00 25.88 ?  175 THR A CG2   1 
ATOM   1370 N  N     . ARG A 1 177 ? 7.313   11.890  -3.911  1.00 22.17 ?  176 ARG A N     1 
ATOM   1371 C  CA    . ARG A 1 177 ? 7.116   13.310  -3.619  1.00 28.37 ?  176 ARG A CA    1 
ATOM   1372 C  C     . ARG A 1 177 ? 6.958   13.560  -2.118  1.00 26.05 ?  176 ARG A C     1 
ATOM   1373 O  O     . ARG A 1 177 ? 7.554   14.495  -1.570  1.00 27.12 ?  176 ARG A O     1 
ATOM   1374 C  CB    . ARG A 1 177 ? 5.911   13.843  -4.397  1.00 24.49 ?  176 ARG A CB    1 
ATOM   1375 C  CG    . ARG A 1 177 ? 6.160   13.850  -5.900  1.00 32.35 ?  176 ARG A CG    1 
ATOM   1376 C  CD    . ARG A 1 177 ? 5.046   14.506  -6.709  1.00 32.80 ?  176 ARG A CD    1 
ATOM   1377 N  NE    . ARG A 1 177 ? 5.375   14.494  -8.132  1.00 35.51 ?  176 ARG A NE    1 
ATOM   1378 C  CZ    . ARG A 1 177 ? 6.166   15.377  -8.731  1.00 38.79 ?  176 ARG A CZ    1 
ATOM   1379 N  NH1   . ARG A 1 177 ? 6.708   16.389  -8.069  1.00 36.20 ?  176 ARG A NH1   1 
ATOM   1380 N  NH2   . ARG A 1 177 ? 6.435   15.232  -10.026 1.00 40.40 ?  176 ARG A NH2   1 
ATOM   1381 N  N     . ALA A 1 178 ? 6.192   12.711  -1.430  1.00 25.86 ?  177 ALA A N     1 
ATOM   1382 C  CA    . ALA A 1 178 ? 6.017   12.881  0.010   1.00 28.95 ?  177 ALA A CA    1 
ATOM   1383 C  C     . ALA A 1 178 ? 7.345   12.745  0.745   1.00 27.41 ?  177 ALA A C     1 
ATOM   1384 O  O     . ALA A 1 178 ? 7.688   13.576  1.598   1.00 30.42 ?  177 ALA A O     1 
ATOM   1385 C  CB    . ALA A 1 178 ? 4.998   11.868  0.540   1.00 24.87 ?  177 ALA A CB    1 
ATOM   1386 N  N     . ALA A 1 179 ? 8.109   11.699  0.422   1.00 24.69 ?  178 ALA A N     1 
ATOM   1387 C  CA    . ALA A 1 179 ? 9.381   11.463  1.099   1.00 25.44 ?  178 ALA A CA    1 
ATOM   1388 C  C     . ALA A 1 179 ? 10.376  12.591  0.861   1.00 31.43 ?  178 ALA A C     1 
ATOM   1389 O  O     . ALA A 1 179 ? 11.180  12.910  1.747   1.00 34.68 ?  178 ALA A O     1 
ATOM   1390 C  CB    . ALA A 1 179 ? 9.976   10.136  0.636   1.00 25.34 ?  178 ALA A CB    1 
ATOM   1391 N  N     . LEU A 1 180 ? 10.352  13.199  -0.325  1.00 29.53 ?  179 LEU A N     1 
ATOM   1392 C  CA    . LEU A 1 180 ? 11.280  14.283  -0.619  1.00 29.32 ?  179 LEU A CA    1 
ATOM   1393 C  C     . LEU A 1 180 ? 11.031  15.524  0.223   1.00 34.84 ?  179 LEU A C     1 
ATOM   1394 O  O     . LEU A 1 180 ? 11.889  16.410  0.238   1.00 36.93 ?  179 LEU A O     1 
ATOM   1395 C  CB    . LEU A 1 180 ? 11.215  14.644  -2.101  1.00 23.71 ?  179 LEU A CB    1 
ATOM   1396 C  CG    . LEU A 1 180 ? 11.885  13.597  -2.983  1.00 31.59 ?  179 LEU A CG    1 
ATOM   1397 C  CD1   . LEU A 1 180 ? 11.518  13.773  -4.461  1.00 27.75 ?  179 LEU A CD1   1 
ATOM   1398 C  CD2   . LEU A 1 180 ? 13.399  13.657  -2.760  1.00 28.32 ?  179 LEU A CD2   1 
ATOM   1399 N  N     . GLN A 1 181 ? 9.894   15.614  0.908   1.00 33.07 ?  180 GLN A N     1 
ATOM   1400 C  CA    . GLN A 1 181 ? 9.622   16.767  1.757   1.00 37.44 ?  180 GLN A CA    1 
ATOM   1401 C  C     . GLN A 1 181 ? 10.511  16.726  2.995   1.00 38.61 ?  180 GLN A C     1 
ATOM   1402 O  O     . GLN A 1 181 ? 10.983  17.770  3.449   1.00 46.37 ?  180 GLN A O     1 
ATOM   1403 C  CB    . GLN A 1 181 ? 8.145   16.825  2.166   1.00 31.53 ?  180 GLN A CB    1 
ATOM   1404 C  CG    . GLN A 1 181 ? 7.182   16.970  1.010   1.00 31.69 ?  180 GLN A CG    1 
ATOM   1405 C  CD    . GLN A 1 181 ? 7.676   17.944  -0.036  1.00 33.09 ?  180 GLN A CD    1 
ATOM   1406 O  OE1   . GLN A 1 181 ? 7.894   19.115  0.249   1.00 38.26 ?  180 GLN A OE1   1 
ATOM   1407 N  NE2   . GLN A 1 181 ? 7.861   17.461  -1.255  1.00 34.32 ?  180 GLN A NE2   1 
HETATM 1408 P  PG    . GNP B 2 .   ? 0.389   -10.861 2.806   1.00 26.93 ?  201 GNP A PG    1 
HETATM 1409 O  O1G   . GNP B 2 .   ? -0.077  -12.133 3.397   1.00 23.80 ?  201 GNP A O1G   1 
HETATM 1410 O  O2G   . GNP B 2 .   ? 1.832   -11.000 2.480   1.00 24.99 -1 201 GNP A O2G   1 
HETATM 1411 O  O3G   . GNP B 2 .   ? 0.238   -9.774  3.811   1.00 26.09 -1 201 GNP A O3G   1 
HETATM 1412 N  N3B   . GNP B 2 .   ? -0.449  -10.572 1.444   1.00 22.37 ?  201 GNP A N3B   1 
HETATM 1413 P  PB    . GNP B 2 .   ? -0.255  -9.325  0.424   1.00 23.68 ?  201 GNP A PB    1 
HETATM 1414 O  O1B   . GNP B 2 .   ? -0.996  -8.103  0.872   1.00 22.49 ?  201 GNP A O1B   1 
HETATM 1415 O  O2B   . GNP B 2 .   ? 1.182   -9.186  0.034   1.00 21.70 -1 201 GNP A O2B   1 
HETATM 1416 O  O3A   . GNP B 2 .   ? -1.015  -9.815  -0.895  1.00 19.15 ?  201 GNP A O3A   1 
HETATM 1417 P  PA    . GNP B 2 .   ? -0.486  -10.460 -2.260  1.00 22.69 ?  201 GNP A PA    1 
HETATM 1418 O  O1A   . GNP B 2 .   ? 0.115   -11.782 -1.946  1.00 23.90 ?  201 GNP A O1A   1 
HETATM 1419 O  O2A   . GNP B 2 .   ? 0.355   -9.468  -2.981  1.00 24.16 -1 201 GNP A O2A   1 
HETATM 1420 O  "O5'" . GNP B 2 .   ? -1.847  -10.675 -3.068  1.00 22.18 ?  201 GNP A "O5'" 1 
HETATM 1421 C  "C5'" . GNP B 2 .   ? -2.912  -11.459 -2.489  1.00 20.44 ?  201 GNP A "C5'" 1 
HETATM 1422 C  "C4'" . GNP B 2 .   ? -3.788  -12.026 -3.581  1.00 26.17 ?  201 GNP A "C4'" 1 
HETATM 1423 O  "O4'" . GNP B 2 .   ? -4.425  -10.941 -4.301  1.00 23.53 ?  201 GNP A "O4'" 1 
HETATM 1424 C  "C3'" . GNP B 2 .   ? -3.088  -12.873 -4.653  1.00 24.96 ?  201 GNP A "C3'" 1 
HETATM 1425 O  "O3'" . GNP B 2 .   ? -3.931  -13.938 -5.064  1.00 28.39 ?  201 GNP A "O3'" 1 
HETATM 1426 C  "C2'" . GNP B 2 .   ? -2.857  -11.868 -5.784  1.00 23.07 ?  201 GNP A "C2'" 1 
HETATM 1427 O  "O2'" . GNP B 2 .   ? -2.787  -12.462 -7.057  1.00 28.41 ?  201 GNP A "O2'" 1 
HETATM 1428 C  "C1'" . GNP B 2 .   ? -4.103  -11.003 -5.668  1.00 23.24 ?  201 GNP A "C1'" 1 
HETATM 1429 N  N9    . GNP B 2 .   ? -3.923  -9.643  -6.155  1.00 25.97 ?  201 GNP A N9    1 
HETATM 1430 C  C8    . GNP B 2 .   ? -2.892  -8.790  -5.866  1.00 22.73 ?  201 GNP A C8    1 
HETATM 1431 N  N7    . GNP B 2 .   ? -3.006  -7.626  -6.452  1.00 22.27 ?  201 GNP A N7    1 
HETATM 1432 C  C5    . GNP B 2 .   ? -4.187  -7.719  -7.171  1.00 24.42 ?  201 GNP A C5    1 
HETATM 1433 C  C6    . GNP B 2 .   ? -4.827  -6.768  -8.000  1.00 22.22 ?  201 GNP A C6    1 
HETATM 1434 O  O6    . GNP B 2 .   ? -4.465  -5.619  -8.274  1.00 24.15 ?  201 GNP A O6    1 
HETATM 1435 N  N1    . GNP B 2 .   ? -6.013  -7.274  -8.525  1.00 22.74 ?  201 GNP A N1    1 
HETATM 1436 C  C2    . GNP B 2 .   ? -6.514  -8.529  -8.295  1.00 23.98 ?  201 GNP A C2    1 
HETATM 1437 N  N2    . GNP B 2 .   ? -7.666  -8.835  -8.900  1.00 25.81 ?  201 GNP A N2    1 
HETATM 1438 N  N3    . GNP B 2 .   ? -5.916  -9.428  -7.519  1.00 21.96 ?  201 GNP A N3    1 
HETATM 1439 C  C4    . GNP B 2 .   ? -4.764  -8.956  -6.994  1.00 24.74 ?  201 GNP A C4    1 
HETATM 1440 MG MG    . MG  C 3 .   ? 2.760   -10.334 0.886   1.00 20.28 ?  202 MG  A MG    1 
HETATM 1441 O  O     . HOH D 4 .   ? 9.941   11.383  4.993   1.00 23.92 ?  301 HOH A O     1 
HETATM 1442 O  O     . HOH D 4 .   ? 4.519   -8.371  -19.871 1.00 41.10 ?  302 HOH A O     1 
HETATM 1443 O  O     . HOH D 4 .   ? -2.855  -13.444 3.462   1.00 35.29 ?  303 HOH A O     1 
HETATM 1444 O  O     . HOH D 4 .   ? -13.165 3.613   13.021  1.00 40.80 ?  304 HOH A O     1 
HETATM 1445 O  O     . HOH D 4 .   ? -20.718 -16.113 -3.493  1.00 41.17 ?  305 HOH A O     1 
HETATM 1446 O  O     . HOH D 4 .   ? 10.301  2.872   13.982  1.00 37.70 ?  306 HOH A O     1 
HETATM 1447 O  O     . HOH D 4 .   ? 8.976   -14.176 1.752   1.00 27.16 ?  307 HOH A O     1 
HETATM 1448 O  O     . HOH D 4 .   ? -2.474  -1.405  15.836  1.00 31.48 ?  308 HOH A O     1 
HETATM 1449 O  O     . HOH D 4 .   ? -14.056 -9.389  -1.000  1.00 37.50 ?  309 HOH A O     1 
HETATM 1450 O  O     . HOH D 4 .   ? 15.551  -3.447  12.056  1.00 38.53 ?  310 HOH A O     1 
HETATM 1451 O  O     . HOH D 4 .   ? 8.907   12.316  14.328  1.00 38.36 ?  311 HOH A O     1 
HETATM 1452 O  O     . HOH D 4 .   ? 18.471  1.739   8.897   1.00 33.29 ?  312 HOH A O     1 
HETATM 1453 O  O     . HOH D 4 .   ? 3.390   -8.544  1.893   1.00 23.55 ?  313 HOH A O     1 
HETATM 1454 O  O     . HOH D 4 .   ? -8.778  -7.904  5.786   1.00 26.67 ?  314 HOH A O     1 
HETATM 1455 O  O     . HOH D 4 .   ? -23.535 -4.756  -8.225  1.00 35.98 ?  315 HOH A O     1 
HETATM 1456 O  O     . HOH D 4 .   ? -9.704  -8.360  -12.638 1.00 30.26 ?  316 HOH A O     1 
HETATM 1457 O  O     . HOH D 4 .   ? 3.099   8.338   10.188  1.00 26.88 ?  317 HOH A O     1 
HETATM 1458 O  O     . HOH D 4 .   ? -13.128 -10.327 -4.394  1.00 30.14 ?  318 HOH A O     1 
HETATM 1459 O  O     . HOH D 4 .   ? 1.164   2.376   -13.720 1.00 28.94 ?  319 HOH A O     1 
HETATM 1460 O  O     . HOH D 4 .   ? 2.277   -12.061 -0.395  1.00 21.66 ?  320 HOH A O     1 
HETATM 1461 O  O     . HOH D 4 .   ? 9.047   13.779  3.893   1.00 36.54 ?  321 HOH A O     1 
HETATM 1462 O  O     . HOH D 4 .   ? -11.630 14.034  8.622   1.00 41.31 ?  322 HOH A O     1 
HETATM 1463 O  O     . HOH D 4 .   ? -13.016 -12.668 -8.955  1.00 40.28 ?  323 HOH A O     1 
HETATM 1464 O  O     . HOH D 4 .   ? -21.830 -5.989  -3.438  1.00 24.74 ?  324 HOH A O     1 
HETATM 1465 O  O     . HOH D 4 .   ? -1.058  -13.777 1.396   1.00 29.19 ?  325 HOH A O     1 
HETATM 1466 O  O     . HOH D 4 .   ? -1.105  15.292  7.395   1.00 30.82 ?  326 HOH A O     1 
HETATM 1467 O  O     . HOH D 4 .   ? -26.703 -7.043  0.247   1.00 33.76 ?  327 HOH A O     1 
HETATM 1468 O  O     . HOH D 4 .   ? 11.090  -6.337  0.987   1.00 31.26 ?  328 HOH A O     1 
HETATM 1469 O  O     . HOH D 4 .   ? -5.655  -2.914  5.326   1.00 22.58 ?  329 HOH A O     1 
HETATM 1470 O  O     . HOH D 4 .   ? -2.048  -5.111  -5.573  1.00 24.52 ?  330 HOH A O     1 
HETATM 1471 O  O     . HOH D 4 .   ? -5.879  5.089   -10.379 1.00 36.10 ?  331 HOH A O     1 
HETATM 1472 O  O     . HOH D 4 .   ? 12.581  11.576  4.138   1.00 37.84 ?  332 HOH A O     1 
HETATM 1473 O  O     . HOH D 4 .   ? -6.364  7.440   -7.454  1.00 32.96 ?  333 HOH A O     1 
HETATM 1474 O  O     . HOH D 4 .   ? 13.632  16.710  3.503   1.00 39.66 ?  334 HOH A O     1 
HETATM 1475 O  O     . HOH D 4 .   ? 1.488   -5.289  6.971   1.00 23.30 ?  335 HOH A O     1 
HETATM 1476 O  O     . HOH D 4 .   ? -13.502 -2.707  -11.588 1.00 33.39 ?  336 HOH A O     1 
HETATM 1477 O  O     . HOH D 4 .   ? -14.626 -6.889  3.783   1.00 33.91 ?  337 HOH A O     1 
HETATM 1478 O  O     . HOH D 4 .   ? -0.540  -3.816  15.883  1.00 39.35 ?  338 HOH A O     1 
HETATM 1479 O  O     . HOH D 4 .   ? 0.968   11.216  7.228   1.00 22.46 ?  339 HOH A O     1 
HETATM 1480 O  O     . HOH D 4 .   ? -18.291 0.234   0.500   1.00 35.59 ?  340 HOH A O     1 
HETATM 1481 O  O     . HOH D 4 .   ? 15.649  7.802   6.993   1.00 32.01 ?  341 HOH A O     1 
HETATM 1482 O  O     . HOH D 4 .   ? -6.991  9.797   -5.946  1.00 28.76 ?  342 HOH A O     1 
HETATM 1483 O  O     . HOH D 4 .   ? -8.865  -9.340  -1.185  1.00 34.30 ?  343 HOH A O     1 
HETATM 1484 O  O     . HOH D 4 .   ? -7.441  -10.757 -5.367  1.00 27.59 ?  344 HOH A O     1 
HETATM 1485 O  O     . HOH D 4 .   ? -3.390  -3.283  -6.454  1.00 20.46 ?  345 HOH A O     1 
HETATM 1486 O  O     . HOH D 4 .   ? -8.672  -11.612 -8.929  1.00 38.88 ?  346 HOH A O     1 
HETATM 1487 O  O     . HOH D 4 .   ? -7.944  -1.296  -13.262 1.00 29.91 ?  347 HOH A O     1 
HETATM 1488 O  O     . HOH D 4 .   ? -4.871  -9.168  8.304   1.00 30.09 ?  348 HOH A O     1 
HETATM 1489 O  O     . HOH D 4 .   ? -17.692 -9.099  -13.980 1.00 34.97 ?  349 HOH A O     1 
HETATM 1490 O  O     . HOH D 4 .   ? -9.409  9.771   -6.008  1.00 36.98 ?  350 HOH A O     1 
HETATM 1491 O  O     . HOH D 4 .   ? 3.650   -13.454 -4.173  1.00 27.40 ?  351 HOH A O     1 
HETATM 1492 O  O     . HOH D 4 .   ? -11.072 6.155   -9.185  1.00 45.14 ?  352 HOH A O     1 
HETATM 1493 O  O     . HOH D 4 .   ? -19.750 -1.509  1.855   1.00 32.20 ?  353 HOH A O     1 
HETATM 1494 O  O     . HOH D 4 .   ? -14.122 5.830   5.121   1.00 29.98 ?  354 HOH A O     1 
HETATM 1495 O  O     . HOH D 4 .   ? 6.591   -8.501  8.421   1.00 27.78 ?  355 HOH A O     1 
HETATM 1496 O  O     . HOH D 4 .   ? 17.479  0.343   10.820  1.00 43.47 ?  356 HOH A O     1 
HETATM 1497 O  O     . HOH D 4 .   ? 11.139  6.992   -13.596 1.00 42.35 ?  357 HOH A O     1 
HETATM 1498 O  O     . HOH D 4 .   ? 19.896  10.365  0.323   1.00 39.25 ?  358 HOH A O     1 
HETATM 1499 O  O     . HOH D 4 .   ? 11.537  -15.048 -5.870  1.00 44.08 ?  359 HOH A O     1 
HETATM 1500 O  O     . HOH D 4 .   ? 11.749  -10.329 3.463   1.00 36.80 ?  360 HOH A O     1 
HETATM 1501 O  O     . HOH D 4 .   ? 16.690  0.118   8.523   1.00 25.02 ?  361 HOH A O     1 
HETATM 1502 O  O     . HOH D 4 .   ? -0.260  -14.450 -6.741  1.00 32.22 ?  362 HOH A O     1 
HETATM 1503 O  O     . HOH D 4 .   ? -1.386  4.247   -15.010 1.00 36.57 ?  363 HOH A O     1 
HETATM 1504 O  O     . HOH D 4 .   ? -4.954  12.906  11.744  1.00 46.31 ?  364 HOH A O     1 
HETATM 1505 O  O     . HOH D 4 .   ? 0.935   -13.611 -4.770  1.00 32.27 ?  365 HOH A O     1 
HETATM 1506 O  O     . HOH D 4 .   ? -5.237  -12.940 -9.575  1.00 38.93 ?  366 HOH A O     1 
HETATM 1507 O  O     . HOH D 4 .   ? -9.633  7.200   14.238  1.00 39.49 ?  367 HOH A O     1 
HETATM 1508 O  O     . HOH D 4 .   ? -13.499 7.704   6.971   1.00 30.01 ?  368 HOH A O     1 
HETATM 1509 O  O     . HOH D 4 .   ? 9.894   -14.504 4.628   1.00 28.38 ?  369 HOH A O     1 
HETATM 1510 O  O     . HOH D 4 .   ? -8.370  -8.492  1.014   1.00 37.77 ?  370 HOH A O     1 
HETATM 1511 O  O     . HOH D 4 .   ? -14.331 -11.199 -2.236  1.00 33.58 ?  371 HOH A O     1 
HETATM 1512 O  O     . HOH D 4 .   ? -10.115 -1.953  -13.592 1.00 37.33 ?  372 HOH A O     1 
HETATM 1513 O  O     . HOH D 4 .   ? -3.173  -14.121 -10.599 1.00 42.06 ?  373 HOH A O     1 
HETATM 1514 O  O     . HOH D 4 .   ? 12.674  -12.105 4.395   1.00 27.48 ?  374 HOH A O     1 
HETATM 1515 O  O     . HOH D 4 .   ? -13.605 12.645  8.317   1.00 40.55 ?  375 HOH A O     1 
HETATM 1516 O  O     . HOH D 4 .   ? -10.848 -12.583 -10.637 1.00 45.28 ?  376 HOH A O     1 
HETATM 1517 O  O     . HOH D 4 .   ? 17.108  -1.841  10.091  1.00 37.83 ?  377 HOH A O     1 
# 
